data_7DY0
# 
_entry.id   7DY0 
# 
_audit_conform.dict_name       mmcif_pdbx.dic 
_audit_conform.dict_version    5.387 
_audit_conform.dict_location   http://mmcif.pdb.org/dictionaries/ascii/mmcif_pdbx.dic 
# 
loop_
_database_2.database_id 
_database_2.database_code 
_database_2.pdbx_database_accession 
_database_2.pdbx_DOI 
PDB   7DY0         pdb_00007dy0 10.2210/pdb7dy0/pdb 
WWPDB D_1300020330 ?            ?                   
EMDB  EMD-30913    ?            ?                   
# 
loop_
_pdbx_audit_revision_history.ordinal 
_pdbx_audit_revision_history.data_content_type 
_pdbx_audit_revision_history.major_revision 
_pdbx_audit_revision_history.minor_revision 
_pdbx_audit_revision_history.revision_date 
1 'Structure model' 1 0 2021-02-10 
2 'Structure model' 1 1 2024-03-27 
# 
_pdbx_audit_revision_details.ordinal             1 
_pdbx_audit_revision_details.revision_ordinal    1 
_pdbx_audit_revision_details.data_content_type   'Structure model' 
_pdbx_audit_revision_details.provider            repository 
_pdbx_audit_revision_details.type                'Initial release' 
_pdbx_audit_revision_details.description         ? 
_pdbx_audit_revision_details.details             ? 
# 
loop_
_pdbx_audit_revision_group.ordinal 
_pdbx_audit_revision_group.revision_ordinal 
_pdbx_audit_revision_group.data_content_type 
_pdbx_audit_revision_group.group 
1 2 'Structure model' 'Data collection'        
2 2 'Structure model' 'Database references'    
3 2 'Structure model' 'Derived calculations'   
4 2 'Structure model' 'Refinement description' 
# 
loop_
_pdbx_audit_revision_category.ordinal 
_pdbx_audit_revision_category.revision_ordinal 
_pdbx_audit_revision_category.data_content_type 
_pdbx_audit_revision_category.category 
1 2 'Structure model' atom_type                     
2 2 'Structure model' chem_comp_atom                
3 2 'Structure model' chem_comp_bond                
4 2 'Structure model' database_2                    
5 2 'Structure model' em_3d_fitting_list            
6 2 'Structure model' pdbx_initial_refinement_model 
7 2 'Structure model' pdbx_struct_oper_list         
8 2 'Structure model' refine                        
# 
loop_
_pdbx_audit_revision_item.ordinal 
_pdbx_audit_revision_item.revision_ordinal 
_pdbx_audit_revision_item.data_content_type 
_pdbx_audit_revision_item.item 
1  2 'Structure model' '_atom_type.pdbx_N_electrons'                     
2  2 'Structure model' '_atom_type.pdbx_scat_Z'                          
3  2 'Structure model' '_database_2.pdbx_DOI'                            
4  2 'Structure model' '_database_2.pdbx_database_accession'             
5  2 'Structure model' '_em_3d_fitting_list.accession_code'              
6  2 'Structure model' '_em_3d_fitting_list.initial_refinement_model_id' 
7  2 'Structure model' '_em_3d_fitting_list.source_name'                 
8  2 'Structure model' '_em_3d_fitting_list.type'                        
9  2 'Structure model' '_pdbx_struct_oper_list.name'                     
10 2 'Structure model' '_pdbx_struct_oper_list.symmetry_operation'       
11 2 'Structure model' '_pdbx_struct_oper_list.type'                     
12 2 'Structure model' '_refine.ls_d_res_high'                           
13 2 'Structure model' '_refine.ls_d_res_low'                            
# 
_pdbx_database_status.status_code                     REL 
_pdbx_database_status.status_code_sf                  ? 
_pdbx_database_status.status_code_mr                  ? 
_pdbx_database_status.entry_id                        7DY0 
_pdbx_database_status.recvd_initial_deposition_date   2021-01-20 
_pdbx_database_status.SG_entry                        N 
_pdbx_database_status.deposit_site                    PDBJ 
_pdbx_database_status.process_site                    PDBJ 
_pdbx_database_status.status_code_cs                  ? 
_pdbx_database_status.status_code_nmr_data            ? 
_pdbx_database_status.methods_development_category    ? 
_pdbx_database_status.pdb_format_compatible           Y 
# 
_pdbx_database_related.db_name        EMDB 
_pdbx_database_related.details        '1.93 A structure of streptavidin' 
_pdbx_database_related.db_id          EMD-30913 
_pdbx_database_related.content_type   'associated EM volume' 
# 
loop_
_audit_author.name 
_audit_author.pdbx_ordinal 
_audit_author.identifier_ORCID 
'Hiraizumi, M.' 1 ? 
'Yamashita, K.' 2 ? 
'Nishizawa, T.' 3 ? 
'Kikkawa, M.'   4 ? 
'Nureki, O.'    5 ? 
# 
_citation.abstract                  ? 
_citation.abstract_id_CAS           ? 
_citation.book_id_ISBN              ? 
_citation.book_publisher            ? 
_citation.book_publisher_city       ? 
_citation.book_title                ? 
_citation.coordinate_linkage        ? 
_citation.country                   ? 
_citation.database_id_Medline       ? 
_citation.details                   ? 
_citation.id                        primary 
_citation.journal_abbrev            'To Be Published' 
_citation.journal_id_ASTM           ? 
_citation.journal_id_CSD            0353 
_citation.journal_id_ISSN           ? 
_citation.journal_full              ? 
_citation.journal_issue             ? 
_citation.journal_volume            ? 
_citation.language                  ? 
_citation.page_first                ? 
_citation.page_last                 ? 
_citation.title                     '1.93 A cryo-EM structure of streptavidin' 
_citation.year                      ? 
_citation.database_id_CSD           ? 
_citation.pdbx_database_id_DOI      ? 
_citation.pdbx_database_id_PubMed   ? 
_citation.unpublished_flag          ? 
# 
_citation_author.citation_id        primary 
_citation_author.name               'Hiraizumi, M.' 
_citation_author.ordinal            1 
_citation_author.identifier_ORCID   ? 
# 
loop_
_entity.id 
_entity.type 
_entity.src_method 
_entity.pdbx_description 
_entity.formula_weight 
_entity.pdbx_number_of_molecules 
_entity.pdbx_ec 
_entity.pdbx_mutation 
_entity.pdbx_fragment 
_entity.details 
1 polymer nat Streptavidin 18849.672 1  ? ? ? ? 
2 water   nat water        18.015    30 ? ? ? ? 
# 
_entity_poly.entity_id                      1 
_entity_poly.type                           'polypeptide(L)' 
_entity_poly.nstd_linkage                   no 
_entity_poly.nstd_monomer                   no 
_entity_poly.pdbx_seq_one_letter_code       
;MRKIVVAAIAVSLTTVSITASASADPSKDSKAQVSAAEAGITGTWYNQLGSTFIVTAGADGALTGTYESAVGNAESRYVL
TGRYDSAPATDGSGTALGWTVAWKNNYRNAHSATTWSGQYVGGAEARINTQWLLTSGTTEANAWKSTLVGHDTFTKVKPS
AASIDAAKKAGVNNGNPLDAVQQ
;
_entity_poly.pdbx_seq_one_letter_code_can   
;MRKIVVAAIAVSLTTVSITASASADPSKDSKAQVSAAEAGITGTWYNQLGSTFIVTAGADGALTGTYESAVGNAESRYVL
TGRYDSAPATDGSGTALGWTVAWKNNYRNAHSATTWSGQYVGGAEARINTQWLLTSGTTEANAWKSTLVGHDTFTKVKPS
AASIDAAKKAGVNNGNPLDAVQQ
;
_entity_poly.pdbx_strand_id                 A 
_entity_poly.pdbx_target_identifier         ? 
# 
_pdbx_entity_nonpoly.entity_id   2 
_pdbx_entity_nonpoly.name        water 
_pdbx_entity_nonpoly.comp_id     HOH 
# 
loop_
_entity_poly_seq.entity_id 
_entity_poly_seq.num 
_entity_poly_seq.mon_id 
_entity_poly_seq.hetero 
1 1   MET n 
1 2   ARG n 
1 3   LYS n 
1 4   ILE n 
1 5   VAL n 
1 6   VAL n 
1 7   ALA n 
1 8   ALA n 
1 9   ILE n 
1 10  ALA n 
1 11  VAL n 
1 12  SER n 
1 13  LEU n 
1 14  THR n 
1 15  THR n 
1 16  VAL n 
1 17  SER n 
1 18  ILE n 
1 19  THR n 
1 20  ALA n 
1 21  SER n 
1 22  ALA n 
1 23  SER n 
1 24  ALA n 
1 25  ASP n 
1 26  PRO n 
1 27  SER n 
1 28  LYS n 
1 29  ASP n 
1 30  SER n 
1 31  LYS n 
1 32  ALA n 
1 33  GLN n 
1 34  VAL n 
1 35  SER n 
1 36  ALA n 
1 37  ALA n 
1 38  GLU n 
1 39  ALA n 
1 40  GLY n 
1 41  ILE n 
1 42  THR n 
1 43  GLY n 
1 44  THR n 
1 45  TRP n 
1 46  TYR n 
1 47  ASN n 
1 48  GLN n 
1 49  LEU n 
1 50  GLY n 
1 51  SER n 
1 52  THR n 
1 53  PHE n 
1 54  ILE n 
1 55  VAL n 
1 56  THR n 
1 57  ALA n 
1 58  GLY n 
1 59  ALA n 
1 60  ASP n 
1 61  GLY n 
1 62  ALA n 
1 63  LEU n 
1 64  THR n 
1 65  GLY n 
1 66  THR n 
1 67  TYR n 
1 68  GLU n 
1 69  SER n 
1 70  ALA n 
1 71  VAL n 
1 72  GLY n 
1 73  ASN n 
1 74  ALA n 
1 75  GLU n 
1 76  SER n 
1 77  ARG n 
1 78  TYR n 
1 79  VAL n 
1 80  LEU n 
1 81  THR n 
1 82  GLY n 
1 83  ARG n 
1 84  TYR n 
1 85  ASP n 
1 86  SER n 
1 87  ALA n 
1 88  PRO n 
1 89  ALA n 
1 90  THR n 
1 91  ASP n 
1 92  GLY n 
1 93  SER n 
1 94  GLY n 
1 95  THR n 
1 96  ALA n 
1 97  LEU n 
1 98  GLY n 
1 99  TRP n 
1 100 THR n 
1 101 VAL n 
1 102 ALA n 
1 103 TRP n 
1 104 LYS n 
1 105 ASN n 
1 106 ASN n 
1 107 TYR n 
1 108 ARG n 
1 109 ASN n 
1 110 ALA n 
1 111 HIS n 
1 112 SER n 
1 113 ALA n 
1 114 THR n 
1 115 THR n 
1 116 TRP n 
1 117 SER n 
1 118 GLY n 
1 119 GLN n 
1 120 TYR n 
1 121 VAL n 
1 122 GLY n 
1 123 GLY n 
1 124 ALA n 
1 125 GLU n 
1 126 ALA n 
1 127 ARG n 
1 128 ILE n 
1 129 ASN n 
1 130 THR n 
1 131 GLN n 
1 132 TRP n 
1 133 LEU n 
1 134 LEU n 
1 135 THR n 
1 136 SER n 
1 137 GLY n 
1 138 THR n 
1 139 THR n 
1 140 GLU n 
1 141 ALA n 
1 142 ASN n 
1 143 ALA n 
1 144 TRP n 
1 145 LYS n 
1 146 SER n 
1 147 THR n 
1 148 LEU n 
1 149 VAL n 
1 150 GLY n 
1 151 HIS n 
1 152 ASP n 
1 153 THR n 
1 154 PHE n 
1 155 THR n 
1 156 LYS n 
1 157 VAL n 
1 158 LYS n 
1 159 PRO n 
1 160 SER n 
1 161 ALA n 
1 162 ALA n 
1 163 SER n 
1 164 ILE n 
1 165 ASP n 
1 166 ALA n 
1 167 ALA n 
1 168 LYS n 
1 169 LYS n 
1 170 ALA n 
1 171 GLY n 
1 172 VAL n 
1 173 ASN n 
1 174 ASN n 
1 175 GLY n 
1 176 ASN n 
1 177 PRO n 
1 178 LEU n 
1 179 ASP n 
1 180 ALA n 
1 181 VAL n 
1 182 GLN n 
1 183 GLN n 
# 
_entity_src_nat.entity_id                  1 
_entity_src_nat.pdbx_src_id                1 
_entity_src_nat.pdbx_alt_source_flag       sample 
_entity_src_nat.pdbx_beg_seq_num           1 
_entity_src_nat.pdbx_end_seq_num           183 
_entity_src_nat.common_name                ? 
_entity_src_nat.pdbx_organism_scientific   'Streptomyces avidinii' 
_entity_src_nat.pdbx_ncbi_taxonomy_id      1895 
_entity_src_nat.genus                      ? 
_entity_src_nat.species                    ? 
_entity_src_nat.strain                     ? 
_entity_src_nat.tissue                     ? 
_entity_src_nat.tissue_fraction            ? 
_entity_src_nat.pdbx_secretion             ? 
_entity_src_nat.pdbx_fragment              ? 
_entity_src_nat.pdbx_variant               ? 
_entity_src_nat.pdbx_cell_line             ? 
_entity_src_nat.pdbx_atcc                  ? 
_entity_src_nat.pdbx_cellular_location     ? 
_entity_src_nat.pdbx_organ                 ? 
_entity_src_nat.pdbx_organelle             ? 
_entity_src_nat.pdbx_cell                  ? 
_entity_src_nat.pdbx_plasmid_name          ? 
_entity_src_nat.pdbx_plasmid_details       ? 
_entity_src_nat.details                    ? 
# 
loop_
_chem_comp.id 
_chem_comp.type 
_chem_comp.mon_nstd_flag 
_chem_comp.name 
_chem_comp.pdbx_synonyms 
_chem_comp.formula 
_chem_comp.formula_weight 
ALA 'L-peptide linking' y ALANINE         ? 'C3 H7 N O2'     89.093  
ARG 'L-peptide linking' y ARGININE        ? 'C6 H15 N4 O2 1' 175.209 
ASN 'L-peptide linking' y ASPARAGINE      ? 'C4 H8 N2 O3'    132.118 
ASP 'L-peptide linking' y 'ASPARTIC ACID' ? 'C4 H7 N O4'     133.103 
GLN 'L-peptide linking' y GLUTAMINE       ? 'C5 H10 N2 O3'   146.144 
GLU 'L-peptide linking' y 'GLUTAMIC ACID' ? 'C5 H9 N O4'     147.129 
GLY 'peptide linking'   y GLYCINE         ? 'C2 H5 N O2'     75.067  
HIS 'L-peptide linking' y HISTIDINE       ? 'C6 H10 N3 O2 1' 156.162 
HOH non-polymer         . WATER           ? 'H2 O'           18.015  
ILE 'L-peptide linking' y ISOLEUCINE      ? 'C6 H13 N O2'    131.173 
LEU 'L-peptide linking' y LEUCINE         ? 'C6 H13 N O2'    131.173 
LYS 'L-peptide linking' y LYSINE          ? 'C6 H15 N2 O2 1' 147.195 
MET 'L-peptide linking' y METHIONINE      ? 'C5 H11 N O2 S'  149.211 
PHE 'L-peptide linking' y PHENYLALANINE   ? 'C9 H11 N O2'    165.189 
PRO 'L-peptide linking' y PROLINE         ? 'C5 H9 N O2'     115.130 
SER 'L-peptide linking' y SERINE          ? 'C3 H7 N O3'     105.093 
THR 'L-peptide linking' y THREONINE       ? 'C4 H9 N O3'     119.119 
TRP 'L-peptide linking' y TRYPTOPHAN      ? 'C11 H12 N2 O2'  204.225 
TYR 'L-peptide linking' y TYROSINE        ? 'C9 H11 N O3'    181.189 
VAL 'L-peptide linking' y VALINE          ? 'C5 H11 N O2'    117.146 
# 
loop_
_pdbx_poly_seq_scheme.asym_id 
_pdbx_poly_seq_scheme.entity_id 
_pdbx_poly_seq_scheme.seq_id 
_pdbx_poly_seq_scheme.mon_id 
_pdbx_poly_seq_scheme.ndb_seq_num 
_pdbx_poly_seq_scheme.pdb_seq_num 
_pdbx_poly_seq_scheme.auth_seq_num 
_pdbx_poly_seq_scheme.pdb_mon_id 
_pdbx_poly_seq_scheme.auth_mon_id 
_pdbx_poly_seq_scheme.pdb_strand_id 
_pdbx_poly_seq_scheme.pdb_ins_code 
_pdbx_poly_seq_scheme.hetero 
A 1 1   MET 1   -23 ?   ?   ?   A . n 
A 1 2   ARG 2   -22 ?   ?   ?   A . n 
A 1 3   LYS 3   -21 ?   ?   ?   A . n 
A 1 4   ILE 4   -20 ?   ?   ?   A . n 
A 1 5   VAL 5   -19 ?   ?   ?   A . n 
A 1 6   VAL 6   -18 ?   ?   ?   A . n 
A 1 7   ALA 7   -17 ?   ?   ?   A . n 
A 1 8   ALA 8   -16 ?   ?   ?   A . n 
A 1 9   ILE 9   -15 ?   ?   ?   A . n 
A 1 10  ALA 10  -14 ?   ?   ?   A . n 
A 1 11  VAL 11  -13 ?   ?   ?   A . n 
A 1 12  SER 12  -12 ?   ?   ?   A . n 
A 1 13  LEU 13  -11 ?   ?   ?   A . n 
A 1 14  THR 14  -10 ?   ?   ?   A . n 
A 1 15  THR 15  -9  ?   ?   ?   A . n 
A 1 16  VAL 16  -8  ?   ?   ?   A . n 
A 1 17  SER 17  -7  ?   ?   ?   A . n 
A 1 18  ILE 18  -6  ?   ?   ?   A . n 
A 1 19  THR 19  -5  ?   ?   ?   A . n 
A 1 20  ALA 20  -4  ?   ?   ?   A . n 
A 1 21  SER 21  -3  ?   ?   ?   A . n 
A 1 22  ALA 22  -2  ?   ?   ?   A . n 
A 1 23  SER 23  -1  ?   ?   ?   A . n 
A 1 24  ALA 24  0   ?   ?   ?   A . n 
A 1 25  ASP 25  1   ?   ?   ?   A . n 
A 1 26  PRO 26  2   ?   ?   ?   A . n 
A 1 27  SER 27  3   ?   ?   ?   A . n 
A 1 28  LYS 28  4   ?   ?   ?   A . n 
A 1 29  ASP 29  5   ?   ?   ?   A . n 
A 1 30  SER 30  6   ?   ?   ?   A . n 
A 1 31  LYS 31  7   ?   ?   ?   A . n 
A 1 32  ALA 32  8   ?   ?   ?   A . n 
A 1 33  GLN 33  9   ?   ?   ?   A . n 
A 1 34  VAL 34  10  ?   ?   ?   A . n 
A 1 35  SER 35  11  ?   ?   ?   A . n 
A 1 36  ALA 36  12  ?   ?   ?   A . n 
A 1 37  ALA 37  13  ?   ?   ?   A . n 
A 1 38  GLU 38  14  ?   ?   ?   A . n 
A 1 39  ALA 39  15  ?   ?   ?   A . n 
A 1 40  GLY 40  16  16  GLY GLY A . n 
A 1 41  ILE 41  17  17  ILE ILE A . n 
A 1 42  THR 42  18  18  THR THR A . n 
A 1 43  GLY 43  19  19  GLY GLY A . n 
A 1 44  THR 44  20  20  THR THR A . n 
A 1 45  TRP 45  21  21  TRP TRP A . n 
A 1 46  TYR 46  22  22  TYR TYR A . n 
A 1 47  ASN 47  23  23  ASN ASN A . n 
A 1 48  GLN 48  24  24  GLN GLN A . n 
A 1 49  LEU 49  25  25  LEU LEU A . n 
A 1 50  GLY 50  26  26  GLY GLY A . n 
A 1 51  SER 51  27  27  SER SER A . n 
A 1 52  THR 52  28  28  THR THR A . n 
A 1 53  PHE 53  29  29  PHE PHE A . n 
A 1 54  ILE 54  30  30  ILE ILE A . n 
A 1 55  VAL 55  31  31  VAL VAL A . n 
A 1 56  THR 56  32  32  THR THR A . n 
A 1 57  ALA 57  33  33  ALA ALA A . n 
A 1 58  GLY 58  34  34  GLY GLY A . n 
A 1 59  ALA 59  35  35  ALA ALA A . n 
A 1 60  ASP 60  36  36  ASP ASP A . n 
A 1 61  GLY 61  37  37  GLY GLY A . n 
A 1 62  ALA 62  38  38  ALA ALA A . n 
A 1 63  LEU 63  39  39  LEU LEU A . n 
A 1 64  THR 64  40  40  THR THR A . n 
A 1 65  GLY 65  41  41  GLY GLY A . n 
A 1 66  THR 66  42  42  THR THR A . n 
A 1 67  TYR 67  43  43  TYR TYR A . n 
A 1 68  GLU 68  44  44  GLU GLU A . n 
A 1 69  SER 69  45  45  SER SER A . n 
A 1 70  ALA 70  46  46  ALA ALA A . n 
A 1 71  VAL 71  47  47  VAL VAL A . n 
A 1 72  GLY 72  48  48  GLY GLY A . n 
A 1 73  ASN 73  49  49  ASN ASN A . n 
A 1 74  ALA 74  50  50  ALA ALA A . n 
A 1 75  GLU 75  51  51  GLU GLU A . n 
A 1 76  SER 76  52  52  SER SER A . n 
A 1 77  ARG 77  53  53  ARG ARG A . n 
A 1 78  TYR 78  54  54  TYR TYR A . n 
A 1 79  VAL 79  55  55  VAL VAL A . n 
A 1 80  LEU 80  56  56  LEU LEU A . n 
A 1 81  THR 81  57  57  THR THR A . n 
A 1 82  GLY 82  58  58  GLY GLY A . n 
A 1 83  ARG 83  59  59  ARG ARG A . n 
A 1 84  TYR 84  60  60  TYR TYR A . n 
A 1 85  ASP 85  61  61  ASP ASP A . n 
A 1 86  SER 86  62  62  SER SER A . n 
A 1 87  ALA 87  63  63  ALA ALA A . n 
A 1 88  PRO 88  64  64  PRO PRO A . n 
A 1 89  ALA 89  65  65  ALA ALA A . n 
A 1 90  THR 90  66  66  THR THR A . n 
A 1 91  ASP 91  67  67  ASP ASP A . n 
A 1 92  GLY 92  68  68  GLY GLY A . n 
A 1 93  SER 93  69  69  SER SER A . n 
A 1 94  GLY 94  70  70  GLY GLY A . n 
A 1 95  THR 95  71  71  THR THR A . n 
A 1 96  ALA 96  72  72  ALA ALA A . n 
A 1 97  LEU 97  73  73  LEU LEU A . n 
A 1 98  GLY 98  74  74  GLY GLY A . n 
A 1 99  TRP 99  75  75  TRP TRP A . n 
A 1 100 THR 100 76  76  THR THR A . n 
A 1 101 VAL 101 77  77  VAL VAL A . n 
A 1 102 ALA 102 78  78  ALA ALA A . n 
A 1 103 TRP 103 79  79  TRP TRP A . n 
A 1 104 LYS 104 80  80  LYS LYS A . n 
A 1 105 ASN 105 81  81  ASN ASN A . n 
A 1 106 ASN 106 82  82  ASN ASN A . n 
A 1 107 TYR 107 83  83  TYR TYR A . n 
A 1 108 ARG 108 84  84  ARG ARG A . n 
A 1 109 ASN 109 85  85  ASN ASN A . n 
A 1 110 ALA 110 86  86  ALA ALA A . n 
A 1 111 HIS 111 87  87  HIS HIS A . n 
A 1 112 SER 112 88  88  SER SER A . n 
A 1 113 ALA 113 89  89  ALA ALA A . n 
A 1 114 THR 114 90  90  THR THR A . n 
A 1 115 THR 115 91  91  THR THR A . n 
A 1 116 TRP 116 92  92  TRP TRP A . n 
A 1 117 SER 117 93  93  SER SER A . n 
A 1 118 GLY 118 94  94  GLY GLY A . n 
A 1 119 GLN 119 95  95  GLN GLN A . n 
A 1 120 TYR 120 96  96  TYR TYR A . n 
A 1 121 VAL 121 97  97  VAL VAL A . n 
A 1 122 GLY 122 98  98  GLY GLY A . n 
A 1 123 GLY 123 99  99  GLY GLY A . n 
A 1 124 ALA 124 100 100 ALA ALA A . n 
A 1 125 GLU 125 101 101 GLU GLU A . n 
A 1 126 ALA 126 102 102 ALA ALA A . n 
A 1 127 ARG 127 103 103 ARG ARG A . n 
A 1 128 ILE 128 104 104 ILE ILE A . n 
A 1 129 ASN 129 105 105 ASN ASN A . n 
A 1 130 THR 130 106 106 THR THR A . n 
A 1 131 GLN 131 107 107 GLN GLN A . n 
A 1 132 TRP 132 108 108 TRP TRP A . n 
A 1 133 LEU 133 109 109 LEU LEU A . n 
A 1 134 LEU 134 110 110 LEU LEU A . n 
A 1 135 THR 135 111 111 THR THR A . n 
A 1 136 SER 136 112 112 SER SER A . n 
A 1 137 GLY 137 113 113 GLY GLY A . n 
A 1 138 THR 138 114 114 THR THR A . n 
A 1 139 THR 139 115 115 THR THR A . n 
A 1 140 GLU 140 116 116 GLU GLU A . n 
A 1 141 ALA 141 117 117 ALA ALA A . n 
A 1 142 ASN 142 118 118 ASN ASN A . n 
A 1 143 ALA 143 119 119 ALA ALA A . n 
A 1 144 TRP 144 120 120 TRP TRP A . n 
A 1 145 LYS 145 121 121 LYS LYS A . n 
A 1 146 SER 146 122 122 SER SER A . n 
A 1 147 THR 147 123 123 THR THR A . n 
A 1 148 LEU 148 124 124 LEU LEU A . n 
A 1 149 VAL 149 125 125 VAL VAL A . n 
A 1 150 GLY 150 126 126 GLY GLY A . n 
A 1 151 HIS 151 127 127 HIS HIS A . n 
A 1 152 ASP 152 128 128 ASP ASP A . n 
A 1 153 THR 153 129 129 THR THR A . n 
A 1 154 PHE 154 130 130 PHE PHE A . n 
A 1 155 THR 155 131 131 THR THR A . n 
A 1 156 LYS 156 132 132 LYS LYS A . n 
A 1 157 VAL 157 133 133 VAL VAL A . n 
A 1 158 LYS 158 134 134 LYS LYS A . n 
A 1 159 PRO 159 135 ?   ?   ?   A . n 
A 1 160 SER 160 136 ?   ?   ?   A . n 
A 1 161 ALA 161 137 ?   ?   ?   A . n 
A 1 162 ALA 162 138 ?   ?   ?   A . n 
A 1 163 SER 163 139 ?   ?   ?   A . n 
A 1 164 ILE 164 140 ?   ?   ?   A . n 
A 1 165 ASP 165 141 ?   ?   ?   A . n 
A 1 166 ALA 166 142 ?   ?   ?   A . n 
A 1 167 ALA 167 143 ?   ?   ?   A . n 
A 1 168 LYS 168 144 ?   ?   ?   A . n 
A 1 169 LYS 169 145 ?   ?   ?   A . n 
A 1 170 ALA 170 146 ?   ?   ?   A . n 
A 1 171 GLY 171 147 ?   ?   ?   A . n 
A 1 172 VAL 172 148 ?   ?   ?   A . n 
A 1 173 ASN 173 149 ?   ?   ?   A . n 
A 1 174 ASN 174 150 ?   ?   ?   A . n 
A 1 175 GLY 175 151 ?   ?   ?   A . n 
A 1 176 ASN 176 152 ?   ?   ?   A . n 
A 1 177 PRO 177 153 ?   ?   ?   A . n 
A 1 178 LEU 178 154 ?   ?   ?   A . n 
A 1 179 ASP 179 155 ?   ?   ?   A . n 
A 1 180 ALA 180 156 ?   ?   ?   A . n 
A 1 181 VAL 181 157 ?   ?   ?   A . n 
A 1 182 GLN 182 158 ?   ?   ?   A . n 
A 1 183 GLN 183 159 ?   ?   ?   A . n 
# 
loop_
_pdbx_nonpoly_scheme.asym_id 
_pdbx_nonpoly_scheme.entity_id 
_pdbx_nonpoly_scheme.mon_id 
_pdbx_nonpoly_scheme.ndb_seq_num 
_pdbx_nonpoly_scheme.pdb_seq_num 
_pdbx_nonpoly_scheme.auth_seq_num 
_pdbx_nonpoly_scheme.pdb_mon_id 
_pdbx_nonpoly_scheme.auth_mon_id 
_pdbx_nonpoly_scheme.pdb_strand_id 
_pdbx_nonpoly_scheme.pdb_ins_code 
B 2 HOH 1  201 216 HOH HOH A . 
B 2 HOH 2  202 218 HOH HOH A . 
B 2 HOH 3  203 201 HOH HOH A . 
B 2 HOH 4  204 210 HOH HOH A . 
B 2 HOH 5  205 203 HOH HOH A . 
B 2 HOH 6  206 214 HOH HOH A . 
B 2 HOH 7  207 221 HOH HOH A . 
B 2 HOH 8  208 209 HOH HOH A . 
B 2 HOH 9  209 204 HOH HOH A . 
B 2 HOH 10 210 224 HOH HOH A . 
B 2 HOH 11 211 217 HOH HOH A . 
B 2 HOH 12 212 213 HOH HOH A . 
B 2 HOH 13 213 212 HOH HOH A . 
B 2 HOH 14 214 211 HOH HOH A . 
B 2 HOH 15 215 205 HOH HOH A . 
B 2 HOH 16 216 208 HOH HOH A . 
B 2 HOH 17 217 230 HOH HOH A . 
B 2 HOH 18 218 227 HOH HOH A . 
B 2 HOH 19 219 219 HOH HOH A . 
B 2 HOH 20 220 222 HOH HOH A . 
B 2 HOH 21 221 223 HOH HOH A . 
B 2 HOH 22 222 228 HOH HOH A . 
B 2 HOH 23 223 229 HOH HOH A . 
B 2 HOH 24 224 232 HOH HOH A . 
B 2 HOH 25 225 225 HOH HOH A . 
B 2 HOH 26 226 206 HOH HOH A . 
B 2 HOH 27 227 231 HOH HOH A . 
B 2 HOH 28 228 226 HOH HOH A . 
B 2 HOH 29 229 220 HOH HOH A . 
B 2 HOH 30 230 215 HOH HOH A . 
# 
_software.citation_id            ? 
_software.classification         refinement 
_software.compiler_name          ? 
_software.compiler_version       ? 
_software.contact_author         ? 
_software.contact_author_email   ? 
_software.date                   ? 
_software.description            ? 
_software.dependencies           ? 
_software.hardware               ? 
_software.language               ? 
_software.location               ? 
_software.mods                   ? 
_software.name                   REFMAC 
_software.os                     ? 
_software.os_version             ? 
_software.type                   ? 
_software.version                5.8.0272 
_software.pdbx_ordinal           1 
# 
_cell.angle_alpha                  90.00 
_cell.angle_alpha_esd              ? 
_cell.angle_beta                   90.00 
_cell.angle_beta_esd               ? 
_cell.angle_gamma                  90.00 
_cell.angle_gamma_esd              ? 
_cell.entry_id                     7DY0 
_cell.details                      ? 
_cell.formula_units_Z              ? 
_cell.length_a                     1.00 
_cell.length_a_esd                 ? 
_cell.length_b                     1.00 
_cell.length_b_esd                 ? 
_cell.length_c                     1.00 
_cell.length_c_esd                 ? 
_cell.volume                       ? 
_cell.volume_esd                   ? 
_cell.Z_PDB                        ? 
_cell.reciprocal_angle_alpha       ? 
_cell.reciprocal_angle_beta        ? 
_cell.reciprocal_angle_gamma       ? 
_cell.reciprocal_angle_alpha_esd   ? 
_cell.reciprocal_angle_beta_esd    ? 
_cell.reciprocal_angle_gamma_esd   ? 
_cell.reciprocal_length_a          ? 
_cell.reciprocal_length_b          ? 
_cell.reciprocal_length_c          ? 
_cell.reciprocal_length_a_esd      ? 
_cell.reciprocal_length_b_esd      ? 
_cell.reciprocal_length_c_esd      ? 
_cell.pdbx_unique_axis             ? 
# 
_symmetry.entry_id                         7DY0 
_symmetry.cell_setting                     ? 
_symmetry.Int_Tables_number                1 
_symmetry.space_group_name_Hall            ? 
_symmetry.space_group_name_H-M             'P 1' 
_symmetry.pdbx_full_space_group_name_H-M   ? 
# 
_exptl.absorpt_coefficient_mu     ? 
_exptl.absorpt_correction_T_max   ? 
_exptl.absorpt_correction_T_min   ? 
_exptl.absorpt_correction_type    ? 
_exptl.absorpt_process_details    ? 
_exptl.entry_id                   7DY0 
_exptl.crystals_number            ? 
_exptl.details                    ? 
_exptl.method                     'ELECTRON MICROSCOPY' 
_exptl.method_details             ? 
# 
_refine.aniso_B[1][1]                            -0.140 
_refine.aniso_B[1][2]                            0.000 
_refine.aniso_B[1][3]                            -0.000 
_refine.aniso_B[2][2]                            0.308 
_refine.aniso_B[2][3]                            0.000 
_refine.aniso_B[3][3]                            -0.167 
_refine.B_iso_max                                ? 
_refine.B_iso_mean                               49.861 
_refine.B_iso_min                                ? 
_refine.correlation_coeff_Fo_to_Fc               0.814 
_refine.correlation_coeff_Fo_to_Fc_free          ? 
_refine.details                                  'Hydrogens have been added in their riding positions' 
_refine.diff_density_max                         ? 
_refine.diff_density_max_esd                     ? 
_refine.diff_density_min                         ? 
_refine.diff_density_min_esd                     ? 
_refine.diff_density_rms                         ? 
_refine.diff_density_rms_esd                     ? 
_refine.entry_id                                 7DY0 
_refine.pdbx_refine_id                           'ELECTRON MICROSCOPY' 
_refine.ls_abs_structure_details                 ? 
_refine.ls_abs_structure_Flack                   ? 
_refine.ls_abs_structure_Flack_esd               ? 
_refine.ls_abs_structure_Rogers                  ? 
_refine.ls_abs_structure_Rogers_esd              ? 
_refine.ls_d_res_high                            1.93 
_refine.ls_d_res_low                             1.93 
_refine.ls_extinction_coef                       ? 
_refine.ls_extinction_coef_esd                   ? 
_refine.ls_extinction_expression                 ? 
_refine.ls_extinction_method                     ? 
_refine.ls_goodness_of_fit_all                   ? 
_refine.ls_goodness_of_fit_all_esd               ? 
_refine.ls_goodness_of_fit_obs                   ? 
_refine.ls_goodness_of_fit_obs_esd               ? 
_refine.ls_hydrogen_treatment                    ? 
_refine.ls_matrix_type                           ? 
_refine.ls_number_constraints                    ? 
_refine.ls_number_parameters                     ? 
_refine.ls_number_reflns_all                     ? 
_refine.ls_number_reflns_obs                     ? 
_refine.ls_number_reflns_R_free                  ? 
_refine.ls_number_reflns_R_work                  74239 
_refine.ls_number_restraints                     ? 
_refine.ls_percent_reflns_obs                    100.000 
_refine.ls_percent_reflns_R_free                 ? 
_refine.ls_R_factor_all                          0.349 
_refine.ls_R_factor_obs                          ? 
_refine.ls_R_factor_R_free                       ? 
_refine.ls_R_factor_R_free_error                 ? 
_refine.ls_R_factor_R_free_error_details         ? 
_refine.ls_R_factor_R_work                       0.3489 
_refine.ls_R_Fsqd_factor_obs                     ? 
_refine.ls_R_I_factor_obs                        ? 
_refine.ls_redundancy_reflns_all                 ? 
_refine.ls_redundancy_reflns_obs                 ? 
_refine.ls_restrained_S_all                      ? 
_refine.ls_restrained_S_obs                      ? 
_refine.ls_shift_over_esd_max                    ? 
_refine.ls_shift_over_esd_mean                   ? 
_refine.ls_structure_factor_coef                 ? 
_refine.ls_weighting_details                     ? 
_refine.ls_weighting_scheme                      ? 
_refine.ls_wR_factor_all                         ? 
_refine.ls_wR_factor_obs                         ? 
_refine.ls_wR_factor_R_free                      ? 
_refine.ls_wR_factor_R_work                      0.349 
_refine.occupancy_max                            ? 
_refine.occupancy_min                            ? 
_refine.solvent_model_details                    'BABINET MODEL' 
_refine.solvent_model_param_bsol                 ? 
_refine.solvent_model_param_ksol                 ? 
_refine.pdbx_R_complete                          ? 
_refine.ls_R_factor_gt                           ? 
_refine.ls_goodness_of_fit_gt                    ? 
_refine.ls_goodness_of_fit_ref                   ? 
_refine.ls_shift_over_su_max                     ? 
_refine.ls_shift_over_su_max_lt                  ? 
_refine.ls_shift_over_su_mean                    ? 
_refine.ls_shift_over_su_mean_lt                 ? 
_refine.pdbx_ls_sigma_I                          ? 
_refine.pdbx_ls_sigma_F                          ? 
_refine.pdbx_ls_sigma_Fsqd                       ? 
_refine.pdbx_data_cutoff_high_absF               ? 
_refine.pdbx_data_cutoff_high_rms_absF           ? 
_refine.pdbx_data_cutoff_low_absF                ? 
_refine.pdbx_isotropic_thermal_model             ? 
_refine.pdbx_ls_cross_valid_method               ? 
_refine.pdbx_method_to_determine_struct          ? 
_refine.pdbx_starting_model                      ? 
_refine.pdbx_stereochemistry_target_values       ? 
_refine.pdbx_R_Free_selection_details            ? 
_refine.pdbx_stereochem_target_val_spec_case     ? 
_refine.pdbx_overall_ESU_R                       0.077 
_refine.pdbx_overall_ESU_R_Free                  ? 
_refine.pdbx_solvent_vdw_probe_radii             ? 
_refine.pdbx_solvent_ion_probe_radii             ? 
_refine.pdbx_solvent_shrinkage_radii             ? 
_refine.pdbx_real_space_R                        ? 
_refine.pdbx_density_correlation                 ? 
_refine.pdbx_pd_number_of_powder_patterns        ? 
_refine.pdbx_pd_number_of_points                 ? 
_refine.pdbx_pd_meas_number_of_points            ? 
_refine.pdbx_pd_proc_ls_prof_R_factor            ? 
_refine.pdbx_pd_proc_ls_prof_wR_factor           ? 
_refine.pdbx_pd_Marquardt_correlation_coeff      ? 
_refine.pdbx_pd_Fsqrd_R_factor                   ? 
_refine.pdbx_pd_ls_matrix_band_width             ? 
_refine.pdbx_overall_phase_error                 ? 
_refine.pdbx_overall_SU_R_free_Cruickshank_DPI   ? 
_refine.pdbx_overall_SU_R_free_Blow_DPI          ? 
_refine.pdbx_overall_SU_R_Blow_DPI               ? 
_refine.pdbx_TLS_residual_ADP_flag               ? 
_refine.pdbx_diffrn_id                           ? 
_refine.overall_SU_B                             6.443 
_refine.overall_SU_ML                            0.146 
_refine.overall_SU_R_Cruickshank_DPI             ? 
_refine.overall_SU_R_free                        ? 
_refine.overall_FOM_free_R_set                   ? 
_refine.overall_FOM_work_R_set                   ? 
_refine.pdbx_average_fsc_overall                 0.6654 
_refine.pdbx_average_fsc_work                    0.6654 
_refine.pdbx_average_fsc_free                    ? 
# 
loop_
_refine_ls_restr.pdbx_refine_id 
_refine_ls_restr.criterion 
_refine_ls_restr.dev_ideal 
_refine_ls_restr.dev_ideal_target 
_refine_ls_restr.number 
_refine_ls_restr.rejects 
_refine_ls_restr.type 
_refine_ls_restr.weight 
_refine_ls_restr.pdbx_restraint_function 
'ELECTRON MICROSCOPY' ? 0.012  0.012  913  ? r_bond_refined_d               ? ? 
'ELECTRON MICROSCOPY' ? 0.002  0.018  803  ? r_bond_other_d                 ? ? 
'ELECTRON MICROSCOPY' ? 1.696  1.641  1249 ? r_angle_refined_deg            ? ? 
'ELECTRON MICROSCOPY' ? 1.446  1.578  1834 ? r_angle_other_deg              ? ? 
'ELECTRON MICROSCOPY' ? 8.244  5.000  118  ? r_dihedral_angle_1_deg         ? ? 
'ELECTRON MICROSCOPY' ? 27.792 22.381 42   ? r_dihedral_angle_2_deg         ? ? 
'ELECTRON MICROSCOPY' ? 15.777 15.000 124  ? r_dihedral_angle_3_deg         ? ? 
'ELECTRON MICROSCOPY' ? 24.320 15.000 4    ? r_dihedral_angle_4_deg         ? ? 
'ELECTRON MICROSCOPY' ? 0.090  0.200  125  ? r_chiral_restr                 ? ? 
'ELECTRON MICROSCOPY' ? 0.009  0.020  1073 ? r_gen_planes_refined           ? ? 
'ELECTRON MICROSCOPY' ? 0.002  0.020  231  ? r_gen_planes_other             ? ? 
'ELECTRON MICROSCOPY' ? 0.166  0.200  270  ? r_nbd_refined                  ? ? 
'ELECTRON MICROSCOPY' ? 0.178  0.200  1416 ? r_symmetry_nbd_other           ? ? 
'ELECTRON MICROSCOPY' ? 0.169  0.200  876  ? r_nbtor_refined                ? ? 
'ELECTRON MICROSCOPY' ? 0.080  0.200  986  ? r_symmetry_nbtor_other         ? ? 
'ELECTRON MICROSCOPY' ? 0.118  0.200  68   ? r_xyhbond_nbd_refined          ? ? 
'ELECTRON MICROSCOPY' ? 0.218  0.200  10   ? r_symmetry_nbd_refined         ? ? 
'ELECTRON MICROSCOPY' ? 0.181  0.200  56   ? r_nbd_other                    ? ? 
'ELECTRON MICROSCOPY' ? 0.166  0.200  10   ? r_symmetry_xyhbond_nbd_refined ? ? 
'ELECTRON MICROSCOPY' ? 5.257  5.067  475  ? r_mcbond_it                    ? ? 
'ELECTRON MICROSCOPY' ? 5.262  5.054  474  ? r_mcbond_other                 ? ? 
'ELECTRON MICROSCOPY' ? 9.031  7.590  592  ? r_mcangle_it                   ? ? 
'ELECTRON MICROSCOPY' ? 9.025  7.605  593  ? r_mcangle_other                ? ? 
'ELECTRON MICROSCOPY' ? 5.519  5.480  438  ? r_scbond_it                    ? ? 
'ELECTRON MICROSCOPY' ? 5.513  5.502  439  ? r_scbond_other                 ? ? 
'ELECTRON MICROSCOPY' ? 9.337  7.922  657  ? r_scangle_it                   ? ? 
'ELECTRON MICROSCOPY' ? 9.330  7.943  658  ? r_scangle_other                ? ? 
'ELECTRON MICROSCOPY' ? 18.084 94.079 4104 ? r_lrange_it                    ? ? 
'ELECTRON MICROSCOPY' ? 18.071 93.938 4096 ? r_lrange_other                 ? ? 
# 
loop_
_refine_ls_shell.pdbx_refine_id 
_refine_ls_shell.d_res_high 
_refine_ls_shell.d_res_low 
_refine_ls_shell.number_reflns_all 
_refine_ls_shell.number_reflns_obs 
_refine_ls_shell.number_reflns_R_free 
_refine_ls_shell.number_reflns_R_work 
_refine_ls_shell.percent_reflns_obs 
_refine_ls_shell.percent_reflns_R_free 
_refine_ls_shell.R_factor_all 
_refine_ls_shell.R_factor_obs 
_refine_ls_shell.R_factor_R_free 
_refine_ls_shell.R_factor_R_free_error 
_refine_ls_shell.R_factor_R_work 
_refine_ls_shell.redundancy_reflns_all 
_refine_ls_shell.redundancy_reflns_obs 
_refine_ls_shell.wR_factor_all 
_refine_ls_shell.wR_factor_obs 
_refine_ls_shell.wR_factor_R_free 
_refine_ls_shell.wR_factor_R_work 
_refine_ls_shell.pdbx_R_complete 
_refine_ls_shell.pdbx_total_number_of_bins_used 
_refine_ls_shell.pdbx_phase_error 
_refine_ls_shell.pdbx_fsc_work 
_refine_ls_shell.pdbx_fsc_free 
'ELECTRON MICROSCOPY' 1.920  1.930  1056 . 0 1056 100.0000 . 0.540 . . . 0.540 . . . . . 0.540 . 100 . 0.148 . 
'ELECTRON MICROSCOPY' 1.930  1.940  1164 . 0 1164 100.0000 . 0.563 . . . 0.563 . . . . . 0.563 . 100 . 0.210 . 
'ELECTRON MICROSCOPY' 1.940  1.949  1076 . 0 1076 100.0000 . 0.546 . . . 0.546 . . . . . 0.546 . 100 . 0.236 . 
'ELECTRON MICROSCOPY' 1.949  1.960  1126 . 0 1126 100.0000 . 0.552 . . . 0.552 . . . . . 0.552 . 100 . 0.224 . 
'ELECTRON MICROSCOPY' 1.960  1.970  992  . 0 992  100.0000 . 0.604 . . . 0.604 . . . . . 0.604 . 100 . 0.215 . 
'ELECTRON MICROSCOPY' 1.970  1.980  1103 . 0 1103 100.0000 . 0.606 . . . 0.606 . . . . . 0.606 . 100 . 0.264 . 
'ELECTRON MICROSCOPY' 1.980  1.991  1148 . 0 1148 100.0000 . 0.581 . . . 0.581 . . . . . 0.581 . 100 . 0.252 . 
'ELECTRON MICROSCOPY' 1.991  2.002  1035 . 0 1035 100.0000 . 0.597 . . . 0.597 . . . . . 0.597 . 100 . 0.216 . 
'ELECTRON MICROSCOPY' 2.002  2.013  1068 . 0 1068 100.0000 . 0.560 . . . 0.560 . . . . . 0.560 . 100 . 0.274 . 
'ELECTRON MICROSCOPY' 2.013  2.024  1063 . 0 1063 100.0000 . 0.547 . . . 0.547 . . . . . 0.547 . 100 . 0.362 . 
'ELECTRON MICROSCOPY' 2.024  2.035  1048 . 0 1048 100.0000 . 0.556 . . . 0.556 . . . . . 0.556 . 100 . 0.259 . 
'ELECTRON MICROSCOPY' 2.035  2.047  1035 . 0 1035 100.0000 . 0.509 . . . 0.509 . . . . . 0.509 . 100 . 0.354 . 
'ELECTRON MICROSCOPY' 2.047  2.058  1030 . 0 1030 100.0000 . 0.525 . . . 0.525 . . . . . 0.525 . 100 . 0.305 . 
'ELECTRON MICROSCOPY' 2.058  2.070  1065 . 0 1065 100.0000 . 0.564 . . . 0.564 . . . . . 0.564 . 100 . 0.323 . 
'ELECTRON MICROSCOPY' 2.070  2.082  1018 . 0 1018 100.0000 . 0.558 . . . 0.558 . . . . . 0.558 . 100 . 0.349 . 
'ELECTRON MICROSCOPY' 2.082  2.095  1029 . 0 1029 100.0000 . 0.472 . . . 0.472 . . . . . 0.472 . 100 . 0.525 . 
'ELECTRON MICROSCOPY' 2.095  2.107  1033 . 0 1033 100.0000 . 0.511 . . . 0.511 . . . . . 0.511 . 100 . 0.347 . 
'ELECTRON MICROSCOPY' 2.107  2.120  944  . 0 944  100.0000 . 0.533 . . . 0.533 . . . . . 0.533 . 100 . 0.500 . 
'ELECTRON MICROSCOPY' 2.120  2.133  1015 . 0 1015 100.0000 . 0.473 . . . 0.473 . . . . . 0.473 . 100 . 0.512 . 
'ELECTRON MICROSCOPY' 2.133  2.146  1046 . 0 1046 100.0000 . 0.509 . . . 0.509 . . . . . 0.509 . 100 . 0.536 . 
'ELECTRON MICROSCOPY' 2.146  2.160  982  . 0 982  100.0000 . 0.512 . . . 0.512 . . . . . 0.512 . 100 . 0.511 . 
'ELECTRON MICROSCOPY' 2.160  2.174  997  . 0 997  100.0000 . 0.534 . . . 0.534 . . . . . 0.534 . 100 . 0.531 . 
'ELECTRON MICROSCOPY' 2.174  2.188  1001 . 0 1001 100.0000 . 0.547 . . . 0.547 . . . . . 0.547 . 100 . 0.526 . 
'ELECTRON MICROSCOPY' 2.188  2.202  961  . 0 961  100.0000 . 0.463 . . . 0.463 . . . . . 0.463 . 100 . 0.542 . 
'ELECTRON MICROSCOPY' 2.202  2.217  944  . 0 944  100.0000 . 0.472 . . . 0.472 . . . . . 0.472 . 100 . 0.626 . 
'ELECTRON MICROSCOPY' 2.217  2.232  952  . 0 952  100.0000 . 0.487 . . . 0.487 . . . . . 0.487 . 100 . 0.584 . 
'ELECTRON MICROSCOPY' 2.232  2.247  1003 . 0 1003 100.0000 . 0.468 . . . 0.468 . . . . . 0.468 . 100 . 0.634 . 
'ELECTRON MICROSCOPY' 2.247  2.262  951  . 0 951  100.0000 . 0.488 . . . 0.488 . . . . . 0.488 . 100 . 0.577 . 
'ELECTRON MICROSCOPY' 2.262  2.278  923  . 0 923  100.0000 . 0.515 . . . 0.515 . . . . . 0.515 . 100 . 0.527 . 
'ELECTRON MICROSCOPY' 2.278  2.294  898  . 0 898  100.0000 . 0.480 . . . 0.480 . . . . . 0.480 . 100 . 0.593 . 
'ELECTRON MICROSCOPY' 2.294  2.311  930  . 0 930  100.0000 . 0.457 . . . 0.457 . . . . . 0.457 . 100 . 0.627 . 
'ELECTRON MICROSCOPY' 2.311  2.328  968  . 0 968  100.0000 . 0.427 . . . 0.427 . . . . . 0.427 . 100 . 0.657 . 
'ELECTRON MICROSCOPY' 2.328  2.345  879  . 0 879  100.0000 . 0.454 . . . 0.454 . . . . . 0.454 . 100 . 0.638 . 
'ELECTRON MICROSCOPY' 2.345  2.363  890  . 0 890  100.0000 . 0.475 . . . 0.475 . . . . . 0.475 . 100 . 0.654 . 
'ELECTRON MICROSCOPY' 2.363  2.381  926  . 0 926  100.0000 . 0.455 . . . 0.455 . . . . . 0.455 . 100 . 0.619 . 
'ELECTRON MICROSCOPY' 2.381  2.400  870  . 0 870  100.0000 . 0.422 . . . 0.422 . . . . . 0.422 . 100 . 0.712 . 
'ELECTRON MICROSCOPY' 2.400  2.418  898  . 0 898  100.0000 . 0.455 . . . 0.455 . . . . . 0.455 . 100 . 0.677 . 
'ELECTRON MICROSCOPY' 2.418  2.438  933  . 0 933  100.0000 . 0.406 . . . 0.406 . . . . . 0.406 . 100 . 0.718 . 
'ELECTRON MICROSCOPY' 2.438  2.458  836  . 0 836  100.0000 . 0.406 . . . 0.406 . . . . . 0.406 . 100 . 0.745 . 
'ELECTRON MICROSCOPY' 2.458  2.478  830  . 0 830  100.0000 . 0.414 . . . 0.414 . . . . . 0.414 . 100 . 0.758 . 
'ELECTRON MICROSCOPY' 2.478  2.499  900  . 0 900  100.0000 . 0.355 . . . 0.355 . . . . . 0.355 . 100 . 0.781 . 
'ELECTRON MICROSCOPY' 2.499  2.520  851  . 0 851  100.0000 . 0.353 . . . 0.353 . . . . . 0.353 . 100 . 0.750 . 
'ELECTRON MICROSCOPY' 2.520  2.542  872  . 0 872  100.0000 . 0.378 . . . 0.378 . . . . . 0.378 . 100 . 0.763 . 
'ELECTRON MICROSCOPY' 2.542  2.565  800  . 0 800  100.0000 . 0.361 . . . 0.361 . . . . . 0.361 . 100 . 0.814 . 
'ELECTRON MICROSCOPY' 2.565  2.588  816  . 0 816  100.0000 . 0.348 . . . 0.348 . . . . . 0.348 . 100 . 0.818 . 
'ELECTRON MICROSCOPY' 2.588  2.612  842  . 0 842  100.0000 . 0.355 . . . 0.355 . . . . . 0.355 . 100 . 0.805 . 
'ELECTRON MICROSCOPY' 2.612  2.636  820  . 0 820  100.0000 . 0.331 . . . 0.331 . . . . . 0.331 . 100 . 0.828 . 
'ELECTRON MICROSCOPY' 2.636  2.662  781  . 0 781  100.0000 . 0.320 . . . 0.320 . . . . . 0.320 . 100 . 0.836 . 
'ELECTRON MICROSCOPY' 2.662  2.688  796  . 0 796  100.0000 . 0.355 . . . 0.355 . . . . . 0.355 . 100 . 0.827 . 
'ELECTRON MICROSCOPY' 2.688  2.714  826  . 0 826  100.0000 . 0.335 . . . 0.335 . . . . . 0.335 . 100 . 0.833 . 
'ELECTRON MICROSCOPY' 2.714  2.742  753  . 0 753  100.0000 . 0.296 . . . 0.296 . . . . . 0.296 . 100 . 0.875 . 
'ELECTRON MICROSCOPY' 2.742  2.770  789  . 0 789  100.0000 . 0.300 . . . 0.300 . . . . . 0.300 . 100 . 0.881 . 
'ELECTRON MICROSCOPY' 2.770  2.799  773  . 0 773  100.0000 . 0.339 . . . 0.339 . . . . . 0.339 . 100 . 0.847 . 
'ELECTRON MICROSCOPY' 2.799  2.830  758  . 0 758  100.0000 . 0.288 . . . 0.288 . . . . . 0.288 . 100 . 0.901 . 
'ELECTRON MICROSCOPY' 2.830  2.861  723  . 0 723  100.0000 . 0.270 . . . 0.270 . . . . . 0.270 . 100 . 0.907 . 
'ELECTRON MICROSCOPY' 2.861  2.893  765  . 0 765  100.0000 . 0.281 . . . 0.281 . . . . . 0.281 . 100 . 0.913 . 
'ELECTRON MICROSCOPY' 2.893  2.926  747  . 0 747  100.0000 . 0.260 . . . 0.260 . . . . . 0.260 . 100 . 0.916 . 
'ELECTRON MICROSCOPY' 2.926  2.961  709  . 0 709  100.0000 . 0.234 . . . 0.234 . . . . . 0.234 . 100 . 0.948 . 
'ELECTRON MICROSCOPY' 2.961  2.997  722  . 0 722  100.0000 . 0.249 . . . 0.249 . . . . . 0.249 . 100 . 0.937 . 
'ELECTRON MICROSCOPY' 2.997  3.034  707  . 0 707  100.0000 . 0.239 . . . 0.239 . . . . . 0.239 . 100 . 0.950 . 
'ELECTRON MICROSCOPY' 3.034  3.073  712  . 0 712  100.0000 . 0.248 . . . 0.248 . . . . . 0.248 . 100 . 0.941 . 
'ELECTRON MICROSCOPY' 3.073  3.113  674  . 0 674  100.0000 . 0.241 . . . 0.241 . . . . . 0.241 . 100 . 0.940 . 
'ELECTRON MICROSCOPY' 3.113  3.154  680  . 0 680  100.0000 . 0.232 . . . 0.232 . . . . . 0.232 . 100 . 0.938 . 
'ELECTRON MICROSCOPY' 3.154  3.198  695  . 0 695  100.0000 . 0.246 . . . 0.246 . . . . . 0.246 . 100 . 0.944 . 
'ELECTRON MICROSCOPY' 3.198  3.243  675  . 0 675  100.0000 . 0.229 . . . 0.229 . . . . . 0.229 . 100 . 0.940 . 
'ELECTRON MICROSCOPY' 3.243  3.290  621  . 0 621  100.0000 . 0.242 . . . 0.242 . . . . . 0.242 . 100 . 0.945 . 
'ELECTRON MICROSCOPY' 3.290  3.340  659  . 0 659  100.0000 . 0.232 . . . 0.232 . . . . . 0.232 . 100 . 0.950 . 
'ELECTRON MICROSCOPY' 3.340  3.391  616  . 0 616  100.0000 . 0.271 . . . 0.271 . . . . . 0.271 . 100 . 0.941 . 
'ELECTRON MICROSCOPY' 3.391  3.445  660  . 0 660  100.0000 . 0.231 . . . 0.231 . . . . . 0.231 . 100 . 0.948 . 
'ELECTRON MICROSCOPY' 3.445  3.502  572  . 0 572  100.0000 . 0.221 . . . 0.221 . . . . . 0.221 . 100 . 0.956 . 
'ELECTRON MICROSCOPY' 3.502  3.562  637  . 0 637  100.0000 . 0.243 . . . 0.243 . . . . . 0.243 . 100 . 0.956 . 
'ELECTRON MICROSCOPY' 3.562  3.625  549  . 0 549  100.0000 . 0.212 . . . 0.212 . . . . . 0.212 . 100 . 0.959 . 
'ELECTRON MICROSCOPY' 3.625  3.691  629  . 0 629  100.0000 . 0.216 . . . 0.216 . . . . . 0.216 . 100 . 0.955 . 
'ELECTRON MICROSCOPY' 3.691  3.761  569  . 0 569  100.0000 . 0.203 . . . 0.203 . . . . . 0.203 . 100 . 0.966 . 
'ELECTRON MICROSCOPY' 3.761  3.835  531  . 0 531  100.0000 . 0.202 . . . 0.202 . . . . . 0.202 . 100 . 0.960 . 
'ELECTRON MICROSCOPY' 3.835  3.914  597  . 0 597  100.0000 . 0.211 . . . 0.211 . . . . . 0.211 . 100 . 0.963 . 
'ELECTRON MICROSCOPY' 3.914  3.998  503  . 0 503  100.0000 . 0.195 . . . 0.195 . . . . . 0.195 . 100 . 0.969 . 
'ELECTRON MICROSCOPY' 3.998  4.088  543  . 0 543  100.0000 . 0.252 . . . 0.252 . . . . . 0.252 . 100 . 0.948 . 
'ELECTRON MICROSCOPY' 4.088  4.184  535  . 0 535  100.0000 . 0.219 . . . 0.219 . . . . . 0.219 . 100 . 0.960 . 
'ELECTRON MICROSCOPY' 4.184  4.286  490  . 0 490  100.0000 . 0.236 . . . 0.236 . . . . . 0.236 . 100 . 0.963 . 
'ELECTRON MICROSCOPY' 4.286  4.397  486  . 0 486  100.0000 . 0.215 . . . 0.215 . . . . . 0.215 . 100 . 0.963 . 
'ELECTRON MICROSCOPY' 4.397  4.517  508  . 0 508  100.0000 . 0.228 . . . 0.228 . . . . . 0.228 . 100 . 0.958 . 
'ELECTRON MICROSCOPY' 4.517  4.648  437  . 0 437  100.0000 . 0.205 . . . 0.205 . . . . . 0.205 . 100 . 0.968 . 
'ELECTRON MICROSCOPY' 4.648  4.790  460  . 0 460  100.0000 . 0.187 . . . 0.187 . . . . . 0.187 . 100 . 0.969 . 
'ELECTRON MICROSCOPY' 4.790  4.946  447  . 0 447  100.0000 . 0.189 . . . 0.189 . . . . . 0.189 . 100 . 0.962 . 
'ELECTRON MICROSCOPY' 4.946  5.119  416  . 0 416  100.0000 . 0.195 . . . 0.195 . . . . . 0.195 . 100 . 0.958 . 
'ELECTRON MICROSCOPY' 5.119  5.311  429  . 0 429  100.0000 . 0.226 . . . 0.226 . . . . . 0.226 . 100 . 0.939 . 
'ELECTRON MICROSCOPY' 5.311  5.527  386  . 0 386  100.0000 . 0.275 . . . 0.275 . . . . . 0.275 . 100 . 0.930 . 
'ELECTRON MICROSCOPY' 5.527  5.771  400  . 0 400  100.0000 . 0.309 . . . 0.309 . . . . . 0.309 . 100 . 0.929 . 
'ELECTRON MICROSCOPY' 5.771  6.050  331  . 0 331  100.0000 . 0.381 . . . 0.381 . . . . . 0.381 . 100 . 0.907 . 
'ELECTRON MICROSCOPY' 6.050  6.374  350  . 0 350  100.0000 . 0.352 . . . 0.352 . . . . . 0.352 . 100 . 0.875 . 
'ELECTRON MICROSCOPY' 6.374  6.757  319  . 0 319  100.0000 . 0.317 . . . 0.317 . . . . . 0.317 . 100 . 0.919 . 
'ELECTRON MICROSCOPY' 6.757  7.219  306  . 0 306  100.0000 . 0.466 . . . 0.466 . . . . . 0.466 . 100 . 0.877 . 
'ELECTRON MICROSCOPY' 7.219  7.790  300  . 0 300  100.0000 . 0.415 . . . 0.415 . . . . . 0.415 . 100 . 0.853 . 
'ELECTRON MICROSCOPY' 7.790  8.522  251  . 0 251  100.0000 . 0.515 . . . 0.515 . . . . . 0.515 . 100 . 0.849 . 
'ELECTRON MICROSCOPY' 8.522  9.510  235  . 0 235  100.0000 . 0.559 . . . 0.559 . . . . . 0.559 . 100 . 0.876 . 
'ELECTRON MICROSCOPY' 9.510  10.945 215  . 0 215  100.0000 . 0.628 . . . 0.628 . . . . . 0.628 . 100 . 0.884 . 
'ELECTRON MICROSCOPY' 10.945 13.319 179  . 0 179  100.0000 . 0.613 . . . 0.613 . . . . . 0.613 . 100 . 0.926 . 
'ELECTRON MICROSCOPY' 13.319 18.485 140  . 0 140  100.0000 . 0.931 . . . 0.931 . . . . . 0.931 . 100 . 0.924 . 
'ELECTRON MICROSCOPY' 18.485 68.000 80   . 0 80   100.0000 . 1.736 . . . 1.736 . . . . . 1.736 . 100 . 0.989 . 
# 
loop_
_struct_ncs_oper.id 
_struct_ncs_oper.code 
_struct_ncs_oper.matrix[1][1] 
_struct_ncs_oper.matrix[1][2] 
_struct_ncs_oper.matrix[1][3] 
_struct_ncs_oper.vector[1] 
_struct_ncs_oper.matrix[2][1] 
_struct_ncs_oper.matrix[2][2] 
_struct_ncs_oper.matrix[2][3] 
_struct_ncs_oper.vector[2] 
_struct_ncs_oper.matrix[3][1] 
_struct_ncs_oper.matrix[3][2] 
_struct_ncs_oper.matrix[3][3] 
_struct_ncs_oper.vector[3] 
_struct_ncs_oper.details 
1 given    1           0           0           0         0           1           0           0        0           0           1           0         ? 
2 generate 0.23972635  0.30198545  -0.92267874 -14.37700 0.30198545  -0.92643924 -0.22475570 25.88288 -0.92267874 -0.22475570 -0.31328711 -10.84592 ? 
3 generate -0.28105681 -0.55128313 0.78555330  -1.42481  -0.55128313 -0.57727802 -0.60235953 12.30333 0.78555330  -0.60235953 -0.14166516 9.93819   ? 
4 generate -0.95866954 0.24929767  0.13712545  -20.17289 0.24929767  0.50371726  0.82711522  11.82066 0.13712545  0.82711522  -0.54504773 -15.41003 ? 
# 
_struct.entry_id                     7DY0 
_struct.title                        '1.93 A cryo-EM structure of streptavidin' 
_struct.pdbx_model_details           ? 
_struct.pdbx_formula_weight          ? 
_struct.pdbx_formula_weight_method   ? 
_struct.pdbx_model_type_details      ? 
_struct.pdbx_CASP_flag               N 
# 
_struct_keywords.entry_id        7DY0 
_struct_keywords.text            'STREPTAVIDIN, CYTOSOLIC PROTEIN' 
_struct_keywords.pdbx_keywords   'CYTOSOLIC PROTEIN' 
# 
loop_
_struct_asym.id 
_struct_asym.pdbx_blank_PDB_chainid_flag 
_struct_asym.pdbx_modified 
_struct_asym.entity_id 
_struct_asym.details 
A N N 1 ? 
B N N 2 ? 
# 
_struct_ref.id                         1 
_struct_ref.db_name                    UNP 
_struct_ref.db_code                    SAV_STRAV 
_struct_ref.pdbx_db_accession          P22629 
_struct_ref.pdbx_db_isoform            ? 
_struct_ref.entity_id                  1 
_struct_ref.pdbx_seq_one_letter_code   
;MRKIVVAAIAVSLTTVSITASASADPSKDSKAQVSAAEAGITGTWYNQLGSTFIVTAGADGALTGTYESAVGNAESRYVL
TGRYDSAPATDGSGTALGWTVAWKNNYRNAHSATTWSGQYVGGAEARINTQWLLTSGTTEANAWKSTLVGHDTFTKVKPS
AASIDAAKKAGVNNGNPLDAVQQ
;
_struct_ref.pdbx_align_begin           1 
# 
_struct_ref_seq.align_id                      1 
_struct_ref_seq.ref_id                        1 
_struct_ref_seq.pdbx_PDB_id_code              7DY0 
_struct_ref_seq.pdbx_strand_id                A 
_struct_ref_seq.seq_align_beg                 1 
_struct_ref_seq.pdbx_seq_align_beg_ins_code   ? 
_struct_ref_seq.seq_align_end                 183 
_struct_ref_seq.pdbx_seq_align_end_ins_code   ? 
_struct_ref_seq.pdbx_db_accession             P22629 
_struct_ref_seq.db_align_beg                  1 
_struct_ref_seq.pdbx_db_align_beg_ins_code    ? 
_struct_ref_seq.db_align_end                  183 
_struct_ref_seq.pdbx_db_align_end_ins_code    ? 
_struct_ref_seq.pdbx_auth_seq_align_beg       -23 
_struct_ref_seq.pdbx_auth_seq_align_end       159 
# 
loop_
_pdbx_struct_assembly.id 
_pdbx_struct_assembly.details 
_pdbx_struct_assembly.method_details 
_pdbx_struct_assembly.oligomeric_details 
_pdbx_struct_assembly.oligomeric_count 
1 'complete point assembly'                ? tetrameric 4 
2 'point asymmetric unit'                  ? monomeric  1 
3 'point asymmetric unit, std point frame' ? monomeric  1 
# 
loop_
_pdbx_struct_assembly_gen.assembly_id 
_pdbx_struct_assembly_gen.oper_expression 
_pdbx_struct_assembly_gen.asym_id_list 
1 '(1-4)' A,B 
2 1       A,B 
3 P       A,B 
# 
_pdbx_struct_assembly_auth_evidence.id                     1 
_pdbx_struct_assembly_auth_evidence.assembly_id            1 
_pdbx_struct_assembly_auth_evidence.experimental_support   none 
_pdbx_struct_assembly_auth_evidence.details                ? 
# 
loop_
_pdbx_struct_oper_list.id 
_pdbx_struct_oper_list.type 
_pdbx_struct_oper_list.name 
_pdbx_struct_oper_list.symmetry_operation 
_pdbx_struct_oper_list.matrix[1][1] 
_pdbx_struct_oper_list.matrix[1][2] 
_pdbx_struct_oper_list.matrix[1][3] 
_pdbx_struct_oper_list.vector[1] 
_pdbx_struct_oper_list.matrix[2][1] 
_pdbx_struct_oper_list.matrix[2][2] 
_pdbx_struct_oper_list.matrix[2][3] 
_pdbx_struct_oper_list.vector[2] 
_pdbx_struct_oper_list.matrix[3][1] 
_pdbx_struct_oper_list.matrix[3][2] 
_pdbx_struct_oper_list.matrix[3][3] 
_pdbx_struct_oper_list.vector[3] 
P 'transform to point frame' ?     ?     -0.14375406 -0.86709782 -0.47694458 7.60166   0.78731390  0.19178212  -0.58596625 2.29283  0.59955950  -0.45974013 0.65510871  13.81226  
1 'identity operation'       1_555 x,y,z 1.00000000  0.00000000  0.00000000  0.00000   0.00000000  1.00000000  0.00000000  0.00000  0.00000000  0.00000000  1.00000000  0.00000   
2 'point symmetry operation' ?     ?     -0.28105681 -0.55128313 0.78555330  -1.42482  -0.55128313 -0.57727802 -0.60235953 12.30332 0.78555330  -0.60235953 -0.14166516 9.93819   
3 'point symmetry operation' ?     ?     -0.95866954 0.24929767  0.13712545  -20.17290 0.24929767  0.50371726  0.82711522  11.82065 0.13712545  0.82711522  -0.54504773 -15.41002 
4 'point symmetry operation' ?     ?     0.23972635  0.30198545  -0.92267874 -14.37700 0.30198545  -0.92643924 -0.22475570 25.88287 -0.92267874 -0.22475570 -0.31328711 -10.84592  
# 
loop_
_struct_conf.conf_type_id 
_struct_conf.id 
_struct_conf.pdbx_PDB_helix_id 
_struct_conf.beg_label_comp_id 
_struct_conf.beg_label_asym_id 
_struct_conf.beg_label_seq_id 
_struct_conf.pdbx_beg_PDB_ins_code 
_struct_conf.end_label_comp_id 
_struct_conf.end_label_asym_id 
_struct_conf.end_label_seq_id 
_struct_conf.pdbx_end_PDB_ins_code 
_struct_conf.beg_auth_comp_id 
_struct_conf.beg_auth_asym_id 
_struct_conf.beg_auth_seq_id 
_struct_conf.end_auth_comp_id 
_struct_conf.end_auth_asym_id 
_struct_conf.end_auth_seq_id 
_struct_conf.pdbx_PDB_helix_class 
_struct_conf.details 
_struct_conf.pdbx_PDB_helix_length 
HELX_P HELX_P1 AA1 ASN A 73  ? GLU A 75  ? ASN A 49  GLU A 51  5 ? 3 
HELX_P HELX_P2 AA2 THR A 139 ? LYS A 145 ? THR A 115 LYS A 121 5 ? 7 
# 
_struct_conf_type.id          HELX_P 
_struct_conf_type.criteria    ? 
_struct_conf_type.reference   ? 
# 
_struct_sheet.id               AA1 
_struct_sheet.type             ? 
_struct_sheet.number_strands   9 
_struct_sheet.details          ? 
# 
loop_
_struct_sheet_order.sheet_id 
_struct_sheet_order.range_id_1 
_struct_sheet_order.range_id_2 
_struct_sheet_order.offset 
_struct_sheet_order.sense 
AA1 1 2 ? anti-parallel 
AA1 2 3 ? anti-parallel 
AA1 3 4 ? anti-parallel 
AA1 4 5 ? anti-parallel 
AA1 5 6 ? anti-parallel 
AA1 6 7 ? anti-parallel 
AA1 7 8 ? anti-parallel 
AA1 8 9 ? anti-parallel 
# 
loop_
_struct_sheet_range.sheet_id 
_struct_sheet_range.id 
_struct_sheet_range.beg_label_comp_id 
_struct_sheet_range.beg_label_asym_id 
_struct_sheet_range.beg_label_seq_id 
_struct_sheet_range.pdbx_beg_PDB_ins_code 
_struct_sheet_range.end_label_comp_id 
_struct_sheet_range.end_label_asym_id 
_struct_sheet_range.end_label_seq_id 
_struct_sheet_range.pdbx_end_PDB_ins_code 
_struct_sheet_range.beg_auth_comp_id 
_struct_sheet_range.beg_auth_asym_id 
_struct_sheet_range.beg_auth_seq_id 
_struct_sheet_range.end_auth_comp_id 
_struct_sheet_range.end_auth_asym_id 
_struct_sheet_range.end_auth_seq_id 
AA1 1 GLY A 43  ? ASN A 47  ? GLY A 19  ASN A 23  
AA1 2 THR A 52  ? ALA A 57  ? THR A 28  ALA A 33  
AA1 3 ALA A 62  ? GLU A 68  ? ALA A 38  GLU A 44  
AA1 4 ARG A 77  ? TYR A 84  ? ARG A 53  TYR A 60  
AA1 5 THR A 95  ? LYS A 104 ? THR A 71  LYS A 80  
AA1 6 ASN A 109 ? VAL A 121 ? ASN A 85  VAL A 97  
AA1 7 ARG A 127 ? SER A 136 ? ARG A 103 SER A 112 
AA1 8 THR A 147 ? THR A 155 ? THR A 123 THR A 131 
AA1 9 GLY A 43  ? ASN A 47  ? GLY A 19  ASN A 23  
# 
loop_
_pdbx_struct_sheet_hbond.sheet_id 
_pdbx_struct_sheet_hbond.range_id_1 
_pdbx_struct_sheet_hbond.range_id_2 
_pdbx_struct_sheet_hbond.range_1_label_atom_id 
_pdbx_struct_sheet_hbond.range_1_label_comp_id 
_pdbx_struct_sheet_hbond.range_1_label_asym_id 
_pdbx_struct_sheet_hbond.range_1_label_seq_id 
_pdbx_struct_sheet_hbond.range_1_PDB_ins_code 
_pdbx_struct_sheet_hbond.range_1_auth_atom_id 
_pdbx_struct_sheet_hbond.range_1_auth_comp_id 
_pdbx_struct_sheet_hbond.range_1_auth_asym_id 
_pdbx_struct_sheet_hbond.range_1_auth_seq_id 
_pdbx_struct_sheet_hbond.range_2_label_atom_id 
_pdbx_struct_sheet_hbond.range_2_label_comp_id 
_pdbx_struct_sheet_hbond.range_2_label_asym_id 
_pdbx_struct_sheet_hbond.range_2_label_seq_id 
_pdbx_struct_sheet_hbond.range_2_PDB_ins_code 
_pdbx_struct_sheet_hbond.range_2_auth_atom_id 
_pdbx_struct_sheet_hbond.range_2_auth_comp_id 
_pdbx_struct_sheet_hbond.range_2_auth_asym_id 
_pdbx_struct_sheet_hbond.range_2_auth_seq_id 
AA1 1 2 N TRP A 45  ? N TRP A 21  O PHE A 53  ? O PHE A 29  
AA1 2 3 N THR A 52  ? N THR A 28  O GLU A 68  ? O GLU A 44  
AA1 3 4 N TYR A 67  ? N TYR A 43  O TYR A 78  ? O TYR A 54  
AA1 4 5 N THR A 81  ? N THR A 57  O THR A 100 ? O THR A 76  
AA1 5 6 N LEU A 97  ? N LEU A 73  O GLY A 118 ? O GLY A 94  
AA1 6 7 N VAL A 121 ? N VAL A 97  O ARG A 127 ? O ARG A 103 
AA1 7 8 N LEU A 134 ? N LEU A 110 O LEU A 148 ? O LEU A 124 
AA1 8 9 O THR A 155 ? O THR A 131 N TYR A 46  ? N TYR A 22  
# 
loop_
_pdbx_validate_torsion.id 
_pdbx_validate_torsion.PDB_model_num 
_pdbx_validate_torsion.auth_comp_id 
_pdbx_validate_torsion.auth_asym_id 
_pdbx_validate_torsion.auth_seq_id 
_pdbx_validate_torsion.PDB_ins_code 
_pdbx_validate_torsion.label_alt_id 
_pdbx_validate_torsion.phi 
_pdbx_validate_torsion.psi 
1 1 ALA A 46  ? ? -47.66  -19.56 
2 1 ASP A 67  ? ? -149.89 15.15  
3 1 ALA A 100 ? ? -60.78  -72.24 
# 
_pdbx_point_symmetry.entry_id             7DY0 
_pdbx_point_symmetry.Schoenflies_symbol   D 
_pdbx_point_symmetry.circular_symmetry    2 
# 
_em_3d_fitting.entry_id          7DY0 
_em_3d_fitting.id                1 
_em_3d_fitting.details           ? 
_em_3d_fitting.overall_b_value   ? 
_em_3d_fitting.ref_protocol      ? 
_em_3d_fitting.ref_space         RECIPROCAL 
_em_3d_fitting.target_criteria   ? 
_em_3d_fitting.method            ? 
# 
_em_3d_fitting_list.3d_fitting_id                 1 
_em_3d_fitting_list.id                            1 
_em_3d_fitting_list.details                       ? 
_em_3d_fitting_list.pdb_chain_id                  M 
_em_3d_fitting_list.pdb_chain_residue_range       ? 
_em_3d_fitting_list.pdb_entry_id                  5N7X 
_em_3d_fitting_list.initial_refinement_model_id   1 
_em_3d_fitting_list.chain_id                      ? 
_em_3d_fitting_list.chain_residue_range           ? 
_em_3d_fitting_list.source_name                   PDB 
_em_3d_fitting_list.type                          'experimental model' 
_em_3d_fitting_list.accession_code                5N7X 
# 
_em_3d_reconstruction.entry_id                    7DY0 
_em_3d_reconstruction.id                          1 
_em_3d_reconstruction.algorithm                   ? 
_em_3d_reconstruction.details                     ? 
_em_3d_reconstruction.refinement_type             ? 
_em_3d_reconstruction.image_processing_id         1 
_em_3d_reconstruction.num_class_averages          ? 
_em_3d_reconstruction.num_particles               19045 
_em_3d_reconstruction.resolution                  1.93 
_em_3d_reconstruction.resolution_method           'FSC 0.143 CUT-OFF' 
_em_3d_reconstruction.symmetry_type               POINT 
_em_3d_reconstruction.method                      ? 
_em_3d_reconstruction.nominal_pixel_size          ? 
_em_3d_reconstruction.actual_pixel_size           ? 
_em_3d_reconstruction.magnification_calibration   ? 
# 
_em_buffer.id            1 
_em_buffer.details       ? 
_em_buffer.pH            7.2 
_em_buffer.specimen_id   1 
_em_buffer.name          ? 
# 
_em_entity_assembly.id                   1 
_em_entity_assembly.parent_id            0 
_em_entity_assembly.details              ? 
_em_entity_assembly.name                 Streptavidin 
_em_entity_assembly.source               NATURAL 
_em_entity_assembly.type                 COMPLEX 
_em_entity_assembly.entity_id_list       1 
_em_entity_assembly.synonym              ? 
_em_entity_assembly.oligomeric_details   ? 
# 
_em_imaging.id                              1 
_em_imaging.entry_id                        7DY0 
_em_imaging.accelerating_voltage            300 
_em_imaging.alignment_procedure             ? 
_em_imaging.c2_aperture_diameter            ? 
_em_imaging.calibrated_defocus_max          ? 
_em_imaging.calibrated_defocus_min          ? 
_em_imaging.calibrated_magnification        ? 
_em_imaging.cryogen                         ? 
_em_imaging.details                         ? 
_em_imaging.electron_source                 'FIELD EMISSION GUN' 
_em_imaging.illumination_mode               'FLOOD BEAM' 
_em_imaging.microscope_model                'TFS KRIOS' 
_em_imaging.mode                            'BRIGHT FIELD' 
_em_imaging.nominal_cs                      ? 
_em_imaging.nominal_defocus_max             ? 
_em_imaging.nominal_defocus_min             ? 
_em_imaging.nominal_magnification           ? 
_em_imaging.recording_temperature_maximum   ? 
_em_imaging.recording_temperature_minimum   ? 
_em_imaging.residual_tilt                   ? 
_em_imaging.specimen_holder_model           ? 
_em_imaging.specimen_id                     1 
_em_imaging.citation_id                     ? 
_em_imaging.date                            ? 
_em_imaging.temperature                     ? 
_em_imaging.tilt_angle_min                  ? 
_em_imaging.tilt_angle_max                  ? 
_em_imaging.astigmatism                     ? 
_em_imaging.detector_distance               ? 
_em_imaging.electron_beam_tilt_params       ? 
_em_imaging.specimen_holder_type            ? 
# 
_em_sample_support.id               1 
_em_sample_support.specimen_id      1 
_em_sample_support.details          'coated grid with pentylamine before glow discharge' 
_em_sample_support.grid_material    GOLD 
_em_sample_support.grid_mesh_size   300 
_em_sample_support.grid_type        'UltrAuFoil R1.2/1.3' 
_em_sample_support.method           ? 
_em_sample_support.film_material    ? 
# 
_em_vitrification.id                    1 
_em_vitrification.specimen_id           1 
_em_vitrification.chamber_temperature   277 
_em_vitrification.cryogen_name          ETHANE 
_em_vitrification.details               ? 
_em_vitrification.humidity              100 
_em_vitrification.instrument            'FEI VITROBOT MARK IV' 
_em_vitrification.entry_id              7DY0 
_em_vitrification.citation_id           ? 
_em_vitrification.method                ? 
_em_vitrification.temp                  ? 
_em_vitrification.time_resolved_state   ? 
# 
_em_experiment.entry_id                7DY0 
_em_experiment.id                      1 
_em_experiment.aggregation_state       PARTICLE 
_em_experiment.reconstruction_method   'SINGLE PARTICLE' 
_em_experiment.entity_assembly_id      1 
# 
_em_single_particle_entity.entry_id              7DY0 
_em_single_particle_entity.id                    1 
_em_single_particle_entity.image_processing_id   1 
_em_single_particle_entity.point_symmetry        D2 
# 
loop_
_pdbx_unobs_or_zero_occ_residues.id 
_pdbx_unobs_or_zero_occ_residues.PDB_model_num 
_pdbx_unobs_or_zero_occ_residues.polymer_flag 
_pdbx_unobs_or_zero_occ_residues.occupancy_flag 
_pdbx_unobs_or_zero_occ_residues.auth_asym_id 
_pdbx_unobs_or_zero_occ_residues.auth_comp_id 
_pdbx_unobs_or_zero_occ_residues.auth_seq_id 
_pdbx_unobs_or_zero_occ_residues.PDB_ins_code 
_pdbx_unobs_or_zero_occ_residues.label_asym_id 
_pdbx_unobs_or_zero_occ_residues.label_comp_id 
_pdbx_unobs_or_zero_occ_residues.label_seq_id 
1  1 Y 1 A MET -23 ? A MET 1   
2  1 Y 1 A ARG -22 ? A ARG 2   
3  1 Y 1 A LYS -21 ? A LYS 3   
4  1 Y 1 A ILE -20 ? A ILE 4   
5  1 Y 1 A VAL -19 ? A VAL 5   
6  1 Y 1 A VAL -18 ? A VAL 6   
7  1 Y 1 A ALA -17 ? A ALA 7   
8  1 Y 1 A ALA -16 ? A ALA 8   
9  1 Y 1 A ILE -15 ? A ILE 9   
10 1 Y 1 A ALA -14 ? A ALA 10  
11 1 Y 1 A VAL -13 ? A VAL 11  
12 1 Y 1 A SER -12 ? A SER 12  
13 1 Y 1 A LEU -11 ? A LEU 13  
14 1 Y 1 A THR -10 ? A THR 14  
15 1 Y 1 A THR -9  ? A THR 15  
16 1 Y 1 A VAL -8  ? A VAL 16  
17 1 Y 1 A SER -7  ? A SER 17  
18 1 Y 1 A ILE -6  ? A ILE 18  
19 1 Y 1 A THR -5  ? A THR 19  
20 1 Y 1 A ALA -4  ? A ALA 20  
21 1 Y 1 A SER -3  ? A SER 21  
22 1 Y 1 A ALA -2  ? A ALA 22  
23 1 Y 1 A SER -1  ? A SER 23  
24 1 Y 1 A ALA 0   ? A ALA 24  
25 1 Y 1 A ASP 1   ? A ASP 25  
26 1 Y 1 A PRO 2   ? A PRO 26  
27 1 Y 1 A SER 3   ? A SER 27  
28 1 Y 1 A LYS 4   ? A LYS 28  
29 1 Y 1 A ASP 5   ? A ASP 29  
30 1 Y 1 A SER 6   ? A SER 30  
31 1 Y 1 A LYS 7   ? A LYS 31  
32 1 Y 1 A ALA 8   ? A ALA 32  
33 1 Y 1 A GLN 9   ? A GLN 33  
34 1 Y 1 A VAL 10  ? A VAL 34  
35 1 Y 1 A SER 11  ? A SER 35  
36 1 Y 1 A ALA 12  ? A ALA 36  
37 1 Y 1 A ALA 13  ? A ALA 37  
38 1 Y 1 A GLU 14  ? A GLU 38  
39 1 Y 1 A ALA 15  ? A ALA 39  
40 1 Y 1 A PRO 135 ? A PRO 159 
41 1 Y 1 A SER 136 ? A SER 160 
42 1 Y 1 A ALA 137 ? A ALA 161 
43 1 Y 1 A ALA 138 ? A ALA 162 
44 1 Y 1 A SER 139 ? A SER 163 
45 1 Y 1 A ILE 140 ? A ILE 164 
46 1 Y 1 A ASP 141 ? A ASP 165 
47 1 Y 1 A ALA 142 ? A ALA 166 
48 1 Y 1 A ALA 143 ? A ALA 167 
49 1 Y 1 A LYS 144 ? A LYS 168 
50 1 Y 1 A LYS 145 ? A LYS 169 
51 1 Y 1 A ALA 146 ? A ALA 170 
52 1 Y 1 A GLY 147 ? A GLY 171 
53 1 Y 1 A VAL 148 ? A VAL 172 
54 1 Y 1 A ASN 149 ? A ASN 173 
55 1 Y 1 A ASN 150 ? A ASN 174 
56 1 Y 1 A GLY 151 ? A GLY 175 
57 1 Y 1 A ASN 152 ? A ASN 176 
58 1 Y 1 A PRO 153 ? A PRO 177 
59 1 Y 1 A LEU 154 ? A LEU 178 
60 1 Y 1 A ASP 155 ? A ASP 179 
61 1 Y 1 A ALA 156 ? A ALA 180 
62 1 Y 1 A VAL 157 ? A VAL 181 
63 1 Y 1 A GLN 158 ? A GLN 182 
64 1 Y 1 A GLN 159 ? A GLN 183 
# 
loop_
_chem_comp_atom.comp_id 
_chem_comp_atom.atom_id 
_chem_comp_atom.type_symbol 
_chem_comp_atom.pdbx_aromatic_flag 
_chem_comp_atom.pdbx_stereo_config 
_chem_comp_atom.pdbx_ordinal 
ALA N    N N N 1   
ALA CA   C N S 2   
ALA C    C N N 3   
ALA O    O N N 4   
ALA CB   C N N 5   
ALA OXT  O N N 6   
ALA H    H N N 7   
ALA H2   H N N 8   
ALA HA   H N N 9   
ALA HB1  H N N 10  
ALA HB2  H N N 11  
ALA HB3  H N N 12  
ALA HXT  H N N 13  
ARG N    N N N 14  
ARG CA   C N S 15  
ARG C    C N N 16  
ARG O    O N N 17  
ARG CB   C N N 18  
ARG CG   C N N 19  
ARG CD   C N N 20  
ARG NE   N N N 21  
ARG CZ   C N N 22  
ARG NH1  N N N 23  
ARG NH2  N N N 24  
ARG OXT  O N N 25  
ARG H    H N N 26  
ARG H2   H N N 27  
ARG HA   H N N 28  
ARG HB2  H N N 29  
ARG HB3  H N N 30  
ARG HG2  H N N 31  
ARG HG3  H N N 32  
ARG HD2  H N N 33  
ARG HD3  H N N 34  
ARG HE   H N N 35  
ARG HH11 H N N 36  
ARG HH12 H N N 37  
ARG HH21 H N N 38  
ARG HH22 H N N 39  
ARG HXT  H N N 40  
ASN N    N N N 41  
ASN CA   C N S 42  
ASN C    C N N 43  
ASN O    O N N 44  
ASN CB   C N N 45  
ASN CG   C N N 46  
ASN OD1  O N N 47  
ASN ND2  N N N 48  
ASN OXT  O N N 49  
ASN H    H N N 50  
ASN H2   H N N 51  
ASN HA   H N N 52  
ASN HB2  H N N 53  
ASN HB3  H N N 54  
ASN HD21 H N N 55  
ASN HD22 H N N 56  
ASN HXT  H N N 57  
ASP N    N N N 58  
ASP CA   C N S 59  
ASP C    C N N 60  
ASP O    O N N 61  
ASP CB   C N N 62  
ASP CG   C N N 63  
ASP OD1  O N N 64  
ASP OD2  O N N 65  
ASP OXT  O N N 66  
ASP H    H N N 67  
ASP H2   H N N 68  
ASP HA   H N N 69  
ASP HB2  H N N 70  
ASP HB3  H N N 71  
ASP HD2  H N N 72  
ASP HXT  H N N 73  
GLN N    N N N 74  
GLN CA   C N S 75  
GLN C    C N N 76  
GLN O    O N N 77  
GLN CB   C N N 78  
GLN CG   C N N 79  
GLN CD   C N N 80  
GLN OE1  O N N 81  
GLN NE2  N N N 82  
GLN OXT  O N N 83  
GLN H    H N N 84  
GLN H2   H N N 85  
GLN HA   H N N 86  
GLN HB2  H N N 87  
GLN HB3  H N N 88  
GLN HG2  H N N 89  
GLN HG3  H N N 90  
GLN HE21 H N N 91  
GLN HE22 H N N 92  
GLN HXT  H N N 93  
GLU N    N N N 94  
GLU CA   C N S 95  
GLU C    C N N 96  
GLU O    O N N 97  
GLU CB   C N N 98  
GLU CG   C N N 99  
GLU CD   C N N 100 
GLU OE1  O N N 101 
GLU OE2  O N N 102 
GLU OXT  O N N 103 
GLU H    H N N 104 
GLU H2   H N N 105 
GLU HA   H N N 106 
GLU HB2  H N N 107 
GLU HB3  H N N 108 
GLU HG2  H N N 109 
GLU HG3  H N N 110 
GLU HE2  H N N 111 
GLU HXT  H N N 112 
GLY N    N N N 113 
GLY CA   C N N 114 
GLY C    C N N 115 
GLY O    O N N 116 
GLY OXT  O N N 117 
GLY H    H N N 118 
GLY H2   H N N 119 
GLY HA2  H N N 120 
GLY HA3  H N N 121 
GLY HXT  H N N 122 
HIS N    N N N 123 
HIS CA   C N S 124 
HIS C    C N N 125 
HIS O    O N N 126 
HIS CB   C N N 127 
HIS CG   C Y N 128 
HIS ND1  N Y N 129 
HIS CD2  C Y N 130 
HIS CE1  C Y N 131 
HIS NE2  N Y N 132 
HIS OXT  O N N 133 
HIS H    H N N 134 
HIS H2   H N N 135 
HIS HA   H N N 136 
HIS HB2  H N N 137 
HIS HB3  H N N 138 
HIS HD1  H N N 139 
HIS HD2  H N N 140 
HIS HE1  H N N 141 
HIS HE2  H N N 142 
HIS HXT  H N N 143 
HOH O    O N N 144 
HOH H1   H N N 145 
HOH H2   H N N 146 
ILE N    N N N 147 
ILE CA   C N S 148 
ILE C    C N N 149 
ILE O    O N N 150 
ILE CB   C N S 151 
ILE CG1  C N N 152 
ILE CG2  C N N 153 
ILE CD1  C N N 154 
ILE OXT  O N N 155 
ILE H    H N N 156 
ILE H2   H N N 157 
ILE HA   H N N 158 
ILE HB   H N N 159 
ILE HG12 H N N 160 
ILE HG13 H N N 161 
ILE HG21 H N N 162 
ILE HG22 H N N 163 
ILE HG23 H N N 164 
ILE HD11 H N N 165 
ILE HD12 H N N 166 
ILE HD13 H N N 167 
ILE HXT  H N N 168 
LEU N    N N N 169 
LEU CA   C N S 170 
LEU C    C N N 171 
LEU O    O N N 172 
LEU CB   C N N 173 
LEU CG   C N N 174 
LEU CD1  C N N 175 
LEU CD2  C N N 176 
LEU OXT  O N N 177 
LEU H    H N N 178 
LEU H2   H N N 179 
LEU HA   H N N 180 
LEU HB2  H N N 181 
LEU HB3  H N N 182 
LEU HG   H N N 183 
LEU HD11 H N N 184 
LEU HD12 H N N 185 
LEU HD13 H N N 186 
LEU HD21 H N N 187 
LEU HD22 H N N 188 
LEU HD23 H N N 189 
LEU HXT  H N N 190 
LYS N    N N N 191 
LYS CA   C N S 192 
LYS C    C N N 193 
LYS O    O N N 194 
LYS CB   C N N 195 
LYS CG   C N N 196 
LYS CD   C N N 197 
LYS CE   C N N 198 
LYS NZ   N N N 199 
LYS OXT  O N N 200 
LYS H    H N N 201 
LYS H2   H N N 202 
LYS HA   H N N 203 
LYS HB2  H N N 204 
LYS HB3  H N N 205 
LYS HG2  H N N 206 
LYS HG3  H N N 207 
LYS HD2  H N N 208 
LYS HD3  H N N 209 
LYS HE2  H N N 210 
LYS HE3  H N N 211 
LYS HZ1  H N N 212 
LYS HZ2  H N N 213 
LYS HZ3  H N N 214 
LYS HXT  H N N 215 
MET N    N N N 216 
MET CA   C N S 217 
MET C    C N N 218 
MET O    O N N 219 
MET CB   C N N 220 
MET CG   C N N 221 
MET SD   S N N 222 
MET CE   C N N 223 
MET OXT  O N N 224 
MET H    H N N 225 
MET H2   H N N 226 
MET HA   H N N 227 
MET HB2  H N N 228 
MET HB3  H N N 229 
MET HG2  H N N 230 
MET HG3  H N N 231 
MET HE1  H N N 232 
MET HE2  H N N 233 
MET HE3  H N N 234 
MET HXT  H N N 235 
PHE N    N N N 236 
PHE CA   C N S 237 
PHE C    C N N 238 
PHE O    O N N 239 
PHE CB   C N N 240 
PHE CG   C Y N 241 
PHE CD1  C Y N 242 
PHE CD2  C Y N 243 
PHE CE1  C Y N 244 
PHE CE2  C Y N 245 
PHE CZ   C Y N 246 
PHE OXT  O N N 247 
PHE H    H N N 248 
PHE H2   H N N 249 
PHE HA   H N N 250 
PHE HB2  H N N 251 
PHE HB3  H N N 252 
PHE HD1  H N N 253 
PHE HD2  H N N 254 
PHE HE1  H N N 255 
PHE HE2  H N N 256 
PHE HZ   H N N 257 
PHE HXT  H N N 258 
PRO N    N N N 259 
PRO CA   C N S 260 
PRO C    C N N 261 
PRO O    O N N 262 
PRO CB   C N N 263 
PRO CG   C N N 264 
PRO CD   C N N 265 
PRO OXT  O N N 266 
PRO H    H N N 267 
PRO HA   H N N 268 
PRO HB2  H N N 269 
PRO HB3  H N N 270 
PRO HG2  H N N 271 
PRO HG3  H N N 272 
PRO HD2  H N N 273 
PRO HD3  H N N 274 
PRO HXT  H N N 275 
SER N    N N N 276 
SER CA   C N S 277 
SER C    C N N 278 
SER O    O N N 279 
SER CB   C N N 280 
SER OG   O N N 281 
SER OXT  O N N 282 
SER H    H N N 283 
SER H2   H N N 284 
SER HA   H N N 285 
SER HB2  H N N 286 
SER HB3  H N N 287 
SER HG   H N N 288 
SER HXT  H N N 289 
THR N    N N N 290 
THR CA   C N S 291 
THR C    C N N 292 
THR O    O N N 293 
THR CB   C N R 294 
THR OG1  O N N 295 
THR CG2  C N N 296 
THR OXT  O N N 297 
THR H    H N N 298 
THR H2   H N N 299 
THR HA   H N N 300 
THR HB   H N N 301 
THR HG1  H N N 302 
THR HG21 H N N 303 
THR HG22 H N N 304 
THR HG23 H N N 305 
THR HXT  H N N 306 
TRP N    N N N 307 
TRP CA   C N S 308 
TRP C    C N N 309 
TRP O    O N N 310 
TRP CB   C N N 311 
TRP CG   C Y N 312 
TRP CD1  C Y N 313 
TRP CD2  C Y N 314 
TRP NE1  N Y N 315 
TRP CE2  C Y N 316 
TRP CE3  C Y N 317 
TRP CZ2  C Y N 318 
TRP CZ3  C Y N 319 
TRP CH2  C Y N 320 
TRP OXT  O N N 321 
TRP H    H N N 322 
TRP H2   H N N 323 
TRP HA   H N N 324 
TRP HB2  H N N 325 
TRP HB3  H N N 326 
TRP HD1  H N N 327 
TRP HE1  H N N 328 
TRP HE3  H N N 329 
TRP HZ2  H N N 330 
TRP HZ3  H N N 331 
TRP HH2  H N N 332 
TRP HXT  H N N 333 
TYR N    N N N 334 
TYR CA   C N S 335 
TYR C    C N N 336 
TYR O    O N N 337 
TYR CB   C N N 338 
TYR CG   C Y N 339 
TYR CD1  C Y N 340 
TYR CD2  C Y N 341 
TYR CE1  C Y N 342 
TYR CE2  C Y N 343 
TYR CZ   C Y N 344 
TYR OH   O N N 345 
TYR OXT  O N N 346 
TYR H    H N N 347 
TYR H2   H N N 348 
TYR HA   H N N 349 
TYR HB2  H N N 350 
TYR HB3  H N N 351 
TYR HD1  H N N 352 
TYR HD2  H N N 353 
TYR HE1  H N N 354 
TYR HE2  H N N 355 
TYR HH   H N N 356 
TYR HXT  H N N 357 
VAL N    N N N 358 
VAL CA   C N S 359 
VAL C    C N N 360 
VAL O    O N N 361 
VAL CB   C N N 362 
VAL CG1  C N N 363 
VAL CG2  C N N 364 
VAL OXT  O N N 365 
VAL H    H N N 366 
VAL H2   H N N 367 
VAL HA   H N N 368 
VAL HB   H N N 369 
VAL HG11 H N N 370 
VAL HG12 H N N 371 
VAL HG13 H N N 372 
VAL HG21 H N N 373 
VAL HG22 H N N 374 
VAL HG23 H N N 375 
VAL HXT  H N N 376 
# 
loop_
_chem_comp_bond.comp_id 
_chem_comp_bond.atom_id_1 
_chem_comp_bond.atom_id_2 
_chem_comp_bond.value_order 
_chem_comp_bond.pdbx_aromatic_flag 
_chem_comp_bond.pdbx_stereo_config 
_chem_comp_bond.pdbx_ordinal 
ALA N   CA   sing N N 1   
ALA N   H    sing N N 2   
ALA N   H2   sing N N 3   
ALA CA  C    sing N N 4   
ALA CA  CB   sing N N 5   
ALA CA  HA   sing N N 6   
ALA C   O    doub N N 7   
ALA C   OXT  sing N N 8   
ALA CB  HB1  sing N N 9   
ALA CB  HB2  sing N N 10  
ALA CB  HB3  sing N N 11  
ALA OXT HXT  sing N N 12  
ARG N   CA   sing N N 13  
ARG N   H    sing N N 14  
ARG N   H2   sing N N 15  
ARG CA  C    sing N N 16  
ARG CA  CB   sing N N 17  
ARG CA  HA   sing N N 18  
ARG C   O    doub N N 19  
ARG C   OXT  sing N N 20  
ARG CB  CG   sing N N 21  
ARG CB  HB2  sing N N 22  
ARG CB  HB3  sing N N 23  
ARG CG  CD   sing N N 24  
ARG CG  HG2  sing N N 25  
ARG CG  HG3  sing N N 26  
ARG CD  NE   sing N N 27  
ARG CD  HD2  sing N N 28  
ARG CD  HD3  sing N N 29  
ARG NE  CZ   sing N N 30  
ARG NE  HE   sing N N 31  
ARG CZ  NH1  sing N N 32  
ARG CZ  NH2  doub N N 33  
ARG NH1 HH11 sing N N 34  
ARG NH1 HH12 sing N N 35  
ARG NH2 HH21 sing N N 36  
ARG NH2 HH22 sing N N 37  
ARG OXT HXT  sing N N 38  
ASN N   CA   sing N N 39  
ASN N   H    sing N N 40  
ASN N   H2   sing N N 41  
ASN CA  C    sing N N 42  
ASN CA  CB   sing N N 43  
ASN CA  HA   sing N N 44  
ASN C   O    doub N N 45  
ASN C   OXT  sing N N 46  
ASN CB  CG   sing N N 47  
ASN CB  HB2  sing N N 48  
ASN CB  HB3  sing N N 49  
ASN CG  OD1  doub N N 50  
ASN CG  ND2  sing N N 51  
ASN ND2 HD21 sing N N 52  
ASN ND2 HD22 sing N N 53  
ASN OXT HXT  sing N N 54  
ASP N   CA   sing N N 55  
ASP N   H    sing N N 56  
ASP N   H2   sing N N 57  
ASP CA  C    sing N N 58  
ASP CA  CB   sing N N 59  
ASP CA  HA   sing N N 60  
ASP C   O    doub N N 61  
ASP C   OXT  sing N N 62  
ASP CB  CG   sing N N 63  
ASP CB  HB2  sing N N 64  
ASP CB  HB3  sing N N 65  
ASP CG  OD1  doub N N 66  
ASP CG  OD2  sing N N 67  
ASP OD2 HD2  sing N N 68  
ASP OXT HXT  sing N N 69  
GLN N   CA   sing N N 70  
GLN N   H    sing N N 71  
GLN N   H2   sing N N 72  
GLN CA  C    sing N N 73  
GLN CA  CB   sing N N 74  
GLN CA  HA   sing N N 75  
GLN C   O    doub N N 76  
GLN C   OXT  sing N N 77  
GLN CB  CG   sing N N 78  
GLN CB  HB2  sing N N 79  
GLN CB  HB3  sing N N 80  
GLN CG  CD   sing N N 81  
GLN CG  HG2  sing N N 82  
GLN CG  HG3  sing N N 83  
GLN CD  OE1  doub N N 84  
GLN CD  NE2  sing N N 85  
GLN NE2 HE21 sing N N 86  
GLN NE2 HE22 sing N N 87  
GLN OXT HXT  sing N N 88  
GLU N   CA   sing N N 89  
GLU N   H    sing N N 90  
GLU N   H2   sing N N 91  
GLU CA  C    sing N N 92  
GLU CA  CB   sing N N 93  
GLU CA  HA   sing N N 94  
GLU C   O    doub N N 95  
GLU C   OXT  sing N N 96  
GLU CB  CG   sing N N 97  
GLU CB  HB2  sing N N 98  
GLU CB  HB3  sing N N 99  
GLU CG  CD   sing N N 100 
GLU CG  HG2  sing N N 101 
GLU CG  HG3  sing N N 102 
GLU CD  OE1  doub N N 103 
GLU CD  OE2  sing N N 104 
GLU OE2 HE2  sing N N 105 
GLU OXT HXT  sing N N 106 
GLY N   CA   sing N N 107 
GLY N   H    sing N N 108 
GLY N   H2   sing N N 109 
GLY CA  C    sing N N 110 
GLY CA  HA2  sing N N 111 
GLY CA  HA3  sing N N 112 
GLY C   O    doub N N 113 
GLY C   OXT  sing N N 114 
GLY OXT HXT  sing N N 115 
HIS N   CA   sing N N 116 
HIS N   H    sing N N 117 
HIS N   H2   sing N N 118 
HIS CA  C    sing N N 119 
HIS CA  CB   sing N N 120 
HIS CA  HA   sing N N 121 
HIS C   O    doub N N 122 
HIS C   OXT  sing N N 123 
HIS CB  CG   sing N N 124 
HIS CB  HB2  sing N N 125 
HIS CB  HB3  sing N N 126 
HIS CG  ND1  sing Y N 127 
HIS CG  CD2  doub Y N 128 
HIS ND1 CE1  doub Y N 129 
HIS ND1 HD1  sing N N 130 
HIS CD2 NE2  sing Y N 131 
HIS CD2 HD2  sing N N 132 
HIS CE1 NE2  sing Y N 133 
HIS CE1 HE1  sing N N 134 
HIS NE2 HE2  sing N N 135 
HIS OXT HXT  sing N N 136 
HOH O   H1   sing N N 137 
HOH O   H2   sing N N 138 
ILE N   CA   sing N N 139 
ILE N   H    sing N N 140 
ILE N   H2   sing N N 141 
ILE CA  C    sing N N 142 
ILE CA  CB   sing N N 143 
ILE CA  HA   sing N N 144 
ILE C   O    doub N N 145 
ILE C   OXT  sing N N 146 
ILE CB  CG1  sing N N 147 
ILE CB  CG2  sing N N 148 
ILE CB  HB   sing N N 149 
ILE CG1 CD1  sing N N 150 
ILE CG1 HG12 sing N N 151 
ILE CG1 HG13 sing N N 152 
ILE CG2 HG21 sing N N 153 
ILE CG2 HG22 sing N N 154 
ILE CG2 HG23 sing N N 155 
ILE CD1 HD11 sing N N 156 
ILE CD1 HD12 sing N N 157 
ILE CD1 HD13 sing N N 158 
ILE OXT HXT  sing N N 159 
LEU N   CA   sing N N 160 
LEU N   H    sing N N 161 
LEU N   H2   sing N N 162 
LEU CA  C    sing N N 163 
LEU CA  CB   sing N N 164 
LEU CA  HA   sing N N 165 
LEU C   O    doub N N 166 
LEU C   OXT  sing N N 167 
LEU CB  CG   sing N N 168 
LEU CB  HB2  sing N N 169 
LEU CB  HB3  sing N N 170 
LEU CG  CD1  sing N N 171 
LEU CG  CD2  sing N N 172 
LEU CG  HG   sing N N 173 
LEU CD1 HD11 sing N N 174 
LEU CD1 HD12 sing N N 175 
LEU CD1 HD13 sing N N 176 
LEU CD2 HD21 sing N N 177 
LEU CD2 HD22 sing N N 178 
LEU CD2 HD23 sing N N 179 
LEU OXT HXT  sing N N 180 
LYS N   CA   sing N N 181 
LYS N   H    sing N N 182 
LYS N   H2   sing N N 183 
LYS CA  C    sing N N 184 
LYS CA  CB   sing N N 185 
LYS CA  HA   sing N N 186 
LYS C   O    doub N N 187 
LYS C   OXT  sing N N 188 
LYS CB  CG   sing N N 189 
LYS CB  HB2  sing N N 190 
LYS CB  HB3  sing N N 191 
LYS CG  CD   sing N N 192 
LYS CG  HG2  sing N N 193 
LYS CG  HG3  sing N N 194 
LYS CD  CE   sing N N 195 
LYS CD  HD2  sing N N 196 
LYS CD  HD3  sing N N 197 
LYS CE  NZ   sing N N 198 
LYS CE  HE2  sing N N 199 
LYS CE  HE3  sing N N 200 
LYS NZ  HZ1  sing N N 201 
LYS NZ  HZ2  sing N N 202 
LYS NZ  HZ3  sing N N 203 
LYS OXT HXT  sing N N 204 
MET N   CA   sing N N 205 
MET N   H    sing N N 206 
MET N   H2   sing N N 207 
MET CA  C    sing N N 208 
MET CA  CB   sing N N 209 
MET CA  HA   sing N N 210 
MET C   O    doub N N 211 
MET C   OXT  sing N N 212 
MET CB  CG   sing N N 213 
MET CB  HB2  sing N N 214 
MET CB  HB3  sing N N 215 
MET CG  SD   sing N N 216 
MET CG  HG2  sing N N 217 
MET CG  HG3  sing N N 218 
MET SD  CE   sing N N 219 
MET CE  HE1  sing N N 220 
MET CE  HE2  sing N N 221 
MET CE  HE3  sing N N 222 
MET OXT HXT  sing N N 223 
PHE N   CA   sing N N 224 
PHE N   H    sing N N 225 
PHE N   H2   sing N N 226 
PHE CA  C    sing N N 227 
PHE CA  CB   sing N N 228 
PHE CA  HA   sing N N 229 
PHE C   O    doub N N 230 
PHE C   OXT  sing N N 231 
PHE CB  CG   sing N N 232 
PHE CB  HB2  sing N N 233 
PHE CB  HB3  sing N N 234 
PHE CG  CD1  doub Y N 235 
PHE CG  CD2  sing Y N 236 
PHE CD1 CE1  sing Y N 237 
PHE CD1 HD1  sing N N 238 
PHE CD2 CE2  doub Y N 239 
PHE CD2 HD2  sing N N 240 
PHE CE1 CZ   doub Y N 241 
PHE CE1 HE1  sing N N 242 
PHE CE2 CZ   sing Y N 243 
PHE CE2 HE2  sing N N 244 
PHE CZ  HZ   sing N N 245 
PHE OXT HXT  sing N N 246 
PRO N   CA   sing N N 247 
PRO N   CD   sing N N 248 
PRO N   H    sing N N 249 
PRO CA  C    sing N N 250 
PRO CA  CB   sing N N 251 
PRO CA  HA   sing N N 252 
PRO C   O    doub N N 253 
PRO C   OXT  sing N N 254 
PRO CB  CG   sing N N 255 
PRO CB  HB2  sing N N 256 
PRO CB  HB3  sing N N 257 
PRO CG  CD   sing N N 258 
PRO CG  HG2  sing N N 259 
PRO CG  HG3  sing N N 260 
PRO CD  HD2  sing N N 261 
PRO CD  HD3  sing N N 262 
PRO OXT HXT  sing N N 263 
SER N   CA   sing N N 264 
SER N   H    sing N N 265 
SER N   H2   sing N N 266 
SER CA  C    sing N N 267 
SER CA  CB   sing N N 268 
SER CA  HA   sing N N 269 
SER C   O    doub N N 270 
SER C   OXT  sing N N 271 
SER CB  OG   sing N N 272 
SER CB  HB2  sing N N 273 
SER CB  HB3  sing N N 274 
SER OG  HG   sing N N 275 
SER OXT HXT  sing N N 276 
THR N   CA   sing N N 277 
THR N   H    sing N N 278 
THR N   H2   sing N N 279 
THR CA  C    sing N N 280 
THR CA  CB   sing N N 281 
THR CA  HA   sing N N 282 
THR C   O    doub N N 283 
THR C   OXT  sing N N 284 
THR CB  OG1  sing N N 285 
THR CB  CG2  sing N N 286 
THR CB  HB   sing N N 287 
THR OG1 HG1  sing N N 288 
THR CG2 HG21 sing N N 289 
THR CG2 HG22 sing N N 290 
THR CG2 HG23 sing N N 291 
THR OXT HXT  sing N N 292 
TRP N   CA   sing N N 293 
TRP N   H    sing N N 294 
TRP N   H2   sing N N 295 
TRP CA  C    sing N N 296 
TRP CA  CB   sing N N 297 
TRP CA  HA   sing N N 298 
TRP C   O    doub N N 299 
TRP C   OXT  sing N N 300 
TRP CB  CG   sing N N 301 
TRP CB  HB2  sing N N 302 
TRP CB  HB3  sing N N 303 
TRP CG  CD1  doub Y N 304 
TRP CG  CD2  sing Y N 305 
TRP CD1 NE1  sing Y N 306 
TRP CD1 HD1  sing N N 307 
TRP CD2 CE2  doub Y N 308 
TRP CD2 CE3  sing Y N 309 
TRP NE1 CE2  sing Y N 310 
TRP NE1 HE1  sing N N 311 
TRP CE2 CZ2  sing Y N 312 
TRP CE3 CZ3  doub Y N 313 
TRP CE3 HE3  sing N N 314 
TRP CZ2 CH2  doub Y N 315 
TRP CZ2 HZ2  sing N N 316 
TRP CZ3 CH2  sing Y N 317 
TRP CZ3 HZ3  sing N N 318 
TRP CH2 HH2  sing N N 319 
TRP OXT HXT  sing N N 320 
TYR N   CA   sing N N 321 
TYR N   H    sing N N 322 
TYR N   H2   sing N N 323 
TYR CA  C    sing N N 324 
TYR CA  CB   sing N N 325 
TYR CA  HA   sing N N 326 
TYR C   O    doub N N 327 
TYR C   OXT  sing N N 328 
TYR CB  CG   sing N N 329 
TYR CB  HB2  sing N N 330 
TYR CB  HB3  sing N N 331 
TYR CG  CD1  doub Y N 332 
TYR CG  CD2  sing Y N 333 
TYR CD1 CE1  sing Y N 334 
TYR CD1 HD1  sing N N 335 
TYR CD2 CE2  doub Y N 336 
TYR CD2 HD2  sing N N 337 
TYR CE1 CZ   doub Y N 338 
TYR CE1 HE1  sing N N 339 
TYR CE2 CZ   sing Y N 340 
TYR CE2 HE2  sing N N 341 
TYR CZ  OH   sing N N 342 
TYR OH  HH   sing N N 343 
TYR OXT HXT  sing N N 344 
VAL N   CA   sing N N 345 
VAL N   H    sing N N 346 
VAL N   H2   sing N N 347 
VAL CA  C    sing N N 348 
VAL CA  CB   sing N N 349 
VAL CA  HA   sing N N 350 
VAL C   O    doub N N 351 
VAL C   OXT  sing N N 352 
VAL CB  CG1  sing N N 353 
VAL CB  CG2  sing N N 354 
VAL CB  HB   sing N N 355 
VAL CG1 HG11 sing N N 356 
VAL CG1 HG12 sing N N 357 
VAL CG1 HG13 sing N N 358 
VAL CG2 HG21 sing N N 359 
VAL CG2 HG22 sing N N 360 
VAL CG2 HG23 sing N N 361 
VAL OXT HXT  sing N N 362 
# 
_em_ctf_correction.id                       1 
_em_ctf_correction.em_image_processing_id   1 
_em_ctf_correction.type                     'PHASE FLIPPING AND AMPLITUDE CORRECTION' 
_em_ctf_correction.details                  ? 
# 
_em_entity_assembly_naturalsource.id                   2 
_em_entity_assembly_naturalsource.entity_assembly_id   1 
_em_entity_assembly_naturalsource.cell                 ? 
_em_entity_assembly_naturalsource.cellular_location    ? 
_em_entity_assembly_naturalsource.ncbi_tax_id          1895 
_em_entity_assembly_naturalsource.organ                ? 
_em_entity_assembly_naturalsource.organelle            ? 
_em_entity_assembly_naturalsource.organism             'Streptomyces avidinii' 
_em_entity_assembly_naturalsource.strain               ? 
_em_entity_assembly_naturalsource.tissue               ? 
# 
_em_image_processing.id                   1 
_em_image_processing.image_recording_id   1 
_em_image_processing.details              ? 
# 
_em_image_recording.id                            1 
_em_image_recording.imaging_id                    1 
_em_image_recording.avg_electron_dose_per_image   70 
_em_image_recording.average_exposure_time         1.5 
_em_image_recording.details                       ? 
_em_image_recording.detector_mode                 ? 
_em_image_recording.film_or_detector_model        'GATAN K3 BIOQUANTUM (6k x 4k)' 
_em_image_recording.num_diffraction_images        ? 
_em_image_recording.num_grids_imaged              1 
_em_image_recording.num_real_images               2277 
# 
_em_imaging_optics.id                         1 
_em_imaging_optics.imaging_id                 1 
_em_imaging_optics.chr_aberration_corrector   ? 
_em_imaging_optics.energyfilter_lower         ? 
_em_imaging_optics.energyfilter_name          'GIF Bioquantum' 
_em_imaging_optics.energyfilter_upper         ? 
_em_imaging_optics.energyfilter_slit_width    15 
_em_imaging_optics.phase_plate                ? 
_em_imaging_optics.sph_aberration_corrector   ? 
# 
loop_
_em_software.id 
_em_software.category 
_em_software.details 
_em_software.name 
_em_software.version 
_em_software.image_processing_id 
_em_software.fitting_id 
_em_software.imaging_id 
1  'PARTICLE SELECTION'            ? RELION   3.1      1 ? ? 
2  'IMAGE ACQUISITION'             ? SerialEM ?        ? ? 1 
3  MASKING                         ? ?        ?        ? ? ? 
4  'CTF CORRECTION'                ? CTFFIND  4.1.13   1 ? ? 
5  'LAYERLINE INDEXING'            ? ?        ?        ? ? ? 
6  'DIFFRACTION INDEXING'          ? ?        ?        ? ? ? 
7  'MODEL FITTING'                 ? MOLREP   ?        ? 1 ? 
8  OTHER                           ? ?        ?        ? ? ? 
9  'INITIAL EULER ASSIGNMENT'      ? RELION   3.1      1 ? ? 
10 'FINAL EULER ASSIGNMENT'        ? RELION   3.1      1 ? ? 
11 CLASSIFICATION                  ? ?        ?        1 ? ? 
12 RECONSTRUCTION                  ? RELION   3.1      1 ? ? 
13 'VOLUME SELECTION'              ? ?        ?        1 1 1 
14 'SERIES ALIGNMENT'              ? ?        ?        1 1 1 
15 'MOLECULAR REPLACEMENT'         ? ?        ?        1 1 1 
16 'LATTICE DISTORTION CORRECTION' ? ?        ?        1 1 1 
17 'SYMMETRY DETERMINATION'        ? ?        ?        1 1 1 
18 'CRYSTALLOGRAPHY MERGING'       ? ?        ?        1 1 1 
19 'MODEL REFINEMENT'              ? REFMAC   5.8.0272 ? 1 ? 
# 
_em_specimen.id                      1 
_em_specimen.experiment_id           1 
_em_specimen.concentration           ? 
_em_specimen.details                 ? 
_em_specimen.embedding_applied       NO 
_em_specimen.shadowing_applied       NO 
_em_specimen.staining_applied        NO 
_em_specimen.vitrification_applied   YES 
# 
_pdbx_initial_refinement_model.id               1 
_pdbx_initial_refinement_model.type             'experimental model' 
_pdbx_initial_refinement_model.source_name      PDB 
_pdbx_initial_refinement_model.accession_code   5N7X 
# 
_atom_sites.entry_id                    7DY0 
_atom_sites.Cartn_transf_matrix[1][1]   ? 
_atom_sites.Cartn_transf_matrix[1][2]   ? 
_atom_sites.Cartn_transf_matrix[1][3]   ? 
_atom_sites.Cartn_transf_matrix[2][1]   ? 
_atom_sites.Cartn_transf_matrix[2][2]   ? 
_atom_sites.Cartn_transf_matrix[2][3]   ? 
_atom_sites.Cartn_transf_matrix[3][1]   ? 
_atom_sites.Cartn_transf_matrix[3][2]   ? 
_atom_sites.Cartn_transf_matrix[3][3]   ? 
_atom_sites.Cartn_transf_vector[1]      ? 
_atom_sites.Cartn_transf_vector[2]      ? 
_atom_sites.Cartn_transf_vector[3]      ? 
_atom_sites.fract_transf_matrix[1][1]   1.000000 
_atom_sites.fract_transf_matrix[1][2]   0.000000 
_atom_sites.fract_transf_matrix[1][3]   0.000000 
_atom_sites.fract_transf_matrix[2][1]   0.000000 
_atom_sites.fract_transf_matrix[2][2]   1.000000 
_atom_sites.fract_transf_matrix[2][3]   0.000000 
_atom_sites.fract_transf_matrix[3][1]   0.000000 
_atom_sites.fract_transf_matrix[3][2]   0.000000 
_atom_sites.fract_transf_matrix[3][3]   1.000000 
_atom_sites.fract_transf_vector[1]      0.00000 
_atom_sites.fract_transf_vector[2]      0.00000 
_atom_sites.fract_transf_vector[3]      0.00000 
_atom_sites.solution_primary            ? 
_atom_sites.solution_secondary          ? 
_atom_sites.solution_hydrogens          ? 
_atom_sites.special_details             ? 
# 
loop_
_atom_type.symbol 
_atom_type.pdbx_scat_Z 
_atom_type.pdbx_N_electrons 
_atom_type.scat_Cromer_Mann_a1 
_atom_type.scat_Cromer_Mann_b1 
_atom_type.scat_Cromer_Mann_a2 
_atom_type.scat_Cromer_Mann_b2 
_atom_type.scat_Cromer_Mann_a3 
_atom_type.scat_Cromer_Mann_b3 
_atom_type.scat_Cromer_Mann_a4 
_atom_type.scat_Cromer_Mann_b4 
C 6 6 2.310  20.844 1.020 10.208 1.589 0.569  0.865 51.651 
H 1 1 0.493  10.511 0.323 26.126 0.140 3.142  0.041 57.800 
N 7 7 12.222 0.006  3.135 9.893  2.014 28.997 1.167 0.583  
O 8 8 3.049  13.277 2.287 5.701  1.546 0.324  0.867 32.909 
# 
loop_
_atom_site.group_PDB 
_atom_site.id 
_atom_site.type_symbol 
_atom_site.label_atom_id 
_atom_site.label_alt_id 
_atom_site.label_comp_id 
_atom_site.label_asym_id 
_atom_site.label_entity_id 
_atom_site.label_seq_id 
_atom_site.pdbx_PDB_ins_code 
_atom_site.Cartn_x 
_atom_site.Cartn_y 
_atom_site.Cartn_z 
_atom_site.occupancy 
_atom_site.B_iso_or_equiv 
_atom_site.pdbx_formal_charge 
_atom_site.auth_seq_id 
_atom_site.auth_comp_id 
_atom_site.auth_asym_id 
_atom_site.auth_atom_id 
_atom_site.pdbx_PDB_model_num 
ATOM   1   N N   . GLY A 1 40  ? -6.5897113  -12.2779046 7.3619463   1   57.23  ? 16  GLY A N   1 
ATOM   2   C CA  . GLY A 1 40  ? -6.1746382  -12.7007862 5.9739681   1   53.73  ? 16  GLY A CA  1 
ATOM   3   C C   . GLY A 1 40  ? -5.3102283  -11.6677089 5.2652032   1   46.6   ? 16  GLY A C   1 
ATOM   4   O O   . GLY A 1 40  ? -4.9857436  -11.8973012 4.1003573   1   47.84  ? 16  GLY A O   1 
ATOM   5   N N   . ILE A 1 41  ? -4.9513790  -10.5801607 5.9411796   1   44.06  ? 17  ILE A N   1 
ATOM   6   C CA  . ILE A 1 41  ? -4.1389671  -9.4826865  5.3679369   1   43.44  ? 17  ILE A CA  1 
ATOM   7   C C   . ILE A 1 41  ? -2.7070135  -9.9560634  5.2119753   1   46     ? 17  ILE A C   1 
ATOM   8   O O   . ILE A 1 41  ? -2.1261151  -9.6332325  4.1543420   1   48.92  ? 17  ILE A O   1 
ATOM   9   C CB  . ILE A 1 41  ? -4.2407594  -8.1996074  6.1920955   1   45.22  ? 17  ILE A CB  1 
ATOM   10  C CG1 . ILE A 1 41  ? -5.6605537  -7.6181399  6.0891737   1   45.19  ? 17  ILE A CG1 1 
ATOM   11  C CG2 . ILE A 1 41  ? -3.1891603  -7.1904909  5.7577174   1   48.15  ? 17  ILE A CG2 1 
ATOM   12  C CD1 . ILE A 1 41  ? -6.0263137  -6.6994296  7.2380867   1   43.42  ? 17  ILE A CD1 1 
ATOM   13  N N   . THR A 1 42  ? -2.1407842  -10.6898519 6.1677858   1   41.75  ? 18  THR A N   1 
ATOM   14  C CA  . THR A 1 42  ? -0.7346562  -11.1398572 6.0274383   1   43.65  ? 18  THR A CA  1 
ATOM   15  C C   . THR A 1 42  ? -0.6011294  -11.9405174 4.7297104   1   45.78  ? 18  THR A C   1 
ATOM   16  O O   . THR A 1 42  ? -1.4290032  -12.8561978 4.5242247   1   52.33  ? 18  THR A O   1 
ATOM   17  C CB  . THR A 1 42  ? -0.2773968  -11.9551181 7.2334024   1   44.67  ? 18  THR A CB  1 
ATOM   18  O OG1 . THR A 1 42  ? -0.2692361  -11.1117556 8.3856307   1   45.12  ? 18  THR A OG1 1 
ATOM   19  C CG2 . THR A 1 42  ? 1.1022232   -12.5283052 7.0461338   1   45.94  ? 18  THR A CG2 1 
ATOM   20  N N   . GLY A 1 43  ? 0.3802722   -11.6198434 3.8886562   1   43.56  ? 19  GLY A N   1 
ATOM   21  C CA  . GLY A 1 43  ? 0.6689815   -12.3998078 2.6679743   1   43.98  ? 19  GLY A CA  1 
ATOM   22  C C   . GLY A 1 43  ? 1.2806641   -11.5563026 1.5644217   1   42.92  ? 19  GLY A C   1 
ATOM   23  O O   . GLY A 1 43  ? 1.6839993   -10.4247729 1.8367217   1   46.94  ? 19  GLY A O   1 
ATOM   24  N N   . THR A 1 44  ? 1.4072295   -12.1126339 0.3697324   1   42.73  ? 20  THR A N   1 
ATOM   25  C CA  . THR A 1 44  ? 1.8719007   -11.3867996 -0.8299202  1   42.82  ? 20  THR A CA  1 
ATOM   26  C C   . THR A 1 44  ? 0.6527849   -11.0309472 -1.6671368  1   43.23  ? 20  THR A C   1 
ATOM   27  O O   . THR A 1 44  ? -0.1509891  -11.9150598 -2.0022746  1   49.26  ? 20  THR A O   1 
ATOM   28  C CB  . THR A 1 44  ? 2.8933884   -12.1895599 -1.6366623  1   41.85  ? 20  THR A CB  1 
ATOM   29  O OG1 . THR A 1 44  ? 3.9646754   -12.5120838 -0.7567740  1   46.08  ? 20  THR A OG1 1 
ATOM   30  C CG2 . THR A 1 44  ? 3.4679583   -11.4022832 -2.7777647  1   40.64  ? 20  THR A CG2 1 
ATOM   31  N N   . TRP A 1 45  ? 0.5594570   -9.7687739  -2.0194030  1   42.99  ? 21  TRP A N   1 
ATOM   32  C CA  . TRP A 1 45  ? -0.5576801  -9.1650098  -2.7698667  1   38.86  ? 21  TRP A CA  1 
ATOM   33  C C   . TRP A 1 45  ? 0.0224314   -8.5311502  -4.0237054  1   36.73  ? 21  TRP A C   1 
ATOM   34  O O   . TRP A 1 45  ? 1.1266816   -7.9525395  -3.9428839  1   41.63  ? 21  TRP A O   1 
ATOM   35  C CB  . TRP A 1 45  ? -1.1692183  -8.0951806  -1.8761265  1   40.14  ? 21  TRP A CB  1 
ATOM   36  C CG  . TRP A 1 45  ? -1.8780359  -8.6282119  -0.6871293  1   39.69  ? 21  TRP A CG  1 
ATOM   37  C CD1 . TRP A 1 45  ? -1.3682043  -8.8560915  0.5547413   1   41.68  ? 21  TRP A CD1 1 
ATOM   38  C CD2 . TRP A 1 45  ? -3.2609973  -9.0044020  -0.6410026  1   41.68  ? 21  TRP A CD2 1 
ATOM   39  N NE1 . TRP A 1 45  ? -2.3431167  -9.3627515  1.3692414   1   39.59  ? 21  TRP A NE1 1 
ATOM   40  C CE2 . TRP A 1 45  ? -3.5198065  -9.4437484  0.6781469   1   41.91  ? 21  TRP A CE2 1 
ATOM   41  C CE3 . TRP A 1 45  ? -4.2914957  -9.0093986  -1.5835211  1   40.73  ? 21  TRP A CE3 1 
ATOM   42  C CZ2 . TRP A 1 45  ? -4.7673526  -9.9210689  1.0727910   1   41.38  ? 21  TRP A CZ2 1 
ATOM   43  C CZ3 . TRP A 1 45  ? -5.5192408  -9.4701735  -1.1892819  1   42.28  ? 21  TRP A CZ3 1 
ATOM   44  C CH2 . TRP A 1 45  ? -5.7581871  -9.9062726  0.1200738   1   44.56  ? 21  TRP A CH2 1 
ATOM   45  N N   . TYR A 1 46  ? -0.6889254  -8.5991058  -5.1177852  1   35.34  ? 22  TYR A N   1 
ATOM   46  C CA  . TYR A 1 46  ? -0.2723026  -8.0618954  -6.4317853  1   39.45  ? 22  TYR A CA  1 
ATOM   47  C C   . TYR A 1 46  ? -1.3370796  -7.0731654  -6.8852124  1   38.6   ? 22  TYR A C   1 
ATOM   48  O O   . TYR A 1 46  ? -2.5612599  -7.3837349  -6.7902851  1   39.75  ? 22  TYR A O   1 
ATOM   49  C CB  . TYR A 1 46  ? -0.1322373  -9.2076322  -7.4479811  1   41.38  ? 22  TYR A CB  1 
ATOM   50  C CG  . TYR A 1 46  ? 0.8067793   -10.2944397 -7.0215563  1   46.95  ? 22  TYR A CG  1 
ATOM   51  C CD1 . TYR A 1 46  ? 2.1779136   -10.1603313 -7.1901109  1   51.31  ? 22  TYR A CD1 1 
ATOM   52  C CD2 . TYR A 1 46  ? 0.3188231   -11.4226493 -6.3791048  1   52.55  ? 22  TYR A CD2 1 
ATOM   53  C CE1 . TYR A 1 46  ? 3.0470983   -11.1453390 -6.7473988  1   53.53  ? 22  TYR A CE1 1 
ATOM   54  C CE2 . TYR A 1 46  ? 1.1826972   -12.4137898 -5.9404157  1   56.17  ? 22  TYR A CE2 1 
ATOM   55  C CZ  . TYR A 1 46  ? 2.5504746   -12.2812441 -6.1344711  1   54.24  ? 22  TYR A CZ  1 
ATOM   56  O OH  . TYR A 1 46  ? 3.4111345   -13.2661244 -5.7082911  1   58.52  ? 22  TYR A OH  1 
ATOM   57  N N   . ASN A 1 47  ? -0.9180501  -5.9169215  -7.3670582  1   39.49  ? 23  ASN A N   1 
ATOM   58  C CA  . ASN A 1 47  ? -1.8724236  -4.9266402  -7.9173856  1   43.97  ? 23  ASN A CA  1 
ATOM   59  C C   . ASN A 1 47  ? -2.0471886  -5.2540260  -9.3976443  1   48.22  ? 23  ASN A C   1 
ATOM   60  O O   . ASN A 1 47  ? -1.3274717  -6.1483362  -9.9008637  1   47.68  ? 23  ASN A O   1 
ATOM   61  C CB  . ASN A 1 47  ? -1.4435917  -3.5032348  -7.5460177  1   50.14  ? 23  ASN A CB  1 
ATOM   62  C CG  . ASN A 1 47  ? -0.4494431  -2.8550443  -8.4726609  1   49.84  ? 23  ASN A CG  1 
ATOM   63  O OD1 . ASN A 1 47  ? 0.1513394   -3.4992392  -9.3234619  1   49.82  ? 23  ASN A OD1 1 
ATOM   64  N ND2 . ASN A 1 47  ? -0.2414169  -1.5738198  -8.2584884  1   56.97  ? 23  ASN A ND2 1 
ATOM   65  N N   . GLN A 1 48  ? -2.9322364  -4.5400985  -10.0954522 1   60.95  ? 24  GLN A N   1 
ATOM   66  C CA  . GLN A 1 48  ? -3.1814481  -4.7467584  -11.5526036 1   70.64  ? 24  GLN A CA  1 
ATOM   67  C C   . GLN A 1 48  ? -1.8950874  -4.4504384  -12.3280774 1   72.64  ? 24  GLN A C   1 
ATOM   68  O O   . GLN A 1 48  ? -1.4795041  -5.3017094  -13.1302807 1   85.28  ? 24  GLN A O   1 
ATOM   69  C CB  . GLN A 1 48  ? -4.3263096  -3.8707883  -12.0515572 1   83.24  ? 24  GLN A CB  1 
ATOM   70  C CG  . GLN A 1 48  ? -5.6853769  -4.3038685  -11.5192221 1   102.07 ? 24  GLN A CG  1 
ATOM   71  C CD  . GLN A 1 48  ? -6.8418579  -3.5836575  -12.1718023 1   122.16 ? 24  GLN A CD  1 
ATOM   72  O OE1 . GLN A 1 48  ? -6.6957462  -2.8984752  -13.1847591 1   132.47 ? 24  GLN A OE1 1 
ATOM   73  N NE2 . GLN A 1 48  ? -8.0205552  -3.7464093  -11.5919356 1   129.36 ? 24  GLN A NE2 1 
ATOM   74  N N   . LEU A 1 49  ? -1.2592877  -3.3165391  -12.0378977 1   72.58  ? 25  LEU A N   1 
ATOM   75  C CA  . LEU A 1 49  ? -0.0787266  -2.7929472  -12.7753331 1   74.46  ? 25  LEU A CA  1 
ATOM   76  C C   . LEU A 1 49  ? 1.1274376   -3.7313359  -12.6342606 1   71.41  ? 25  LEU A C   1 
ATOM   77  O O   . LEU A 1 49  ? 2.0702493   -3.5651264  -13.4155944 1   81.46  ? 25  LEU A O   1 
ATOM   78  C CB  . LEU A 1 49  ? 0.2647114   -1.3902248  -12.2609509 1   77.52  ? 25  LEU A CB  1 
ATOM   79  C CG  . LEU A 1 49  ? -0.8369375  -0.3334905  -12.4054656 1   86.87  ? 25  LEU A CG  1 
ATOM   80  C CD1 . LEU A 1 49  ? -0.3168115  1.0422755   -12.0106481 1   89.02  ? 25  LEU A CD1 1 
ATOM   81  C CD2 . LEU A 1 49  ? -1.4030684  -0.3071139  -13.8196498 1   85.68  ? 25  LEU A CD2 1 
ATOM   82  N N   . GLY A 1 50  ? 1.1028519   -4.6674181  -11.6903164 1   67.97  ? 26  GLY A N   1 
ATOM   83  C CA  . GLY A 1 50  ? 2.1740402   -5.6548606  -11.4906672 1   69.71  ? 26  GLY A CA  1 
ATOM   84  C C   . GLY A 1 50  ? 3.0961983   -5.3234103  -10.3206441 1   64.73  ? 26  GLY A C   1 
ATOM   85  O O   . GLY A 1 50  ? 4.1434237   -5.9778929  -10.2012224 1   63.54  ? 26  GLY A O   1 
ATOM   86  N N   . SER A 1 51  ? 2.7109145   -4.3965490  -9.4427502  1   57.49  ? 27  SER A N   1 
ATOM   87  C CA  . SER A 1 51  ? 3.4372622   -4.1325990  -8.1790520  1   55.53  ? 27  SER A CA  1 
ATOM   88  C C   . SER A 1 51  ? 3.0800502   -5.2009392  -7.1501983  1   50.4   ? 27  SER A C   1 
ATOM   89  O O   . SER A 1 51  ? 1.9929481   -5.7408781  -7.2226278  1   50.92  ? 27  SER A O   1 
ATOM   90  C CB  . SER A 1 51  ? 3.2052346   -2.7521342  -7.6771972  1   58.07  ? 27  SER A CB  1 
ATOM   91  O OG  . SER A 1 51  ? 3.7928883   -1.8220171  -8.5850179  1   70.13  ? 27  SER A OG  1 
ATOM   92  N N   . THR A 1 52  ? 4.0067315   -5.4738325  -6.2435710  1   49.79  ? 28  THR A N   1 
ATOM   93  C CA  . THR A 1 52  ? 3.9244154   -6.5604074  -5.2455515  1   52.86  ? 28  THR A CA  1 
ATOM   94  C C   . THR A 1 52  ? 4.0888691   -5.9498503  -3.8639521  1   48.92  ? 28  THR A C   1 
ATOM   95  O O   . THR A 1 52  ? 5.0478973   -5.2061068  -3.6579797  1   45.4   ? 28  THR A O   1 
ATOM   96  C CB  . THR A 1 52  ? 4.9855504   -7.6361483  -5.4757039  1   52.06  ? 28  THR A CB  1 
ATOM   97  O OG1 . THR A 1 52  ? 4.8405337   -8.0319379  -6.8342788  1   61.13  ? 28  THR A OG1 1 
ATOM   98  C CG2 . THR A 1 52  ? 4.8096961   -8.8274626  -4.5693809  1   55.24  ? 28  THR A CG2 1 
ATOM   99  N N   . PHE A 1 53  ? 3.1964185   -6.3116393  -2.9560900  1   45.13  ? 29  PHE A N   1 
ATOM   100 C CA  . PHE A 1 53  ? 3.1340090   -5.8019792  -1.5658941  1   44.8   ? 29  PHE A CA  1 
ATOM   101 C C   . PHE A 1 53  ? 3.2287911   -7.0460823  -0.6954915  1   40.86  ? 29  PHE A C   1 
ATOM   102 O O   . PHE A 1 53  ? 2.3456976   -7.9204426  -0.8336539  1   38.18  ? 29  PHE A O   1 
ATOM   103 C CB  . PHE A 1 53  ? 1.8738413   -4.9184123  -1.5448951  1   53.33  ? 29  PHE A CB  1 
ATOM   104 C CG  . PHE A 1 53  ? 1.0849306   -4.7199001  -0.2821078  1   55.86  ? 29  PHE A CG  1 
ATOM   105 C CD1 . PHE A 1 53  ? -0.1150449  -5.3782750  -0.1114868  1   64.48  ? 29  PHE A CD1 1 
ATOM   106 C CD2 . PHE A 1 53  ? 1.4244722   -3.7526212  0.6476944   1   67.24  ? 29  PHE A CD2 1 
ATOM   107 C CE1 . PHE A 1 53  ? -0.8950276  -5.1723131  1.0155552   1   67.39  ? 29  PHE A CE1 1 
ATOM   108 C CE2 . PHE A 1 53  ? 0.6292095   -3.5124641  1.7653977   1   68.11  ? 29  PHE A CE2 1 
ATOM   109 C CZ  . PHE A 1 53  ? -0.5301274  -4.2321613  1.9534852   1   68.25  ? 29  PHE A CZ  1 
ATOM   110 N N   . ILE A 1 54  ? 4.3191472   -7.2036510  0.0506839   1   40.91  ? 30  ILE A N   1 
ATOM   111 C CA  . ILE A 1 54  ? 4.4455248   -8.2693561  1.0799508   1   43.87  ? 30  ILE A CA  1 
ATOM   112 C C   . ILE A 1 54  ? 4.1713503   -7.6264978  2.4322938   1   41.18  ? 30  ILE A C   1 
ATOM   113 O O   . ILE A 1 54  ? 4.7705343   -6.5875285  2.6985235   1   41.5   ? 30  ILE A O   1 
ATOM   114 C CB  . ILE A 1 54  ? 5.8078382   -8.9791438  1.0141513   1   47.72  ? 30  ILE A CB  1 
ATOM   115 C CG1 . ILE A 1 54  ? 6.0472787   -9.5711168  -0.3699131  1   53.78  ? 30  ILE A CG1 1 
ATOM   116 C CG2 . ILE A 1 54  ? 5.8530183   -10.0614316 2.0602993   1   47.52  ? 30  ILE A CG2 1 
ATOM   117 C CD1 . ILE A 1 54  ? 6.8455766   -8.6764696  -1.2725447  1   61.84  ? 30  ILE A CD1 1 
ATOM   118 N N   . VAL A 1 55  ? 3.2057257   -8.1289838  3.1923759   1   42.02  ? 31  VAL A N   1 
ATOM   119 C CA  . VAL A 1 55  ? 2.7445551   -7.4184459  4.4214270   1   44.17  ? 31  VAL A CA  1 
ATOM   120 C C   . VAL A 1 55  ? 2.5865915   -8.4312400  5.5450365   1   43.21  ? 31  VAL A C   1 
ATOM   121 O O   . VAL A 1 55  ? 2.2435783   -9.5682270  5.2854434   1   47.31  ? 31  VAL A O   1 
ATOM   122 C CB  . VAL A 1 55  ? 1.4568280   -6.5948204  4.1844017   1   45.79  ? 31  VAL A CB  1 
ATOM   123 C CG1 . VAL A 1 55  ? 0.2426108   -7.4558791  3.9708985   1   45.59  ? 31  VAL A CG1 1 
ATOM   124 C CG2 . VAL A 1 55  ? 1.1849510   -5.6331390  5.3233424   1   45.07  ? 31  VAL A CG2 1 
ATOM   125 N N   . THR A 1 56  ? 2.8679360   -7.9910247  6.7565941   1   45.62  ? 32  THR A N   1 
ATOM   126 C CA  . THR A 1 56  ? 2.5208187   -8.6936522  8.0023285   1   50.36  ? 32  THR A CA  1 
ATOM   127 C C   . THR A 1 56  ? 1.5230582   -7.8272179  8.7679287   1   47.23  ? 32  THR A C   1 
ATOM   128 O O   . THR A 1 56  ? 1.8397377   -6.6639471  9.0212211   1   45.41  ? 32  THR A O   1 
ATOM   129 C CB  . THR A 1 56  ? 3.7559879   -8.9584449  8.8704389   1   59.02  ? 32  THR A CB  1 
ATOM   130 O OG1 . THR A 1 56  ? 4.6697948   -9.7686628  8.1264841   1   64.95  ? 32  THR A OG1 1 
ATOM   131 C CG2 . THR A 1 56  ? 3.3898660   -9.6312940  10.1788876  1   65.26  ? 32  THR A CG2 1 
ATOM   132 N N   . ALA A 1 57  ? 0.3815645   -8.3982013  9.1310585   1   49.61  ? 33  ALA A N   1 
ATOM   133 C CA  . ALA A 1 57  ? -0.6421736  -7.7916122  10.0036850  1   50.01  ? 33  ALA A CA  1 
ATOM   134 C C   . ALA A 1 57  ? -0.4266607  -8.3212678  11.4237290  1   50.76  ? 33  ALA A C   1 
ATOM   135 O O   . ALA A 1 57  ? -0.7329412  -9.4962151  11.6686701  1   62.3   ? 33  ALA A O   1 
ATOM   136 C CB  . ALA A 1 57  ? -2.0100337  -8.1100854  9.4643830   1   46.46  ? 33  ALA A CB  1 
ATOM   137 N N   . GLY A 1 58  ? 0.1031929   -7.4914656  12.3133747  1   53.55  ? 34  GLY A N   1 
ATOM   138 C CA  . GLY A 1 58  ? 0.3016785   -7.8128719  13.7394474  1   58.26  ? 34  GLY A CA  1 
ATOM   139 C C   . GLY A 1 58  ? -0.9643642  -7.6259033  14.5485115  1   62.99  ? 34  GLY A C   1 
ATOM   140 O O   . GLY A 1 58  ? -1.8113694  -6.8245256  14.1352298  1   67.74  ? 34  GLY A O   1 
ATOM   141 N N   . ALA A 1 59  ? -1.0809811  -8.3388385  15.6722241  1   68.55  ? 35  ALA A N   1 
ATOM   142 C CA  . ALA A 1 59  ? -2.2688654  -8.3793334  16.5630535  1   68.64  ? 35  ALA A CA  1 
ATOM   143 C C   . ALA A 1 59  ? -2.6267262  -6.9796336  17.1035089  1   68.95  ? 35  ALA A C   1 
ATOM   144 O O   . ALA A 1 59  ? -3.7892852  -6.7705583  17.4700795  1   69.99  ? 35  ALA A O   1 
ATOM   145 C CB  . ALA A 1 59  ? -1.9980030  -9.3493178  17.6829610  1   71.11  ? 35  ALA A CB  1 
ATOM   146 N N   . ASP A 1 60  ? -1.6639140  -6.0562371  17.1054311  1   64.4   ? 36  ASP A N   1 
ATOM   147 C CA  . ASP A 1 60  ? -1.7606098  -4.6875169  17.6675217  1   62.75  ? 36  ASP A CA  1 
ATOM   148 C C   . ASP A 1 60  ? -2.2755110  -3.6651828  16.6413133  1   57.81  ? 36  ASP A C   1 
ATOM   149 O O   . ASP A 1 60  ? -2.2292432  -2.4271350  16.9533837  1   63.59  ? 36  ASP A O   1 
ATOM   150 C CB  . ASP A 1 60  ? -0.3686104  -4.2518420  18.1479165  1   71.49  ? 36  ASP A CB  1 
ATOM   151 C CG  . ASP A 1 60  ? 0.7252093   -4.2656350  17.0822137  1   71.12  ? 36  ASP A CG  1 
ATOM   152 O OD1 . ASP A 1 60  ? 0.4742847   -4.8032936  15.9820314  1   73.7   ? 36  ASP A OD1 1 
ATOM   153 O OD2 . ASP A 1 60  ? 1.8201408   -3.7310624  17.3528373  1   75.69  ? 36  ASP A OD2 1 
ATOM   154 N N   . GLY A 1 61  ? -2.6344918  -4.0950055  15.4363585  1   46.71  ? 37  GLY A N   1 
ATOM   155 C CA  . GLY A 1 61  ? -3.0340161  -3.1681432  14.3581472  1   46.63  ? 37  GLY A CA  1 
ATOM   156 C C   . GLY A 1 61  ? -1.9108097  -2.7042828  13.4404769  1   41.63  ? 37  GLY A C   1 
ATOM   157 O O   . GLY A 1 61  ? -2.2218368  -1.9748549  12.5121218  1   43.89  ? 37  GLY A O   1 
ATOM   158 N N   . ALA A 1 62  ? -0.6697695  -3.1461581  13.6202558  1   38.93  ? 38  ALA A N   1 
ATOM   159 C CA  . ALA A 1 62  ? 0.4836152   -2.7102564  12.7988330  1   37.53  ? 38  ALA A CA  1 
ATOM   160 C C   . ALA A 1 62  ? 0.5340148   -3.4742216  11.4594476  1   36.67  ? 38  ALA A C   1 
ATOM   161 O O   . ALA A 1 62  ? 0.3062614   -4.6786104  11.4470005  1   37.88  ? 38  ALA A O   1 
ATOM   162 C CB  . ALA A 1 62  ? 1.7526527   -2.9209926  13.5731360  1   38.97  ? 38  ALA A CB  1 
ATOM   163 N N   . LEU A 1 63  ? 0.7657126   -2.7719582  10.3435139  1   36.84  ? 39  LEU A N   1 
ATOM   164 C CA  . LEU A 1 63  ? 1.2117715   -3.3658348  9.0453051   1   35.32  ? 39  LEU A CA  1 
ATOM   165 C C   . LEU A 1 63  ? 2.6840724   -3.0036480  8.8740050   1   36.73  ? 39  LEU A C   1 
ATOM   166 O O   . LEU A 1 63  ? 3.0563705   -1.8193403  9.0911582   1   37.9   ? 39  LEU A O   1 
ATOM   167 C CB  . LEU A 1 63  ? 0.4090123   -2.7916491  7.8764581   1   35.63  ? 39  LEU A CB  1 
ATOM   168 C CG  . LEU A 1 63  ? -1.0940811  -2.9932173  7.9138945   1   36.31  ? 39  LEU A CG  1 
ATOM   169 C CD1 . LEU A 1 63  ? -1.7434768  -2.3353246  6.7122788   1   36.46  ? 39  LEU A CD1 1 
ATOM   170 C CD2 . LEU A 1 63  ? -1.4110448  -4.4703090  7.9397839   1   37.9   ? 39  LEU A CD2 1 
ATOM   171 N N   . THR A 1 64  ? 3.5013529   -3.9980206  8.5715190   1   40.61  ? 40  THR A N   1 
ATOM   172 C CA  . THR A 1 64  ? 4.9045650   -3.8059152  8.1578616   1   44.04  ? 40  THR A CA  1 
ATOM   173 C C   . THR A 1 64  ? 5.1338590   -4.6334616  6.9032122   1   40.82  ? 40  THR A C   1 
ATOM   174 O O   . THR A 1 64  ? 4.4950733   -5.6819524  6.7291293   1   37.46  ? 40  THR A O   1 
ATOM   175 C CB  . THR A 1 64  ? 5.8862785   -4.2138069  9.2597858   1   51.38  ? 40  THR A CB  1 
ATOM   176 O OG1 . THR A 1 64  ? 5.9551875   -5.6393128  9.2663842   1   57.63  ? 40  THR A OG1 1 
ATOM   177 C CG2 . THR A 1 64  ? 5.4763702   -3.7135404  10.6271268  1   59.8   ? 40  THR A CG2 1 
ATOM   178 N N   . GLY A 1 65  ? 6.0468520   -4.1863504  6.0730620   1   36.93  ? 41  GLY A N   1 
ATOM   179 C CA  . GLY A 1 65  ? 6.3871209   -4.9883724  4.9041977   1   35.82  ? 41  GLY A CA  1 
ATOM   180 C C   . GLY A 1 65  ? 7.1630006   -4.1959056  3.8816846   1   35.64  ? 41  GLY A C   1 
ATOM   181 O O   . GLY A 1 65  ? 7.7886407   -3.2030421  4.2195686   1   35.06  ? 41  GLY A O   1 
ATOM   182 N N   . THR A 1 66  ? 7.0707914   -4.6500293  2.6551798   1   35.3   ? 42  THR A N   1 
ATOM   183 C CA  . THR A 1 66  ? 7.8538768   -4.1342169  1.5296160   1   40.21  ? 42  THR A CA  1 
ATOM   184 C C   . THR A 1 66  ? 6.9119133   -3.9455207  0.3718149   1   35.62  ? 42  THR A C   1 
ATOM   185 O O   . THR A 1 66  ? 5.9884300   -4.7640682  0.1464538   1   40.98  ? 42  THR A O   1 
ATOM   186 C CB  . THR A 1 66  ? 9.0396476   -5.0404239  1.1486718   1   43.68  ? 42  THR A CB  1 
ATOM   187 O OG1 . THR A 1 66  ? 8.5759777   -6.3590654  0.8552324   1   50.47  ? 42  THR A OG1 1 
ATOM   188 C CG2 . THR A 1 66  ? 10.0674230  -5.1152293  2.2559635   1   44.09  ? 42  THR A CG2 1 
ATOM   189 N N   . TYR A 1 67  ? 7.1396854   -2.8818619  -0.3495255  1   36.39  ? 43  TYR A N   1 
ATOM   190 C CA  . TYR A 1 67  ? 6.3986305   -2.6435755  -1.5846543  1   38.98  ? 43  TYR A CA  1 
ATOM   191 C C   . TYR A 1 67  ? 7.4379945   -2.7313682  -2.6692413  1   40.88  ? 43  TYR A C   1 
ATOM   192 O O   . TYR A 1 67  ? 8.4942440   -2.1482019  -2.5046570  1   42.41  ? 43  TYR A O   1 
ATOM   193 C CB  . TYR A 1 67  ? 5.6772906   -1.3137944  -1.5162077  1   38.89  ? 43  TYR A CB  1 
ATOM   194 C CG  . TYR A 1 67  ? 4.6450969   -1.1697108  -2.5845761  1   38.92  ? 43  TYR A CG  1 
ATOM   195 C CD1 . TYR A 1 67  ? 3.3129297   -1.4458640  -2.3162927  1   41.12  ? 43  TYR A CD1 1 
ATOM   196 C CD2 . TYR A 1 67  ? 5.0050051   -0.7306099  -3.8498838  1   38.07  ? 43  TYR A CD2 1 
ATOM   197 C CE1 . TYR A 1 67  ? 2.3551574   -1.2753873  -3.2999212  1   41.91  ? 43  TYR A CE1 1 
ATOM   198 C CE2 . TYR A 1 67  ? 4.0396587   -0.4734573  -4.8084942  1   40.93  ? 43  TYR A CE2 1 
ATOM   199 C CZ  . TYR A 1 67  ? 2.7134498   -0.7448378  -4.5255234  1   41.19  ? 43  TYR A CZ  1 
ATOM   200 O OH  . TYR A 1 67  ? 1.7565420   -0.5559319  -5.4695335  1   49.39  ? 43  TYR A OH  1 
ATOM   201 N N   . GLU A 1 68  ? 7.1255073   -3.4507875  -3.7307311  1   48.35  ? 44  GLU A N   1 
ATOM   202 C CA  . GLU A 1 68  ? 7.9984132   -3.5793360  -4.9174929  1   57.29  ? 44  GLU A CA  1 
ATOM   203 C C   . GLU A 1 68  ? 7.2667025   -2.9502608  -6.0838410  1   60.72  ? 44  GLU A C   1 
ATOM   204 O O   . GLU A 1 68  ? 6.2091239   -3.4564955  -6.4298219  1   62.35  ? 44  GLU A O   1 
ATOM   205 C CB  . GLU A 1 68  ? 8.3275612   -5.0368401  -5.1638900  1   61.58  ? 44  GLU A CB  1 
ATOM   206 C CG  . GLU A 1 68  ? 9.4871092   -5.2192441  -6.1043087  1   76.29  ? 44  GLU A CG  1 
ATOM   207 C CD  . GLU A 1 68  ? 10.0769209  -6.6179962  -6.0580411  1   88.7   ? 44  GLU A CD  1 
ATOM   208 O OE1 . GLU A 1 68  ? 9.3394612   -7.5730734  -6.3785014  1   93.61  ? 44  GLU A OE1 1 
ATOM   209 O OE2 . GLU A 1 68  ? 11.2728267  -6.7534286  -5.7089087  1   94.59  ? 44  GLU A OE2 1 
ATOM   210 N N   . SER A 1 69  ? 7.7485133   -1.8347938  -6.6090199  1   75.8   ? 45  SER A N   1 
ATOM   211 C CA  . SER A 1 69  ? 7.2908430   -1.3596236  -7.9387910  1   96.57  ? 45  SER A CA  1 
ATOM   212 C C   . SER A 1 69  ? 7.6382772   -2.4702013  -8.9430283  1   109.1  ? 45  SER A C   1 
ATOM   213 O O   . SER A 1 69  ? 8.5477849   -3.2606396  -8.6418572  1   98.33  ? 45  SER A O   1 
ATOM   214 C CB  . SER A 1 69  ? 7.8651547   -0.0144782  -8.2866977  1   102.66 ? 45  SER A CB  1 
ATOM   215 O OG  . SER A 1 69  ? 7.0986536   1.0137576   -7.6710987  1   100.95 ? 45  SER A OG  1 
ATOM   216 N N   . ALA A 1 70  ? 6.9191619   -2.5583456  -10.0609664 1   134.77 ? 46  ALA A N   1 
ATOM   217 C CA  . ALA A 1 70  ? 6.7059439   -3.7946577  -10.8647192 1   161.06 ? 46  ALA A CA  1 
ATOM   218 C C   . ALA A 1 70  ? 7.9763004   -4.6230351  -11.1799228 1   180.28 ? 46  ALA A C   1 
ATOM   219 O O   . ALA A 1 70  ? 7.7877260   -5.8177611  -11.5068944 1   184.91 ? 46  ALA A O   1 
ATOM   220 C CB  . ALA A 1 70  ? 5.9798229   -3.4325654  -12.1365370 1   164.89 ? 46  ALA A CB  1 
ATOM   221 N N   . VAL A 1 71  ? 9.1970802   -4.0686622  -11.1006423 1   194.89 ? 47  VAL A N   1 
ATOM   222 C CA  . VAL A 1 71  ? 10.4577702  -4.6757757  -11.6516549 1   204.22 ? 47  VAL A CA  1 
ATOM   223 C C   . VAL A 1 71  ? 10.7194753  -6.0753558  -11.0583960 1   199.66 ? 47  VAL A C   1 
ATOM   224 O O   . VAL A 1 71  ? 10.8044464  -7.0262005  -11.8629749 1   200.77 ? 47  VAL A O   1 
ATOM   225 C CB  . VAL A 1 71  ? 11.6732282  -3.7437329  -11.4627426 1   211.97 ? 47  VAL A CB  1 
ATOM   226 C CG1 . VAL A 1 71  ? 12.9912038  -4.4544570  -11.7420141 1   212.77 ? 47  VAL A CG1 1 
ATOM   227 C CG2 . VAL A 1 71  ? 11.5594847  -2.4902494  -12.3214204 1   213.27 ? 47  VAL A CG2 1 
ATOM   228 N N   . GLY A 1 72  ? 10.9130214  -6.1991461  -9.7364074  1   188.61 ? 48  GLY A N   1 
ATOM   229 C CA  . GLY A 1 72  ? 11.1618299  -7.4925587  -9.0659983  1   177.61 ? 48  GLY A CA  1 
ATOM   230 C C   . GLY A 1 72  ? 12.6116867  -7.7153739  -8.6534141  1   168.5  ? 48  GLY A C   1 
ATOM   231 O O   . GLY A 1 72  ? 12.9730707  -8.8964418  -8.4895566  1   169.74 ? 48  GLY A O   1 
ATOM   232 N N   . ASN A 1 73  ? 13.4199291  -6.6589515  -8.4777328  1   153.58 ? 49  ASN A N   1 
ATOM   233 C CA  . ASN A 1 73  ? 14.8122017  -6.7690841  -7.9486338  1   140.79 ? 49  ASN A CA  1 
ATOM   234 C C   . ASN A 1 73  ? 14.9381049  -5.9672078  -6.6432500  1   127.09 ? 49  ASN A C   1 
ATOM   235 O O   . ASN A 1 73  ? 13.9917886  -5.2257958  -6.2948655  1   131.29 ? 49  ASN A O   1 
ATOM   236 C CB  . ASN A 1 73  ? 15.8651855  -6.4305237  -9.0136122  1   147.78 ? 49  ASN A CB  1 
ATOM   237 C CG  . ASN A 1 73  ? 15.7407891  -5.0586600  -9.6481881  1   152.9  ? 49  ASN A CG  1 
ATOM   238 O OD1 . ASN A 1 73  ? 15.2057070  -4.1233266  -9.0592418  1   143.69 ? 49  ASN A OD1 1 
ATOM   239 N ND2 . ASN A 1 73  ? 16.2686545  -4.9178580  -10.8537199 1   161    ? 49  ASN A ND2 1 
ATOM   240 N N   . ALA A 1 74  ? 16.0545143  -6.1470272  -5.9273751  1   114.25 ? 50  ALA A N   1 
ATOM   241 C CA  . ALA A 1 74  ? 16.3585521  -5.5154967  -4.6175907  1   109.83 ? 50  ALA A CA  1 
ATOM   242 C C   . ALA A 1 74  ? 16.2664569  -3.9906394  -4.7286338  1   99.23  ? 50  ALA A C   1 
ATOM   243 O O   . ALA A 1 74  ? 15.7841364  -3.3596629  -3.7741891  1   90.64  ? 50  ALA A O   1 
ATOM   244 C CB  . ALA A 1 74  ? 17.7278837  -5.9310560  -4.1322438  1   116.92 ? 50  ALA A CB  1 
ATOM   245 N N   . GLU A 1 75  ? 16.6924342  -3.4469868  -5.8726575  1   94.72  ? 51  GLU A N   1 
ATOM   246 C CA  . GLU A 1 75  ? 16.7380630  -1.9987813  -6.1940683  1   86.96  ? 51  GLU A CA  1 
ATOM   247 C C   . GLU A 1 75  ? 15.3270230  -1.4032750  -6.1867709  1   76.13  ? 51  GLU A C   1 
ATOM   248 O O   . GLU A 1 75  ? 15.1987473  -0.1735548  -6.0795205  1   62.45  ? 51  GLU A O   1 
ATOM   249 C CB  . GLU A 1 75  ? 17.3926701  -1.7697238  -7.5605116  1   100.53 ? 51  GLU A CB  1 
ATOM   250 C CG  . GLU A 1 75  ? 18.8648728  -2.1535249  -7.6125974  1   118.12 ? 51  GLU A CG  1 
ATOM   251 C CD  . GLU A 1 75  ? 19.1912150  -3.6085823  -7.9234006  1   131.62 ? 51  GLU A CD  1 
ATOM   252 O OE1 . GLU A 1 75  ? 18.2578409  -4.4374775  -7.9760073  1   134.72 ? 51  GLU A OE1 1 
ATOM   253 O OE2 . GLU A 1 75  ? 20.3897647  -3.9133263  -8.0954406  1   142.81 ? 51  GLU A OE2 1 
ATOM   254 N N   . SER A 1 76  ? 14.2852650  -2.2083152  -6.3737831  1   66.57  ? 52  SER A N   1 
ATOM   255 C CA  . SER A 1 76  ? 12.9259904  -1.6433663  -6.4963648  1   64.89  ? 52  SER A CA  1 
ATOM   256 C C   . SER A 1 76  ? 12.0580347  -2.0382103  -5.2967694  1   54.86  ? 52  SER A C   1 
ATOM   257 O O   . SER A 1 76  ? 10.8390156  -1.9594896  -5.4309981  1   50.25  ? 52  SER A O   1 
ATOM   258 C CB  . SER A 1 76  ? 12.3577135  -1.9870233  -7.8263382  1   69.62  ? 52  SER A CB  1 
ATOM   259 O OG  . SER A 1 76  ? 12.7475040  -0.9897119  -8.7715225  1   72.7   ? 52  SER A OG  1 
ATOM   260 N N   . ARG A 1 77  ? 12.6877623  -2.3240476  -4.1534018  1   47.8   ? 53  ARG A N   1 
ATOM   261 C CA  . ARG A 1 77  ? 12.0232786  -2.6844034  -2.8807467  1   49.2   ? 53  ARG A CA  1 
ATOM   262 C C   . ARG A 1 77  ? 12.0846843  -1.5110541  -1.8937053  1   42.76  ? 53  ARG A C   1 
ATOM   263 O O   . ARG A 1 77  ? 13.1727970  -0.9421608  -1.7148727  1   41.68  ? 53  ARG A O   1 
ATOM   264 C CB  . ARG A 1 77  ? 12.7039435  -3.9115335  -2.2995608  1   55.81  ? 53  ARG A CB  1 
ATOM   265 C CG  . ARG A 1 77  ? 11.8463387  -4.6904953  -1.3209978  1   70.68  ? 53  ARG A CG  1 
ATOM   266 C CD  . ARG A 1 77  ? 11.8303702  -6.1563109  -1.7061556  1   81.97  ? 53  ARG A CD  1 
ATOM   267 N NE  . ARG A 1 77  ? 13.1775738  -6.7090725  -1.7425700  1   89.64  ? 53  ARG A NE  1 
ATOM   268 C CZ  . ARG A 1 77  ? 13.6223019  -7.6236716  -2.6082567  1   105.84 ? 53  ARG A CZ  1 
ATOM   269 N NH1 . ARG A 1 77  ? 12.8361886  -8.1225573  -3.5547195  1   110.72 ? 53  ARG A NH1 1 
ATOM   270 N NH2 . ARG A 1 77  ? 14.8775024  -8.0361079  -2.5261037  1   107.94 ? 53  ARG A NH2 1 
ATOM   271 N N   . TYR A 1 78  ? 10.9502108  -1.1760738  -1.2843588  1   38.5   ? 54  TYR A N   1 
ATOM   272 C CA  . TYR A 1 78  ? 10.7925823  -0.0432805  -0.3420751  1   36.64  ? 54  TYR A CA  1 
ATOM   273 C C   . TYR A 1 78  ? 10.0186678  -0.4684601  0.9073902   1   36.42  ? 54  TYR A C   1 
ATOM   274 O O   . TYR A 1 78  ? 9.0788964   -1.2487205  0.7955491   1   37.61  ? 54  TYR A O   1 
ATOM   275 C CB  . TYR A 1 78  ? 10.0328496  1.0620593   -1.0386404  1   37.58  ? 54  TYR A CB  1 
ATOM   276 C CG  . TYR A 1 78  ? 10.7009941  1.5902767   -2.2548502  1   38.22  ? 54  TYR A CG  1 
ATOM   277 C CD1 . TYR A 1 78  ? 11.5176965  2.7119881   -2.1983190  1   38.4   ? 54  TYR A CD1 1 
ATOM   278 C CD2 . TYR A 1 78  ? 10.4816480  0.9921739   -3.4706192  1   37.55  ? 54  TYR A CD2 1 
ATOM   279 C CE1 . TYR A 1 78  ? 12.1306541  3.1908819   -3.3375770  1   37.88  ? 54  TYR A CE1 1 
ATOM   280 C CE2 . TYR A 1 78  ? 11.0773713  1.4769417   -4.6174584  1   38.53  ? 54  TYR A CE2 1 
ATOM   281 C CZ  . TYR A 1 78  ? 11.9373270  2.5588498   -4.5414375  1   38.37  ? 54  TYR A CZ  1 
ATOM   282 O OH  . TYR A 1 78  ? 12.5069943  3.0833484   -5.6624978  1   41.23  ? 54  TYR A OH  1 
ATOM   283 N N   . VAL A 1 79  ? 10.4092903  0.0168993   2.0689346   1   36.59  ? 55  VAL A N   1 
ATOM   284 C CA  . VAL A 1 79  ? 9.7157454   -0.2763061  3.3603586   1   36.8   ? 55  VAL A CA  1 
ATOM   285 C C   . VAL A 1 79  ? 8.2981973   0.3036438   3.3077424   1   34.7   ? 55  VAL A C   1 
ATOM   286 O O   . VAL A 1 79  ? 8.1541031   1.4879429   2.9488139   1   35.23  ? 55  VAL A O   1 
ATOM   287 C CB  . VAL A 1 79  ? 10.5115584  0.3306266   4.5309950   1   38.82  ? 55  VAL A CB  1 
ATOM   288 C CG1 . VAL A 1 79  ? 9.7008945   0.4121529   5.8201278   1   38.86  ? 55  VAL A CG1 1 
ATOM   289 C CG2 . VAL A 1 79  ? 11.8104762  -0.4078479  4.6999976   1   35.17  ? 55  VAL A CG2 1 
ATOM   290 N N   . LEU A 1 80  ? 7.3001770   -0.5042940  3.6495653   1   35.89  ? 56  LEU A N   1 
ATOM   291 C CA  . LEU A 1 80  ? 5.9120852   -0.0523675  3.8983979   1   37.67  ? 56  LEU A CA  1 
ATOM   292 C C   . LEU A 1 80  ? 5.6008927   -0.1642571  5.3823321   1   36.15  ? 56  LEU A C   1 
ATOM   293 O O   . LEU A 1 80  ? 6.0040284   -1.1800092  5.9857650   1   34.52  ? 56  LEU A O   1 
ATOM   294 C CB  . LEU A 1 80  ? 4.9383634   -0.8195989  2.9994280   1   42.87  ? 56  LEU A CB  1 
ATOM   295 C CG  . LEU A 1 80  ? 4.3334158   -2.1290468  3.4782742   1   46.53  ? 56  LEU A CG  1 
ATOM   296 C CD1 . LEU A 1 80  ? 3.0967406   -1.9732564  4.3729097   1   47.32  ? 56  LEU A CD1 1 
ATOM   297 C CD2 . LEU A 1 80  ? 4.0202337   -2.9311886  2.2403035   1   48.1   ? 56  LEU A CD2 1 
ATOM   298 N N   . THR A 1 81  ? 4.9705286   0.8704127   5.9389115   1   33.53  ? 57  THR A N   1 
ATOM   299 C CA  . THR A 1 81  ? 4.3481851   0.7917614   7.2989496   1   35.72  ? 57  THR A CA  1 
ATOM   300 C C   . THR A 1 81  ? 2.9002485   1.2453004   7.2358062   1   31.96  ? 57  THR A C   1 
ATOM   301 O O   . THR A 1 81  ? 2.5494330   2.0431266   6.3292811   1   37.2   ? 57  THR A O   1 
ATOM   302 C CB  . THR A 1 81  ? 5.1513376   1.5581427   8.3473229   1   38.31  ? 57  THR A CB  1 
ATOM   303 O OG1 . THR A 1 81  ? 4.6375866   1.2589646   9.6394446   1   37.23  ? 57  THR A OG1 1 
ATOM   304 C CG2 . THR A 1 81  ? 5.0669242   3.0542445   8.1876989   1   42.04  ? 57  THR A CG2 1 
ATOM   305 N N   . GLY A 1 82  ? 2.0676206   0.6817666   8.0709819   1   29.32  ? 58  GLY A N   1 
ATOM   306 C CA  . GLY A 1 82  ? 0.6345568   0.9853029   8.0538166   1   29.38  ? 58  GLY A CA  1 
ATOM   307 C C   . GLY A 1 82  ? -0.0729428  0.5686313   9.3202132   1   28.76  ? 58  GLY A C   1 
ATOM   308 O O   . GLY A 1 82  ? 0.5724112   0.0947103   10.2745455  1   30.72  ? 58  GLY A O   1 
ATOM   309 N N   . ARG A 1 83  ? -1.3835710  0.7143029   9.3015455   1   28.25  ? 59  ARG A N   1 
ATOM   310 C CA  . ARG A 1 83  ? -2.3079302  0.3427076   10.3920074  1   29.39  ? 59  ARG A CA  1 
ATOM   311 C C   . ARG A 1 83  ? -3.5238113  -0.3290440  9.7740366   1   29.78  ? 59  ARG A C   1 
ATOM   312 O O   . ARG A 1 83  ? -3.8021126  -0.0789864  8.5876987   1   30.78  ? 59  ARG A O   1 
ATOM   313 C CB  . ARG A 1 83  ? -2.7342560  1.5561447   11.2078620  1   29.67  ? 59  ARG A CB  1 
ATOM   314 C CG  . ARG A 1 83  ? -1.5801528  2.3539991   11.7892192  1   30.48  ? 59  ARG A CG  1 
ATOM   315 C CD  . ARG A 1 83  ? -0.8991026  1.5790780   12.8858426  1   30.48  ? 59  ARG A CD  1 
ATOM   316 N NE  . ARG A 1 83  ? -1.8147446  1.3166001   13.9639999  1   32.46  ? 59  ARG A NE  1 
ATOM   317 C CZ  . ARG A 1 83  ? -1.5794012  0.5507020   15.0108239  1   33.9   ? 59  ARG A CZ  1 
ATOM   318 N NH1 . ARG A 1 83  ? -0.4591538  -0.1259540  15.0982279  1   34.41  ? 59  ARG A NH1 1 
ATOM   319 N NH2 . ARG A 1 83  ? -2.4974352  0.4465208   15.9549721  1   35.95  ? 59  ARG A NH2 1 
ATOM   320 N N   . TYR A 1 84  ? -4.1161360  -1.2613532  10.4922593  1   31.12  ? 60  TYR A N   1 
ATOM   321 C CA  . TYR A 1 84  ? -5.4154563  -1.8745774  10.0970517  1   34.79  ? 60  TYR A CA  1 
ATOM   322 C C   . TYR A 1 84  ? -6.2869967  -2.0196360  11.3531043  1   34.64  ? 60  TYR A C   1 
ATOM   323 O O   . TYR A 1 84  ? -5.7532519  -2.0835701  12.4469613  1   34.19  ? 60  TYR A O   1 
ATOM   324 C CB  . TYR A 1 84  ? -5.2207309  -3.1812329  9.3422587   1   32.27  ? 60  TYR A CB  1 
ATOM   325 C CG  . TYR A 1 84  ? -4.8177153  -4.3151708  10.2276864  1   38.07  ? 60  TYR A CG  1 
ATOM   326 C CD1 . TYR A 1 84  ? -3.5320018  -4.4210299  10.7412967  1   43.11  ? 60  TYR A CD1 1 
ATOM   327 C CD2 . TYR A 1 84  ? -5.7463660  -5.2636243  10.5860074  1   40.3   ? 60  TYR A CD2 1 
ATOM   328 C CE1 . TYR A 1 84  ? -3.1859027  -5.4395702  11.6102047  1   45.1   ? 60  TYR A CE1 1 
ATOM   329 C CE2 . TYR A 1 84  ? -5.4176840  -6.2845828  11.4477880  1   44.69  ? 60  TYR A CE2 1 
ATOM   330 C CZ  . TYR A 1 84  ? -4.1393892  -6.3831623  11.9503997  1   46.15  ? 60  TYR A CZ  1 
ATOM   331 O OH  . TYR A 1 84  ? -3.8749930  -7.4055337  12.8089649  1   50.48  ? 60  TYR A OH  1 
ATOM   332 N N   . ASP A 1 85  ? -7.5890698  -2.0251014  11.1411664  1   35.45  ? 61  ASP A N   1 
ATOM   333 C CA  . ASP A 1 85  ? -8.6134109  -2.3806479  12.1298489  1   43.32  ? 61  ASP A CA  1 
ATOM   334 C C   . ASP A 1 85  ? -8.3918359  -3.8341205  12.5815798  1   44.77  ? 61  ASP A C   1 
ATOM   335 O O   . ASP A 1 85  ? -8.7949461  -4.7374259  11.8586507  1   49.64  ? 61  ASP A O   1 
ATOM   336 C CB  . ASP A 1 85  ? -10.0124627 -2.1232412  11.5698731  1   42.68  ? 61  ASP A CB  1 
ATOM   337 C CG  . ASP A 1 85  ? -11.1299498 -2.3940896  12.5857047  1   51.13  ? 61  ASP A CG  1 
ATOM   338 O OD1 . ASP A 1 85  ? -10.8231910 -2.7374724  13.7507220  1   52.93  ? 61  ASP A OD1 1 
ATOM   339 O OD2 . ASP A 1 85  ? -12.3059149 -2.2405597  12.2249171  1   50.05  ? 61  ASP A OD2 1 
ATOM   340 N N   . SER A 1 86  ? -7.8652377  -4.0371729  13.7858406  1   46.29  ? 62  SER A N   1 
ATOM   341 C CA  . SER A 1 86  ? -7.6161850  -5.3864807  14.3649005  1   55.48  ? 62  SER A CA  1 
ATOM   342 C C   . SER A 1 86  ? -8.9164944  -6.0658325  14.8324375  1   56.85  ? 62  SER A C   1 
ATOM   343 O O   . SER A 1 86  ? -8.8882829  -7.3017127  15.0307280  1   57.41  ? 62  SER A O   1 
ATOM   344 C CB  . SER A 1 86  ? -6.6142523  -5.3464418  15.4955361  1   59.8   ? 62  SER A CB  1 
ATOM   345 O OG  . SER A 1 86  ? -6.1821608  -4.0216324  15.7809901  1   60.99  ? 62  SER A OG  1 
ATOM   346 N N   . ALA A 1 87  ? -10.0108384 -5.3200330  15.0140841  1   55.55  ? 63  ALA A N   1 
ATOM   347 C CA  . ALA A 1 87  ? -11.3093540 -5.8531385  15.4772857  1   53.29  ? 63  ALA A CA  1 
ATOM   348 C C   . ALA A 1 87  ? -12.4206750 -5.4191850  14.5305861  1   50.39  ? 63  ALA A C   1 
ATOM   349 O O   . ALA A 1 87  ? -13.2917097 -4.6558355  14.9002645  1   49.79  ? 63  ALA A O   1 
ATOM   350 C CB  . ALA A 1 87  ? -11.5437632 -5.3708019  16.8851311  1   56.44  ? 63  ALA A CB  1 
ATOM   351 N N   . PRO A 1 88  ? -12.4621844 -5.9178677  13.2859422  1   53.13  ? 64  PRO A N   1 
ATOM   352 C CA  . PRO A 1 88  ? -13.4823098 -5.4849531  12.3283211  1   56.54  ? 64  PRO A CA  1 
ATOM   353 C C   . PRO A 1 88  ? -14.9160231 -5.9353451  12.6420601  1   56.67  ? 64  PRO A C   1 
ATOM   354 O O   . PRO A 1 88  ? -15.1123270 -6.8511695  13.4352943  1   55.13  ? 64  PRO A O   1 
ATOM   355 C CB  . PRO A 1 88  ? -13.0218363 -6.1244984  11.0123474  1   54.5   ? 64  PRO A CB  1 
ATOM   356 C CG  . PRO A 1 88  ? -12.2315868 -7.3246073  11.4526715  1   55.36  ? 64  PRO A CG  1 
ATOM   357 C CD  . PRO A 1 88  ? -11.5393640 -6.9094605  12.7285374  1   51.71  ? 64  PRO A CD  1 
ATOM   358 N N   . ALA A 1 89  ? -15.8830832 -5.2442848  12.0398977  1   58.06  ? 65  ALA A N   1 
ATOM   359 C CA  . ALA A 1 89  ? -17.3304951 -5.4798894  12.2314578  1   63.91  ? 65  ALA A CA  1 
ATOM   360 C C   . ALA A 1 89  ? -17.6619030 -6.8843815  11.7292471  1   69.9   ? 65  ALA A C   1 
ATOM   361 O O   . ALA A 1 89  ? -17.1777428 -7.2395041  10.6354638  1   72.27  ? 65  ALA A O   1 
ATOM   362 C CB  . ALA A 1 89  ? -18.1350514 -4.4211606  11.5157286  1   59.91  ? 65  ALA A CB  1 
ATOM   363 N N   . THR A 1 90  ? -18.4378339 -7.6473995  12.5053424  1   81.4   ? 66  THR A N   1 
ATOM   364 C CA  . THR A 1 90  ? -18.9066278 -9.0190244  12.1671982  1   92.81  ? 66  THR A CA  1 
ATOM   365 C C   . THR A 1 90  ? -20.2922695 -8.9090448  11.5189648  1   94.83  ? 66  THR A C   1 
ATOM   366 O O   . THR A 1 90  ? -21.2901735 -9.3063660  12.1625807  1   107.4  ? 66  THR A O   1 
ATOM   367 C CB  . THR A 1 90  ? -18.8943755 -9.9137351  13.4148073  1   104.59 ? 66  THR A CB  1 
ATOM   368 O OG1 . THR A 1 90  ? -19.7957869 -9.3761719  14.3865379  1   105.26 ? 66  THR A OG1 1 
ATOM   369 C CG2 . THR A 1 90  ? -17.5127398 -10.0407123 14.0196699  1   108.51 ? 66  THR A CG2 1 
ATOM   370 N N   . ASP A 1 91  ? -20.3512913 -8.3468548  10.3113002  1   84.85  ? 67  ASP A N   1 
ATOM   371 C CA  . ASP A 1 91  ? -21.6120475 -8.1381957  9.5508575   1   81.61  ? 67  ASP A CA  1 
ATOM   372 C C   . ASP A 1 91  ? -21.3663681 -8.1928781  8.0267759   1   75.54  ? 67  ASP A C   1 
ATOM   373 O O   . ASP A 1 91  ? -22.2873156 -7.7738271  7.2678444   1   72.51  ? 67  ASP A O   1 
ATOM   374 C CB  . ASP A 1 91  ? -22.2405739 -6.8137605  9.9931276   1   81.5   ? 67  ASP A CB  1 
ATOM   375 C CG  . ASP A 1 91  ? -21.4204154 -5.5888772  9.6136397   1   93.71  ? 67  ASP A CG  1 
ATOM   376 O OD1 . ASP A 1 91  ? -20.2742022 -5.7702590  9.1471347   1   98.07  ? 67  ASP A OD1 1 
ATOM   377 O OD2 . ASP A 1 91  ? -21.9231189 -4.4589071  9.8012318   1   95.76  ? 67  ASP A OD2 1 
ATOM   378 N N   . GLY A 1 92  ? -20.2093648 -8.7066196  7.5888640   1   61.66  ? 68  GLY A N   1 
ATOM   379 C CA  . GLY A 1 92  ? -19.8021576 -8.7603363  6.1694955   1   69.51  ? 68  GLY A CA  1 
ATOM   380 C C   . GLY A 1 92  ? -19.0796528 -7.5065751  5.6767829   1   66.16  ? 68  GLY A C   1 
ATOM   381 O O   . GLY A 1 92  ? -18.6646708 -7.5194543  4.4911362   1   72.53  ? 68  GLY A O   1 
ATOM   382 N N   . SER A 1 93  ? -18.9228102 -6.4773206  6.5196249   1   58.1   ? 69  SER A N   1 
ATOM   383 C CA  . SER A 1 93  ? -18.0713854 -5.2874806  6.2594198   1   54.9   ? 69  SER A CA  1 
ATOM   384 C C   . SER A 1 93  ? -16.6168785 -5.7035796  6.0176877   1   53.83  ? 69  SER A C   1 
ATOM   385 O O   . SER A 1 93  ? -16.1451622 -6.6788232  6.6463152   1   53.88  ? 69  SER A O   1 
ATOM   386 C CB  . SER A 1 93  ? -18.1281049 -4.3127271  7.3999023   1   57.22  ? 69  SER A CB  1 
ATOM   387 O OG  . SER A 1 93  ? -19.4243782 -3.7428563  7.5513053   1   61.58  ? 69  SER A OG  1 
ATOM   388 N N   . GLY A 1 94  ? -15.9141142 -4.9665759  5.1620757   1   50.16  ? 70  GLY A N   1 
ATOM   389 C CA  . GLY A 1 94  ? -14.4658573 -5.1360279  4.9602465   1   48.27  ? 70  GLY A CA  1 
ATOM   390 C C   . GLY A 1 94  ? -13.6875665 -4.5795945  6.1420093   1   44.29  ? 70  GLY A C   1 
ATOM   391 O O   . GLY A 1 94  ? -14.2804973 -3.8959633  7.0026146   1   39.57  ? 70  GLY A O   1 
ATOM   392 N N   . THR A 1 95  ? -12.3934317 -4.8723777  6.1961759   1   40.91  ? 71  THR A N   1 
ATOM   393 C CA  . THR A 1 95  ? -11.4772742 -4.3576351  7.2423487   1   39.48  ? 71  THR A CA  1 
ATOM   394 C C   . THR A 1 95  ? -10.7268098 -3.1242225  6.7173995   1   37.58  ? 71  THR A C   1 
ATOM   395 O O   . THR A 1 95  ? -9.9859465  -3.2772764  5.7701419   1   34.45  ? 71  THR A O   1 
ATOM   396 C CB  . THR A 1 95  ? -10.4970918 -5.4467571  7.6584770   1   36.38  ? 71  THR A CB  1 
ATOM   397 O OG1 . THR A 1 95  ? -11.2516690 -6.5367129  8.1565890   1   39.77  ? 71  THR A OG1 1 
ATOM   398 C CG2 . THR A 1 95  ? -9.5575635  -5.0060972  8.7442295   1   37.43  ? 71  THR A CG2 1 
ATOM   399 N N   . ALA A 1 96  ? -10.9021857 -1.9673212  7.3570219   1   35.01  ? 72  ALA A N   1 
ATOM   400 C CA  . ALA A 1 96  ? -10.2478703 -0.6976601  6.9775630   1   33.02  ? 72  ALA A CA  1 
ATOM   401 C C   . ALA A 1 96  ? -8.7560948  -0.8176801  7.2514318   1   33.87  ? 72  ALA A C   1 
ATOM   402 O O   . ALA A 1 96  ? -8.3783403  -1.3227815  8.3326238   1   32.99  ? 72  ALA A O   1 
ATOM   403 C CB  . ALA A 1 96  ? -10.8252880 0.5089454   7.7025133   1   34.26  ? 72  ALA A CB  1 
ATOM   404 N N   . LEU A 1 97  ? -7.9400650  -0.3907686  6.2775628   1   33.36  ? 73  LEU A N   1 
ATOM   405 C CA  . LEU A 1 97  ? -6.4706683  -0.3564623  6.4558252   1   33.3   ? 73  LEU A CA  1 
ATOM   406 C C   . LEU A 1 97  ? -5.8529879  0.7679609   5.6553570   1   33.19  ? 73  LEU A C   1 
ATOM   407 O O   . LEU A 1 97  ? -6.5520471  1.3954563   4.8258952   1   31     ? 73  LEU A O   1 
ATOM   408 C CB  . LEU A 1 97  ? -5.8647114  -1.7082977  6.1142022   1   35.05  ? 73  LEU A CB  1 
ATOM   409 C CG  . LEU A 1 97  ? -5.6832649  -2.1111114  4.6595159   1   39.86  ? 73  LEU A CG  1 
ATOM   410 C CD1 . LEU A 1 97  ? -4.6374668  -3.2053885  4.5494559   1   43.92  ? 73  LEU A CD1 1 
ATOM   411 C CD2 . LEU A 1 97  ? -6.9506654  -2.6241011  4.0703619   1   39.01  ? 73  LEU A CD2 1 
ATOM   412 N N   . GLY A 1 98  ? -4.5885753  1.0538868   5.9306716   1   32.16  ? 74  GLY A N   1 
ATOM   413 C CA  . GLY A 1 98  ? -3.8552047  2.0699386   5.1665549   1   30.08  ? 74  GLY A CA  1 
ATOM   414 C C   . GLY A 1 98  ? -2.3940154  1.8383189   5.3610954   1   30.18  ? 74  GLY A C   1 
ATOM   415 O O   . GLY A 1 98  ? -2.0280010  1.3192412   6.4355915   1   31.47  ? 74  GLY A O   1 
ATOM   416 N N   . TRP A 1 99  ? -1.5815570  2.2535363   4.3990794   1   29.03  ? 75  TRP A N   1 
ATOM   417 C CA  . TRP A 1 99  ? -0.1177221  2.1648959   4.5740006   1   27.55  ? 75  TRP A CA  1 
ATOM   418 C C   . TRP A 1 99  ? 0.5609760   3.2271434   3.7549577   1   25.86  ? 75  TRP A C   1 
ATOM   419 O O   . TRP A 1 99  ? -0.0815062  3.8517577   2.9220678   1   27.98  ? 75  TRP A O   1 
ATOM   420 C CB  . TRP A 1 99  ? 0.3515943   0.7508276   4.2588055   1   27.33  ? 75  TRP A CB  1 
ATOM   421 C CG  . TRP A 1 99  ? 0.2662830   0.3325976   2.8161015   1   27.89  ? 75  TRP A CG  1 
ATOM   422 C CD1 . TRP A 1 99  ? 1.2142214   0.5111033   1.8494234   1   28.86  ? 75  TRP A CD1 1 
ATOM   423 C CD2 . TRP A 1 99  ? -0.8221742  -0.3025374  2.1560550   1   28.9   ? 75  TRP A CD2 1 
ATOM   424 N NE1 . TRP A 1 99  ? 0.7833440   0.0598612   0.6295991   1   29.43  ? 75  TRP A NE1 1 
ATOM   425 C CE2 . TRP A 1 99  ? -0.4511932  -0.4660286  0.7920239   1   29.64  ? 75  TRP A CE2 1 
ATOM   426 C CE3 . TRP A 1 99  ? -2.0731938  -0.7492381  2.5799457   1   30.83  ? 75  TRP A CE3 1 
ATOM   427 C CZ2 . TRP A 1 99  ? -1.2792928  -1.0667717  -0.1264354  1   29.76  ? 75  TRP A CZ2 1 
ATOM   428 C CZ3 . TRP A 1 99  ? -2.9134709  -1.3246428  1.6568309   1   31.3   ? 75  TRP A CZ3 1 
ATOM   429 C CH2 . TRP A 1 99  ? -2.5215358  -1.4583807  0.3204525   1   31.14  ? 75  TRP A CH2 1 
ATOM   430 N N   . THR A 1 100 ? 1.8256779   3.4462529   4.0258584   1   26.37  ? 76  THR A N   1 
ATOM   431 C CA  . THR A 1 100 ? 2.6225897   4.5245424   3.3999118   1   26.2   ? 76  THR A CA  1 
ATOM   432 C C   . THR A 1 100 ? 3.9099790   3.9041609   2.8838435   1   26.09  ? 76  THR A C   1 
ATOM   433 O O   . THR A 1 100 ? 4.4988246   3.1258004   3.6182385   1   27.98  ? 76  THR A O   1 
ATOM   434 C CB  . THR A 1 100 ? 2.9990215   5.5937461   4.4331182   1   26.49  ? 76  THR A CB  1 
ATOM   435 O OG1 . THR A 1 100 ? 1.8066286   6.0407566   5.0763995   1   27.38  ? 76  THR A OG1 1 
ATOM   436 C CG2 . THR A 1 100 ? 3.7405180   6.7687131   3.8326198   1   26.71  ? 76  THR A CG2 1 
ATOM   437 N N   . VAL A 1 101 ? 4.3806055   4.3176393   1.7281942   1   25.98  ? 77  VAL A N   1 
ATOM   438 C CA  . VAL A 1 101 ? 5.7648896   4.0326403   1.2336409   1   26.85  ? 77  VAL A CA  1 
ATOM   439 C C   . VAL A 1 101 ? 6.3604516   5.4045161   0.8957297   1   27.7   ? 77  VAL A C   1 
ATOM   440 O O   . VAL A 1 101 ? 5.7607598   6.1521910   0.1008802   1   30.72  ? 77  VAL A O   1 
ATOM   441 C CB  . VAL A 1 101 ? 5.6936003   3.1187917   0.0042408   1   26.84  ? 77  VAL A CB  1 
ATOM   442 C CG1 . VAL A 1 101 ? 6.9953137   2.9525648   -0.7023226  1   26.57  ? 77  VAL A CG1 1 
ATOM   443 C CG2 . VAL A 1 101 ? 5.1044550   1.7602013   0.3517086   1   28.73  ? 77  VAL A CG2 1 
ATOM   444 N N   . ALA A 1 102 ? 7.4728274   5.7415447   1.4971721   1   27.18  ? 78  ALA A N   1 
ATOM   445 C CA  . ALA A 1 102 ? 8.3689889   6.8082791   1.0195696   1   29.82  ? 78  ALA A CA  1 
ATOM   446 C C   . ALA A 1 102 ? 9.2478751   6.1616854   -0.0385900  1   31.74  ? 78  ALA A C   1 
ATOM   447 O O   . ALA A 1 102 ? 9.8000443   5.0810190   0.2165065   1   32.7   ? 78  ALA A O   1 
ATOM   448 C CB  . ALA A 1 102 ? 9.1978485   7.3720520   2.1266201   1   29.64  ? 78  ALA A CB  1 
ATOM   449 N N   . TRP A 1 103 ? 9.3257472   6.7725954   -1.1999685  1   31.9   ? 79  TRP A N   1 
ATOM   450 C CA  . TRP A 1 103 ? 10.0223171  6.1950477   -2.3832178  1   34.37  ? 79  TRP A CA  1 
ATOM   451 C C   . TRP A 1 103 ? 11.5301054  6.4293365   -2.3012419  1   35.17  ? 79  TRP A C   1 
ATOM   452 O O   . TRP A 1 103 ? 12.0976548  6.9750294   -3.2253674  1   39.33  ? 79  TRP A O   1 
ATOM   453 C CB  . TRP A 1 103 ? 9.3677078   6.7835930   -3.6333078  1   31.22  ? 79  TRP A CB  1 
ATOM   454 C CG  . TRP A 1 103 ? 7.9453583   6.3335540   -3.7052316  1   31.69  ? 79  TRP A CG  1 
ATOM   455 C CD1 . TRP A 1 103 ? 6.8256891   7.0977954   -3.5515765  1   32.46  ? 79  TRP A CD1 1 
ATOM   456 C CD2 . TRP A 1 103 ? 7.4841747   4.9815730   -3.8884880  1   31.75  ? 79  TRP A CD2 1 
ATOM   457 N NE1 . TRP A 1 103 ? 5.6976492   6.3361425   -3.7054982  1   30.51  ? 79  TRP A NE1 1 
ATOM   458 C CE2 . TRP A 1 103 ? 6.0724185   5.0190753   -3.8309813  1   31.69  ? 79  TRP A CE2 1 
ATOM   459 C CE3 . TRP A 1 103 ? 8.1224213   3.7619415   -4.1195647  1   32.58  ? 79  TRP A CE3 1 
ATOM   460 C CZ2 . TRP A 1 103 ? 5.2904067   3.8743764   -4.0071374  1   31.49  ? 79  TRP A CZ2 1 
ATOM   461 C CZ3 . TRP A 1 103 ? 7.3468097   2.6330862   -4.2614569  1   33.32  ? 79  TRP A CZ3 1 
ATOM   462 C CH2 . TRP A 1 103 ? 5.9454063   2.6884013   -4.2268745  1   32.64  ? 79  TRP A CH2 1 
ATOM   463 N N   . LYS A 1 104 ? 12.1306483  6.0120967   -1.1974298  1   35.51  ? 80  LYS A N   1 
ATOM   464 C CA  . LYS A 1 104 ? 13.5664101  6.1222431   -0.9183706  1   36.78  ? 80  LYS A CA  1 
ATOM   465 C C   . LYS A 1 104 ? 14.0207710  4.7968555   -0.3440388  1   37.37  ? 80  LYS A C   1 
ATOM   466 O O   . LYS A 1 104 ? 13.4218108  4.3430024   0.6259648   1   38.36  ? 80  LYS A O   1 
ATOM   467 C CB  . LYS A 1 104 ? 13.8651976  7.2305287   0.0881531   1   41.53  ? 80  LYS A CB  1 
ATOM   468 C CG  . LYS A 1 104 ? 15.3380794  7.4881980   0.3100715   1   48.25  ? 80  LYS A CG  1 
ATOM   469 C CD  . LYS A 1 104 ? 15.8707894  7.0226725   1.6038841   1   51.98  ? 80  LYS A CD  1 
ATOM   470 C CE  . LYS A 1 104 ? 17.2113106  7.6418735   1.9045202   1   56.43  ? 80  LYS A CE  1 
ATOM   471 N NZ  . LYS A 1 104 ? 17.6297020  7.2763041   3.2754110   1   65.04  ? 80  LYS A NZ  1 
ATOM   472 N N   . ASN A 1 105 ? 15.0038152  4.1845833   -0.9864965  1   39.84  ? 81  ASN A N   1 
ATOM   473 C CA  . ASN A 1 105 ? 15.7042329  2.9786491   -0.5168926  1   41.21  ? 81  ASN A CA  1 
ATOM   474 C C   . ASN A 1 105 ? 17.2101381  3.2524512   -0.6634362  1   49.56  ? 81  ASN A C   1 
ATOM   475 O O   . ASN A 1 105 ? 17.5842142  4.4229155   -0.8682442  1   50.89  ? 81  ASN A O   1 
ATOM   476 C CB  . ASN A 1 105 ? 15.1615110  1.7449196   -1.2386062  1   38.72  ? 81  ASN A CB  1 
ATOM   477 C CG  . ASN A 1 105 ? 15.4094587  1.7295912   -2.7279873  1   40.23  ? 81  ASN A CG  1 
ATOM   478 O OD1 . ASN A 1 105 ? 16.2619597  2.4405330   -3.2458809  1   43.69  ? 81  ASN A OD1 1 
ATOM   479 N ND2 . ASN A 1 105 ? 14.6496391  0.9164829   -3.4381923  1   40.39  ? 81  ASN A ND2 1 
ATOM   480 N N   . ASN A 1 106 ? 18.0524095  2.2204162   -0.5862882  1   57.33  ? 82  ASN A N   1 
ATOM   481 C CA  . ASN A 1 106 ? 19.5319402  2.3561157   -0.6667027  1   59.86  ? 82  ASN A CA  1 
ATOM   482 C C   . ASN A 1 106 ? 19.9700951  2.6840996   -2.0953397  1   59.78  ? 82  ASN A C   1 
ATOM   483 O O   . ASN A 1 106 ? 21.1285512  3.1043877   -2.2546111  1   65.29  ? 82  ASN A O   1 
ATOM   484 C CB  . ASN A 1 106 ? 20.2204542  1.1041248   -0.1223588  1   66.49  ? 82  ASN A CB  1 
ATOM   485 C CG  . ASN A 1 106 ? 20.1556911  1.0174437   1.3903346   1   74.82  ? 82  ASN A CG  1 
ATOM   486 O OD1 . ASN A 1 106 ? 20.2832079  -0.0655015  1.9683649   1   84.71  ? 82  ASN A OD1 1 
ATOM   487 N ND2 . ASN A 1 106 ? 19.9718373  2.1532081   2.0457796   1   77.75  ? 82  ASN A ND2 1 
ATOM   488 N N   . TYR A 1 107 ? 19.0795566  2.5578260   -3.0755163  1   56.67  ? 83  TYR A N   1 
ATOM   489 C CA  . TYR A 1 107 ? 19.3995398  2.6815215   -4.5164699  1   61.2   ? 83  TYR A CA  1 
ATOM   490 C C   . TYR A 1 107 ? 18.7981276  3.9432266   -5.1215009  1   57.19  ? 83  TYR A C   1 
ATOM   491 O O   . TYR A 1 107 ? 19.5101773  4.5581496   -5.9277967  1   65.59  ? 83  TYR A O   1 
ATOM   492 C CB  . TYR A 1 107 ? 18.9137776  1.4519813   -5.2797411  1   68.97  ? 83  TYR A CB  1 
ATOM   493 C CG  . TYR A 1 107 ? 19.4512310  0.1673159   -4.7101372  1   89.06  ? 83  TYR A CG  1 
ATOM   494 C CD1 . TYR A 1 107 ? 18.7342979  -0.5397308  -3.7579497  1   98.39  ? 83  TYR A CD1 1 
ATOM   495 C CD2 . TYR A 1 107 ? 20.6992088  -0.3122927  -5.0760799  1   95.2   ? 83  TYR A CD2 1 
ATOM   496 C CE1 . TYR A 1 107 ? 19.2190209  -1.7206864  -3.2184255  1   108.82 ? 83  TYR A CE1 1 
ATOM   497 C CE2 . TYR A 1 107 ? 21.2001457  -1.4892257  -4.5424658  1   105.51 ? 83  TYR A CE2 1 
ATOM   498 C CZ  . TYR A 1 107 ? 20.4629052  -2.1931105  -3.6045827  1   112.5  ? 83  TYR A CZ  1 
ATOM   499 O OH  . TYR A 1 107 ? 20.9497754  -3.3527340  -3.0688443  1   115.87 ? 83  TYR A OH  1 
ATOM   500 N N   . ARG A 1 108 ? 17.5524903  4.2938059   -4.7963502  1   56.17  ? 84  ARG A N   1 
ATOM   501 C CA  . ARG A 1 108 ? 16.8153762  5.3876202   -5.4850693  1   54.34  ? 84  ARG A CA  1 
ATOM   502 C C   . ARG A 1 108 ? 16.0181228  6.2235860   -4.4771025  1   50.66  ? 84  ARG A C   1 
ATOM   503 O O   . ARG A 1 108 ? 15.4243722  5.6455039   -3.5868360  1   58.94  ? 84  ARG A O   1 
ATOM   504 C CB  . ARG A 1 108 ? 15.8459718  4.8133838   -6.5181558  1   62.07  ? 84  ARG A CB  1 
ATOM   505 C CG  . ARG A 1 108 ? 16.4914681  3.9268217   -7.5708079  1   80.16  ? 84  ARG A CG  1 
ATOM   506 C CD  . ARG A 1 108 ? 15.4958400  3.0188121   -8.2722337  1   91.3   ? 84  ARG A CD  1 
ATOM   507 N NE  . ARG A 1 108 ? 14.3174927  3.7386992   -8.7478033  1   104.2  ? 84  ARG A NE  1 
ATOM   508 C CZ  . ARG A 1 108 ? 14.2001902  4.3956501   -9.9088983  1   115.79 ? 84  ARG A CZ  1 
ATOM   509 N NH1 . ARG A 1 108 ? 13.0554946  4.9985698   -10.1966376 1   122.57 ? 84  ARG A NH1 1 
ATOM   510 N NH2 . ARG A 1 108 ? 15.2037813  4.4629552   -10.7740520 1   116.66 ? 84  ARG A NH2 1 
ATOM   511 N N   . ASN A 1 109 ? 15.9725550  7.5360514   -4.6668212  1   45.01  ? 85  ASN A N   1 
ATOM   512 C CA  . ASN A 1 109 ? 15.1054098  8.4808847   -3.9321600  1   40.54  ? 85  ASN A CA  1 
ATOM   513 C C   . ASN A 1 109 ? 14.3014090  9.3217197   -4.9249542  1   42.54  ? 85  ASN A C   1 
ATOM   514 O O   . ASN A 1 109 ? 14.9016917  10.1908559  -5.5558852  1   47.51  ? 85  ASN A O   1 
ATOM   515 C CB  . ASN A 1 109 ? 15.8998210  9.3677701   -3.0079775  1   37.65  ? 85  ASN A CB  1 
ATOM   516 C CG  . ASN A 1 109 ? 15.0203001  10.0958091  -2.0264093  1   39.96  ? 85  ASN A CG  1 
ATOM   517 O OD1 . ASN A 1 109 ? 13.7932545  10.0981120  -2.1367031  1   44.32  ? 85  ASN A OD1 1 
ATOM   518 N ND2 . ASN A 1 109 ? 15.6384362  10.7217954  -1.0507214  1   39.51  ? 85  ASN A ND2 1 
ATOM   519 N N   . ALA A 1 110 ? 12.9924594  9.0485807   -5.0528410  1   39.49  ? 86  ALA A N   1 
ATOM   520 C CA  . ALA A 1 110 ? 12.0243128  9.8527977   -5.8310442  1   35.32  ? 86  ALA A CA  1 
ATOM   521 C C   . ALA A 1 110 ? 11.4754647  11.0468832  -5.0479129  1   35.77  ? 86  ALA A C   1 
ATOM   522 O O   . ALA A 1 110 ? 10.5965474  11.7034485  -5.5992525  1   37.8   ? 86  ALA A O   1 
ATOM   523 C CB  . ALA A 1 110 ? 10.8824405  8.9864257   -6.2579742  1   36.19  ? 86  ALA A CB  1 
ATOM   524 N N   . HIS A 1 111 ? 11.9430943  11.3356862  -3.8352859  1   34.24  ? 87  HIS A N   1 
ATOM   525 C CA  . HIS A 1 111 ? 11.4879709  12.5058834  -3.0432643  1   35.05  ? 87  HIS A CA  1 
ATOM   526 C C   . HIS A 1 111 ? 9.9718037   12.6202431  -3.0667594  1   34.92  ? 87  HIS A C   1 
ATOM   527 O O   . HIS A 1 111 ? 9.4881910   13.7146394  -3.3276437  1   36.48  ? 87  HIS A O   1 
ATOM   528 C CB  . HIS A 1 111 ? 12.1421083  13.7942495  -3.5636065  1   38.84  ? 87  HIS A CB  1 
ATOM   529 C CG  . HIS A 1 111 ? 13.6230058  13.7856210  -3.4931649  1   41.97  ? 87  HIS A CG  1 
ATOM   530 N ND1 . HIS A 1 111 ? 14.3003858  13.4960866  -2.3364717  1   43.71  ? 87  HIS A ND1 1 
ATOM   531 C CD2 . HIS A 1 111 ? 14.5521721  13.9909537  -4.4421536  1   48.7   ? 87  HIS A CD2 1 
ATOM   532 C CE1 . HIS A 1 111 ? 15.5870125  13.4818698  -2.5852018  1   46.1   ? 87  HIS A CE1 1 
ATOM   533 N NE2 . HIS A 1 111 ? 15.7708807  13.8069446  -3.8564260  1   48.88  ? 87  HIS A NE2 1 
ATOM   534 N N   . SER A 1 112 ? 9.2820805   11.5063756  -2.8340644  1   33.9   ? 88  SER A N   1 
ATOM   535 C CA  . SER A 1 112 ? 7.8152167   11.3901460  -2.8599583  1   33.19  ? 88  SER A CA  1 
ATOM   536 C C   . SER A 1 112 ? 7.3817287   10.2681742  -1.9118922  1   33.86  ? 88  SER A C   1 
ATOM   537 O O   . SER A 1 112 ? 8.2388033   9.5093282   -1.4489753  1   31.95  ? 88  SER A O   1 
ATOM   538 C CB  . SER A 1 112 ? 7.3237958   11.1579057  -4.2584042  1   33.71  ? 88  SER A CB  1 
ATOM   539 O OG  . SER A 1 112 ? 7.9665616   10.0381084  -4.8295951  1   35.55  ? 88  SER A OG  1 
ATOM   540 N N   . ALA A 1 113 ? 6.0925984   10.2359675  -1.5759119  1   30.49  ? 89  ALA A N   1 
ATOM   541 C CA  . ALA A 1 113 ? 5.5010043   9.2202306   -0.6894623  1   30.75  ? 89  ALA A CA  1 
ATOM   542 C C   . ALA A 1 113 ? 4.0991335   8.9527247   -1.2168224  1   31.24  ? 89  ALA A C   1 
ATOM   543 O O   . ALA A 1 113 ? 3.4388106   9.9282216   -1.6192321  1   31.82  ? 89  ALA A O   1 
ATOM   544 C CB  . ALA A 1 113 ? 5.4681909   9.7510853   0.7098914   1   31.04  ? 89  ALA A CB  1 
ATOM   545 N N   . THR A 1 114 ? 3.7054744   7.7008837   -1.2816964  1   29.32  ? 90  THR A N   1 
ATOM   546 C CA  . THR A 1 114 ? 2.3254835   7.2697069   -1.5516403  1   29.38  ? 90  THR A CA  1 
ATOM   547 C C   . THR A 1 114 ? 1.6950913   6.7395201   -0.2614583  1   28.11  ? 90  THR A C   1 
ATOM   548 O O   . THR A 1 114 ? 2.3552759   6.0240543   0.5006316   1   27.42  ? 90  THR A O   1 
ATOM   549 C CB  . THR A 1 114 ? 2.2726940   6.1877785   -2.6320037  1   30.97  ? 90  THR A CB  1 
ATOM   550 O OG1 . THR A 1 114 ? 2.8528482   6.7155316   -3.8061718  1   33.06  ? 90  THR A OG1 1 
ATOM   551 C CG2 . THR A 1 114 ? 0.8613493   5.8158271   -2.9980740  1   30.94  ? 90  THR A CG2 1 
ATOM   552 N N   . THR A 1 115 ? 0.4535076   7.1135150   -0.0136464  1   27.56  ? 91  THR A N   1 
ATOM   553 C CA  . THR A 1 115 ? -0.3642851  6.4636250   0.9992159   1   28.77  ? 91  THR A CA  1 
ATOM   554 C C   . THR A 1 115 ? -1.5081514  5.7707674   0.2867867   1   26.9   ? 91  THR A C   1 
ATOM   555 O O   . THR A 1 115 ? -2.0527930  6.3509040   -0.6561756  1   30.78  ? 91  THR A O   1 
ATOM   556 C CB  . THR A 1 115 ? -0.8758723  7.4230833   2.0781642   1   31.73  ? 91  THR A CB  1 
ATOM   557 O OG1 . THR A 1 115 ? -1.7528048  8.3729835   1.4667855   1   35.59  ? 91  THR A OG1 1 
ATOM   558 C CG2 . THR A 1 115 ? 0.2410052   8.0249711   2.8781497   1   31.11  ? 91  THR A CG2 1 
ATOM   559 N N   . TRP A 1 116 ? -1.8701962  4.6112161   0.7553733   1   24.69  ? 92  TRP A N   1 
ATOM   560 C CA  . TRP A 1 116 ? -3.0288143  3.8296204   0.2841990   1   25.17  ? 92  TRP A CA  1 
ATOM   561 C C   . TRP A 1 116 ? -3.9945534  3.8119552   1.4502598   1   25.45  ? 92  TRP A C   1 
ATOM   562 O O   . TRP A 1 116 ? -3.5585411  3.5670623   2.6027366   1   23.82  ? 92  TRP A O   1 
ATOM   563 C CB  . TRP A 1 116 ? -2.6399728  2.4063698   -0.1011708  1   26.28  ? 92  TRP A CB  1 
ATOM   564 C CG  . TRP A 1 116 ? -1.8359367  2.2496714   -1.3606686  1   28.51  ? 92  TRP A CG  1 
ATOM   565 C CD1 . TRP A 1 116 ? -2.2943064  1.8225335   -2.5719982  1   28.09  ? 92  TRP A CD1 1 
ATOM   566 C CD2 . TRP A 1 116 ? -0.4119542  2.4353744   -1.5215383  1   30.36  ? 92  TRP A CD2 1 
ATOM   567 N NE1 . TRP A 1 116 ? -1.2765145  1.7453055   -3.4722023  1   27.33  ? 92  TRP A NE1 1 
ATOM   568 C CE2 . TRP A 1 116 ? -0.1112171  2.0948248   -2.8570023  1   28.39  ? 92  TRP A CE2 1 
ATOM   569 C CE3 . TRP A 1 116 ? 0.6346679   2.8278018   -0.6592350  1   30.48  ? 92  TRP A CE3 1 
ATOM   570 C CZ2 . TRP A 1 116 ? 1.1858452   2.1404495   -3.3434720  1   28.04  ? 92  TRP A CZ2 1 
ATOM   571 C CZ3 . TRP A 1 116 ? 1.9252204   2.8682131   -1.1510378  1   31.43  ? 92  TRP A CZ3 1 
ATOM   572 C CH2 . TRP A 1 116 ? 2.2003382   2.4770091   -2.4726530  1   29.15  ? 92  TRP A CH2 1 
ATOM   573 N N   . SER A 1 117 ? -5.2755212  4.0683893   1.1646729   1   27.73  ? 93  SER A N   1 
ATOM   574 C CA  . SER A 1 117 ? -6.3569906  3.9952529   2.1519617   1   28.46  ? 93  SER A CA  1 
ATOM   575 C C   . SER A 1 117 ? -7.3718565  3.0415829   1.5582161   1   29.39  ? 93  SER A C   1 
ATOM   576 O O   . SER A 1 117 ? -7.7254797  3.2145946   0.3836913   1   31.3   ? 93  SER A O   1 
ATOM   577 C CB  . SER A 1 117 ? -6.8970530  5.3641319   2.4238679   1   32.9   ? 93  SER A CB  1 
ATOM   578 O OG  . SER A 1 117 ? -7.9714336  5.3572000   3.3809124   1   35.35  ? 93  SER A OG  1 
ATOM   579 N N   . GLY A 1 118 ? -7.8070800  2.0446523   2.3025405   1   29.58  ? 94  GLY A N   1 
ATOM   580 C CA  . GLY A 1 118 ? -8.6268408  1.0015832   1.6720416   1   32.17  ? 94  GLY A CA  1 
ATOM   581 C C   . GLY A 1 118 ? -9.2513696  0.0553534   2.6496233   1   32.82  ? 94  GLY A C   1 
ATOM   582 O O   . GLY A 1 118 ? -9.3344237  0.3871733   3.8514800   1   35.96  ? 94  GLY A O   1 
ATOM   583 N N   . GLN A 1 119 ? -9.7187559  -1.0632013  2.1214384   1   36.18  ? 95  GLN A N   1 
ATOM   584 C CA  . GLN A 1 119 ? -10.2756721 -2.1546914  2.9443592   1   37.33  ? 95  GLN A CA  1 
ATOM   585 C C   . GLN A 1 119 ? -9.9614032  -3.5216925  2.3492088   1   37     ? 95  GLN A C   1 
ATOM   586 O O   . GLN A 1 119 ? -9.8498284  -3.6326642  1.1419071   1   36.37  ? 95  GLN A O   1 
ATOM   587 C CB  . GLN A 1 119 ? -11.7402440 -1.9253626  3.1848225   1   37.96  ? 95  GLN A CB  1 
ATOM   588 C CG  . GLN A 1 119 ? -12.5957881 -1.9590327  1.9628424   1   39.96  ? 95  GLN A CG  1 
ATOM   589 C CD  . GLN A 1 119 ? -14.0004106 -1.6214592  2.4182642   1   39.48  ? 95  GLN A CD  1 
ATOM   590 O OE1 . GLN A 1 119 ? -14.5459800 -2.2674202  3.3083869   1   38.71  ? 95  GLN A OE1 1 
ATOM   591 N NE2 . GLN A 1 119 ? -14.5916123 -0.6059830  1.8112135   1   37.13  ? 95  GLN A NE2 1 
ATOM   592 N N   . TYR A 1 120 ? -9.6719887  -4.4552874  3.2380198   1   34.17  ? 96  TYR A N   1 
ATOM   593 C CA  . TYR A 1 120 ? -9.5383750  -5.8943629  2.9499605   1   37.07  ? 96  TYR A CA  1 
ATOM   594 C C   . TYR A 1 120 ? -10.9553739 -6.4777845  2.8757024   1   38.01  ? 96  TYR A C   1 
ATOM   595 O O   . TYR A 1 120 ? -11.7779527 -6.2102731  3.7506268   1   38.62  ? 96  TYR A O   1 
ATOM   596 C CB  . TYR A 1 120 ? -8.7765865  -6.5724807  4.0894729   1   39     ? 96  TYR A CB  1 
ATOM   597 C CG  . TYR A 1 120 ? -8.7534244  -8.0705959  4.0091340   1   45.78  ? 96  TYR A CG  1 
ATOM   598 C CD1 . TYR A 1 120 ? -8.1262618  -8.6966316  2.9454403   1   46.74  ? 96  TYR A CD1 1 
ATOM   599 C CD2 . TYR A 1 120 ? -9.3299547  -8.8676661  4.9925113   1   49.84  ? 96  TYR A CD2 1 
ATOM   600 C CE1 . TYR A 1 120 ? -8.1002149  -10.0764523 2.8462573   1   46.58  ? 96  TYR A CE1 1 
ATOM   601 C CE2 . TYR A 1 120 ? -9.2840394  -10.2554488 4.9122982   1   52.45  ? 96  TYR A CE2 1 
ATOM   602 C CZ  . TYR A 1 120 ? -8.6800964  -10.8589750 3.8230668   1   50.47  ? 96  TYR A CZ  1 
ATOM   603 O OH  . TYR A 1 120 ? -8.6182265  -12.2181941 3.7070825   1   57.33  ? 96  TYR A OH  1 
ATOM   604 N N   . VAL A 1 121 ? -11.2219761 -7.2798225  1.8897818   1   40.4   ? 97  VAL A N   1 
ATOM   605 C CA  . VAL A 1 121 ? -12.4977107 -8.0227053  1.7483484   1   44.76  ? 97  VAL A CA  1 
ATOM   606 C C   . VAL A 1 121 ? -12.1029784 -9.4827457  1.7530733   1   50.14  ? 97  VAL A C   1 
ATOM   607 O O   . VAL A 1 121 ? -11.5250423 -9.9145937  0.7516442   1   50.71  ? 97  VAL A O   1 
ATOM   608 C CB  . VAL A 1 121 ? -13.2232883 -7.6588024  0.4437217   1   51.29  ? 97  VAL A CB  1 
ATOM   609 C CG1 . VAL A 1 121 ? -14.4937600 -8.4799976  0.2837284   1   55.14  ? 97  VAL A CG1 1 
ATOM   610 C CG2 . VAL A 1 121 ? -13.5333027 -6.1758556  0.3760112   1   50.55  ? 97  VAL A CG2 1 
ATOM   611 N N   . GLY A 1 122 ? -12.3458453 -10.1948320 2.8524916   1   56.61  ? 98  GLY A N   1 
ATOM   612 C CA  . GLY A 1 122 ? -12.0716260 -11.6413987 2.9403312   1   67.71  ? 98  GLY A CA  1 
ATOM   613 C C   . GLY A 1 122 ? -13.0790150 -12.4437261 2.1467644   1   78.69  ? 98  GLY A C   1 
ATOM   614 O O   . GLY A 1 122 ? -13.8497150 -13.1976186 2.7809887   1   94.54  ? 98  GLY A O   1 
ATOM   615 N N   . GLY A 1 123 ? -13.1035094 -12.2744188 0.8210657   1   87.39  ? 99  GLY A N   1 
ATOM   616 C CA  . GLY A 1 123 ? -13.9138708 -13.1085939 -0.0851105  1   98.85  ? 99  GLY A CA  1 
ATOM   617 C C   . GLY A 1 123 ? -13.3791399 -14.5389328 -0.1556135  1   102.38 ? 99  GLY A C   1 
ATOM   618 O O   . GLY A 1 123 ? -12.4780711 -14.9076023 0.6477089   1   89.52  ? 99  GLY A O   1 
ATOM   619 N N   . ALA A 1 124 ? -13.8742522 -15.3283258 -1.1082285  1   109.78 ? 100 ALA A N   1 
ATOM   620 C CA  . ALA A 1 124 ? -13.1745336 -16.5387968 -1.5967353  1   116.21 ? 100 ALA A CA  1 
ATOM   621 C C   . ALA A 1 124 ? -11.8325080 -16.0759437 -2.1780618  1   111.73 ? 100 ALA A C   1 
ATOM   622 O O   . ALA A 1 124 ? -10.8019379 -16.2591500 -1.5035408  1   121.13 ? 100 ALA A O   1 
ATOM   623 C CB  . ALA A 1 124 ? -14.0201928 -17.2895846 -2.5998425  1   123.92 ? 100 ALA A CB  1 
ATOM   624 N N   . GLU A 1 125 ? -11.8392632 -15.4203243 -3.3344123  1   98.54  ? 101 GLU A N   1 
ATOM   625 C CA  . GLU A 1 125 ? -10.6116183 -14.7588711 -3.8166980  1   91.77  ? 101 GLU A CA  1 
ATOM   626 C C   . GLU A 1 125 ? -10.5804133 -13.3654228 -3.1787660  1   72.75  ? 101 GLU A C   1 
ATOM   627 O O   . GLU A 1 125 ? -11.2219455 -12.4876806 -3.7005572  1   65.47  ? 101 GLU A O   1 
ATOM   628 C CB  . GLU A 1 125 ? -10.5467493 -14.7983692 -5.3432412  1   104.46 ? 101 GLU A CB  1 
ATOM   629 C CG  . GLU A 1 125 ? -9.1133000  -14.9025106 -5.8627215  1   119.86 ? 101 GLU A CG  1 
ATOM   630 C CD  . GLU A 1 125 ? -8.3816179  -13.5802128 -6.0424988  1   116.96 ? 101 GLU A CD  1 
ATOM   631 O OE1 . GLU A 1 125 ? -8.5977917  -12.9662716 -7.1081807  1   113.92 ? 101 GLU A OE1 1 
ATOM   632 O OE2 . GLU A 1 125 ? -7.6018862  -13.1718482 -5.1308240  1   105.02 ? 101 GLU A OE2 1 
ATOM   633 N N   . ALA A 1 126 ? -9.8930838  -13.2174485 -2.0447026  1   54.4   ? 102 ALA A N   1 
ATOM   634 C CA  . ALA A 1 126 ? -9.8350198  -11.9793070 -1.2457352  1   51.93  ? 102 ALA A CA  1 
ATOM   635 C C   . ALA A 1 126 ? -9.1833781  -10.8399685 -2.0332356  1   49.62  ? 102 ALA A C   1 
ATOM   636 O O   . ALA A 1 126 ? -8.3658474  -11.1043819 -2.9395275  1   51.99  ? 102 ALA A O   1 
ATOM   637 C CB  . ALA A 1 126 ? -9.0680241  -12.2083467 0.0255679   1   52.59  ? 102 ALA A CB  1 
ATOM   638 N N   . ARG A 1 127 ? -9.4946291  -9.6109945  -1.6430374  1   46.11  ? 103 ARG A N   1 
ATOM   639 C CA  . ARG A 1 127 ? -8.9863292  -8.4028339  -2.3258495  1   48.08  ? 103 ARG A CA  1 
ATOM   640 C C   . ARG A 1 127 ? -8.7989462  -7.2514211  -1.3473808  1   40.55  ? 103 ARG A C   1 
ATOM   641 O O   . ARG A 1 127 ? -9.5361332  -7.1514388  -0.3613560  1   38.07  ? 103 ARG A O   1 
ATOM   642 C CB  . ARG A 1 127 ? -9.8766200  -8.0730689  -3.5250573  1   52.17  ? 103 ARG A CB  1 
ATOM   643 C CG  . ARG A 1 127 ? -11.2136214 -7.4348514  -3.2319364  1   67.49  ? 103 ARG A CG  1 
ATOM   644 C CD  . ARG A 1 127 ? -11.9952845 -7.4881947  -4.5368656  1   86.53  ? 103 ARG A CD  1 
ATOM   645 N NE  . ARG A 1 127 ? -12.1471953 -8.8338604  -5.0994852  1   99.74  ? 103 ARG A NE  1 
ATOM   646 C CZ  . ARG A 1 127 ? -13.2955968 -9.4604393  -5.3628437  1   116.39 ? 103 ARG A CZ  1 
ATOM   647 N NH1 . ARG A 1 127 ? -13.2569780 -10.6782792 -5.8819089  1   119.06 ? 103 ARG A NH1 1 
ATOM   648 N NH2 . ARG A 1 127 ? -14.4727374 -8.8985511  -5.1154215  1   125.48 ? 103 ARG A NH2 1 
ATOM   649 N N   . ILE A 1 128 ? -7.8163371  -6.4157785  -1.6342861  1   35.58  ? 104 ILE A N   1 
ATOM   650 C CA  . ILE A 1 128 ? -7.6313254  -5.1053810  -0.9755911  1   32.53  ? 104 ILE A CA  1 
ATOM   651 C C   . ILE A 1 128 ? -7.9602726  -4.0413540  -2.0267154  1   33.16  ? 104 ILE A C   1 
ATOM   652 O O   . ILE A 1 128 ? -7.2642745  -3.9474256  -3.0404550  1   34.26  ? 104 ILE A O   1 
ATOM   653 C CB  . ILE A 1 128 ? -6.2434220  -4.9869687  -0.3553762  1   34.41  ? 104 ILE A CB  1 
ATOM   654 C CG1 . ILE A 1 128 ? -6.0349182  -6.0757596  0.7015914   1   34.89  ? 104 ILE A CG1 1 
ATOM   655 C CG2 . ILE A 1 128 ? -6.0706058  -3.6072620  0.2669526   1   37.32  ? 104 ILE A CG2 1 
ATOM   656 C CD1 . ILE A 1 128 ? -4.6618001  -6.1386346  1.2050618   1   36.15  ? 104 ILE A CD1 1 
ATOM   657 N N   . ASN A 1 129 ? -9.0498331  -3.3211100  -1.8231135  1   32.58  ? 105 ASN A N   1 
ATOM   658 C CA  . ASN A 1 129 ? -9.5026356  -2.1831107  -2.6631786  1   34.2   ? 105 ASN A CA  1 
ATOM   659 C C   . ASN A 1 129 ? -9.0400705  -0.8900082  -2.0126670  1   30.85  ? 105 ASN A C   1 
ATOM   660 O O   . ASN A 1 129 ? -9.3989059  -0.6642364  -0.8389084  1   30.63  ? 105 ASN A O   1 
ATOM   661 C CB  . ASN A 1 129 ? -11.0224171 -2.1687812  -2.7993587  1   36.12  ? 105 ASN A CB  1 
ATOM   662 C CG  . ASN A 1 129 ? -11.5119121 -3.4597573  -3.3932024  1   41.91  ? 105 ASN A CG  1 
ATOM   663 O OD1 . ASN A 1 129 ? -10.9396609 -3.9368851  -4.3693051  1   51.31  ? 105 ASN A OD1 1 
ATOM   664 N ND2 . ASN A 1 129 ? -12.5747637 -4.0082880  -2.8283171  1   42.93  ? 105 ASN A ND2 1 
ATOM   665 N N   . THR A 1 130 ? -8.2534059  -0.0919455  -2.7236189  1   29.63  ? 106 THR A N   1 
ATOM   666 C CA  . THR A 1 130 ? -7.6313717  1.1262644   -2.1632333  1   28.08  ? 106 THR A CA  1 
ATOM   667 C C   . THR A 1 130 ? -7.8312137  2.2882366   -3.0958688  1   26.81  ? 106 THR A C   1 
ATOM   668 O O   . THR A 1 130 ? -7.9378789  2.1151672   -4.3027141  1   27.22  ? 106 THR A O   1 
ATOM   669 C CB  . THR A 1 130 ? -6.1197565  0.9484379   -1.9328247  1   29.98  ? 106 THR A CB  1 
ATOM   670 O OG1 . THR A 1 130 ? -5.4529853  0.8774479   -3.2019360  1   30.72  ? 106 THR A OG1 1 
ATOM   671 C CG2 . THR A 1 130 ? -5.7817615  -0.2738546  -1.1124799  1   30.65  ? 106 THR A CG2 1 
ATOM   672 N N   . GLN A 1 131 ? -7.7224907  3.4650986   -2.5236511  1   28.6   ? 107 GLN A N   1 
ATOM   673 C CA  . GLN A 1 131 ? -7.3920553  4.6605919   -3.2891720  1   29.08  ? 107 GLN A CA  1 
ATOM   674 C C   . GLN A 1 131 ? -6.0878490  5.1699057   -2.7149120  1   27.64  ? 107 GLN A C   1 
ATOM   675 O O   . GLN A 1 131 ? -5.7869777  4.8854722   -1.5504577  1   26.93  ? 107 GLN A O   1 
ATOM   676 C CB  . GLN A 1 131 ? -8.5236967  5.6666399   -3.1731501  1   31.74  ? 107 GLN A CB  1 
ATOM   677 C CG  . GLN A 1 131 ? -9.8261848  5.0146608   -3.5682324  1   38.07  ? 107 GLN A CG  1 
ATOM   678 C CD  . GLN A 1 131 ? -10.7678891 6.0067505   -4.1487296  1   40.8   ? 107 GLN A CD  1 
ATOM   679 O OE1 . GLN A 1 131 ? -10.4363308 6.6747619   -5.1297535  1   45.12  ? 107 GLN A OE1 1 
ATOM   680 N NE2 . GLN A 1 131 ? -11.9026425 6.1166833   -3.4803020  1   45.77  ? 107 GLN A NE2 1 
ATOM   681 N N   . TRP A 1 132 ? -5.3451199  5.8885379   -3.5177197  1   26.96  ? 108 TRP A N   1 
ATOM   682 C CA  . TRP A 1 132 ? -4.0135425  6.3012679   -3.0423960  1   28.42  ? 108 TRP A CA  1 
ATOM   683 C C   . TRP A 1 132 ? -3.7932993  7.7709964   -3.3696023  1   25.85  ? 108 TRP A C   1 
ATOM   684 O O   . TRP A 1 132 ? -4.4291989  8.2835116   -4.2627618  1   28.52  ? 108 TRP A O   1 
ATOM   685 C CB  . TRP A 1 132 ? -2.9706363  5.3200533   -3.6108330  1   27.84  ? 108 TRP A CB  1 
ATOM   686 C CG  . TRP A 1 132 ? -2.9494942  5.1365755   -5.0930725  1   27.37  ? 108 TRP A CG  1 
ATOM   687 C CD1 . TRP A 1 132 ? -3.3401670  4.0364502   -5.7869119  1   27.97  ? 108 TRP A CD1 1 
ATOM   688 C CD2 . TRP A 1 132 ? -2.4382244  6.0678059   -6.0553750  1   27.76  ? 108 TRP A CD2 1 
ATOM   689 N NE1 . TRP A 1 132 ? -3.1380231  4.2300272   -7.1244031  1   29.02  ? 108 TRP A NE1 1 
ATOM   690 C CE2 . TRP A 1 132 ? -2.5495982  5.4508905   -7.3114193  1   29.23  ? 108 TRP A CE2 1 
ATOM   691 C CE3 . TRP A 1 132 ? -1.8155182  7.3232278   -5.9716967  1   28.03  ? 108 TRP A CE3 1 
ATOM   692 C CZ2 . TRP A 1 132 ? -2.1181180  6.0826011   -8.4704259  1   28.49  ? 108 TRP A CZ2 1 
ATOM   693 C CZ3 . TRP A 1 132 ? -1.4187057  7.9609524   -7.1207046  1   28.51  ? 108 TRP A CZ3 1 
ATOM   694 C CH2 . TRP A 1 132 ? -1.5995538  7.3475573   -8.3580155  1   28.59  ? 108 TRP A CH2 1 
ATOM   695 N N   . LEU A 1 133 ? -2.8862944  8.3805787   -2.6545362  1   25.73  ? 109 LEU A N   1 
ATOM   696 C CA  . LEU A 1 133 ? -2.3088523  9.7154602   -2.8736026  1   25.44  ? 109 LEU A CA  1 
ATOM   697 C C   . LEU A 1 133 ? -0.7840849  9.6061653   -2.9017445  1   27.8   ? 109 LEU A C   1 
ATOM   698 O O   . LEU A 1 133 ? -0.2153206  9.1184692   -1.9831512  1   25.43  ? 109 LEU A O   1 
ATOM   699 C CB  . LEU A 1 133 ? -2.6957717  10.6132799  -1.7138792  1   26.05  ? 109 LEU A CB  1 
ATOM   700 C CG  . LEU A 1 133 ? -4.1952771  10.8368708  -1.5614825  1   26.62  ? 109 LEU A CG  1 
ATOM   701 C CD1 . LEU A 1 133 ? -4.4516689  11.4989131  -0.2745364  1   26.95  ? 109 LEU A CD1 1 
ATOM   702 C CD2 . LEU A 1 133 ? -4.7759087  11.6764120  -2.6863431  1   27.99  ? 109 LEU A CD2 1 
ATOM   703 N N   . LEU A 1 134 ? -0.1894357  10.0818701  -3.9898494  1   29.99  ? 110 LEU A N   1 
ATOM   704 C CA  . LEU A 1 134 ? 1.2578074   10.1841193  -4.2030969  1   30.66  ? 110 LEU A CA  1 
ATOM   705 C C   . LEU A 1 134 ? 1.5958590   11.6762246  -4.1599001  1   29.56  ? 110 LEU A C   1 
ATOM   706 O O   . LEU A 1 134 ? 1.2001838   12.3989661  -5.0505857  1   30.32  ? 110 LEU A O   1 
ATOM   707 C CB  . LEU A 1 134 ? 1.5444714   9.5410482   -5.5609139  1   31.73  ? 110 LEU A CB  1 
ATOM   708 C CG  . LEU A 1 134 ? 2.9592474   9.6972842   -6.1141266  1   32.58  ? 110 LEU A CG  1 
ATOM   709 C CD1 . LEU A 1 134 ? 4.0061941   9.4601788   -5.0802733  1   33.69  ? 110 LEU A CD1 1 
ATOM   710 C CD2 . LEU A 1 134 ? 3.1484985   8.7875506   -7.2890588  1   33.15  ? 110 LEU A CD2 1 
ATOM   711 N N   . THR A 1 135 ? 2.2499208   12.1046541  -3.1084452  1   31.79  ? 111 THR A N   1 
ATOM   712 C CA  . THR A 1 135 ? 2.7276544   13.4852424  -2.9004154  1   35.26  ? 111 THR A CA  1 
ATOM   713 C C   . THR A 1 135 ? 4.2113073   13.5041600  -3.2268360  1   34.79  ? 111 THR A C   1 
ATOM   714 O O   . THR A 1 135 ? 4.9400997   12.6719220  -2.6735959  1   37.37  ? 111 THR A O   1 
ATOM   715 C CB  . THR A 1 135 ? 2.4143245   14.0164812  -1.4989812  1   35.14  ? 111 THR A CB  1 
ATOM   716 O OG1 . THR A 1 135 ? 0.9975212   13.9335292  -1.3153148  1   36.3   ? 111 THR A OG1 1 
ATOM   717 C CG2 . THR A 1 135 ? 2.8845819   15.4444634  -1.3622812  1   38.75  ? 111 THR A CG2 1 
ATOM   718 N N   . SER A 1 136 ? 4.6422562   14.4623204  -4.0356708  1   37.13  ? 112 SER A N   1 
ATOM   719 C CA  . SER A 1 136 ? 6.0883214   14.6988435  -4.3123622  1   40.29  ? 112 SER A CA  1 
ATOM   720 C C   . SER A 1 136 ? 6.5335419   15.9263103  -3.5393920  1   39.44  ? 112 SER A C   1 
ATOM   721 O O   . SER A 1 136 ? 5.7111276   16.8560240  -3.4134389  1   38.23  ? 112 SER A O   1 
ATOM   722 C CB  . SER A 1 136 ? 6.3572927   14.8148341  -5.7868332  1   41.09  ? 112 SER A CB  1 
ATOM   723 O OG  . SER A 1 136 ? 5.5034367   15.7924282  -6.3632617  1   48.09  ? 112 SER A OG  1 
ATOM   724 N N   . GLY A 1 137 ? 7.7725095   15.9418008  -3.0352210  1   38.34  ? 113 GLY A N   1 
ATOM   725 C CA  . GLY A 1 137 ? 8.3169544   17.1764586  -2.4457087  1   38.76  ? 113 GLY A CA  1 
ATOM   726 C C   . GLY A 1 137 ? 8.4340413   18.2645543  -3.4989068  1   40.28  ? 113 GLY A C   1 
ATOM   727 O O   . GLY A 1 137 ? 8.9784543   17.9697130  -4.5841594  1   47.36  ? 113 GLY A O   1 
ATOM   728 N N   . THR A 1 138 ? 7.8992157   19.4569080  -3.2640869  1   41.63  ? 114 THR A N   1 
ATOM   729 C CA  . THR A 1 138 ? 7.9193190   20.5514355  -4.2850700  1   41.7   ? 114 THR A CA  1 
ATOM   730 C C   . THR A 1 138 ? 8.2777899   21.8840600  -3.6351987  1   41.89  ? 114 THR A C   1 
ATOM   731 O O   . THR A 1 138 ? 8.1848071   21.9968900  -2.3886557  1   43.67  ? 114 THR A O   1 
ATOM   732 C CB  . THR A 1 138 ? 6.5617744   20.7147376  -5.0009736  1   43.03  ? 114 THR A CB  1 
ATOM   733 O OG1 . THR A 1 138 ? 5.5860531   21.1702967  -4.0569444  1   42.96  ? 114 THR A OG1 1 
ATOM   734 C CG2 . THR A 1 138 ? 6.0500073   19.4447716  -5.6451713  1   45.12  ? 114 THR A CG2 1 
ATOM   735 N N   . THR A 1 139 ? 8.5426998   22.8877165  -4.4662182  1   46.53  ? 115 THR A N   1 
ATOM   736 C CA  . THR A 1 139 ? 8.5407836   24.3236074  -4.0841663  1   47.62  ? 115 THR A CA  1 
ATOM   737 C C   . THR A 1 139 ? 7.1149758   24.7440196  -3.7939289  1   49.38  ? 115 THR A C   1 
ATOM   738 O O   . THR A 1 139 ? 6.2142277   24.0292488  -4.2756150  1   48.46  ? 115 THR A O   1 
ATOM   739 C CB  . THR A 1 139 ? 9.1168000   25.1965752  -5.1969858  1   55.22  ? 115 THR A CB  1 
ATOM   740 O OG1 . THR A 1 139 ? 8.2636708   25.0694122  -6.3524585  1   58.54  ? 115 THR A OG1 1 
ATOM   741 C CG2 . THR A 1 139 ? 10.5605332  24.7994200  -5.4384605  1   56.07  ? 115 THR A CG2 1 
ATOM   742 N N   . GLU A 1 140 ? 6.9254460   25.8259972  -3.0306008  1   54.23  ? 116 GLU A N   1 
ATOM   743 C CA  . GLU A 1 140 ? 5.5797976   26.3677488  -2.7209404  1   67.25  ? 116 GLU A CA  1 
ATOM   744 C C   . GLU A 1 140 ? 4.8419386   26.7019533  -4.0244834  1   68.77  ? 116 GLU A C   1 
ATOM   745 O O   . GLU A 1 140 ? 3.6215661   26.4305110  -4.0857053  1   76.72  ? 116 GLU A O   1 
ATOM   746 C CB  . GLU A 1 140 ? 5.6552855   27.5555057  -1.7580467  1   83.73  ? 116 GLU A CB  1 
ATOM   747 C CG  . GLU A 1 140 ? 5.6707961   27.1248003  -0.2961704  1   102.88 ? 116 GLU A CG  1 
ATOM   748 C CD  . GLU A 1 140 ? 4.3602126   26.5208760  0.1924883   1   118.42 ? 116 GLU A CD  1 
ATOM   749 O OE1 . GLU A 1 140 ? 4.2917021   25.2804760  0.3463779   1   120.07 ? 116 GLU A OE1 1 
ATOM   750 O OE2 . GLU A 1 140 ? 3.4009879   27.2890955  0.3974827   1   131.3  ? 116 GLU A OE2 1 
ATOM   751 N N   . ALA A 1 141 ? 5.5540177   27.2001418  -5.0378977  1   60.06  ? 117 ALA A N   1 
ATOM   752 C CA  . ALA A 1 141 ? 4.9942564   27.5679946  -6.3556532  1   57.3   ? 117 ALA A CA  1 
ATOM   753 C C   . ALA A 1 141 ? 4.3946730   26.3416829  -7.0506506  1   56.05  ? 117 ALA A C   1 
ATOM   754 O O   . ALA A 1 141 ? 3.4224379   26.5274780  -7.8439079  1   60.99  ? 117 ALA A O   1 
ATOM   755 C CB  . ALA A 1 141 ? 6.0576819   28.1928380  -7.2292812  1   58.9   ? 117 ALA A CB  1 
ATOM   756 N N   . ASN A 1 142 ? 4.9500586   25.1554989  -6.8206477  1   48.27  ? 118 ASN A N   1 
ATOM   757 C CA  . ASN A 1 142 ? 4.4985562   23.9201897  -7.5124697  1   50.18  ? 118 ASN A CA  1 
ATOM   758 C C   . ASN A 1 142 ? 3.6963344   23.0462797  -6.5520059  1   48.45  ? 118 ASN A C   1 
ATOM   759 O O   . ASN A 1 142 ? 3.4162767   21.8817464  -6.9083917  1   51.87  ? 118 ASN A O   1 
ATOM   760 C CB  . ASN A 1 142 ? 5.6846157   23.1526771  -8.0848474  1   53.68  ? 118 ASN A CB  1 
ATOM   761 C CG  . ASN A 1 142 ? 6.3599090   23.8839474  -9.2215812  1   54.08  ? 118 ASN A CG  1 
ATOM   762 O OD1 . ASN A 1 142 ? 5.7291456   24.6689720  -9.9282006  1   52.28  ? 118 ASN A OD1 1 
ATOM   763 N ND2 . ASN A 1 142 ? 7.6399699   23.6103875  -9.4035955  1   55.91  ? 118 ASN A ND2 1 
ATOM   764 N N   . ALA A 1 143 ? 3.3337936   23.5857736  -5.3897686  1   44.2   ? 119 ALA A N   1 
ATOM   765 C CA  . ALA A 1 143 ? 2.6587449   22.8223591  -4.3246636  1   43.8   ? 119 ALA A CA  1 
ATOM   766 C C   . ALA A 1 143 ? 1.2571516   22.4009958  -4.8030255  1   47.73  ? 119 ALA A C   1 
ATOM   767 O O   . ALA A 1 143 ? 0.7932980   21.3143748  -4.3671519  1   51.88  ? 119 ALA A O   1 
ATOM   768 C CB  . ALA A 1 143 ? 2.6095825   23.6581746  -3.0932135  1   41.92  ? 119 ALA A CB  1 
ATOM   769 N N   . TRP A 1 144 ? 0.6176854   23.2048527  -5.6670602  1   44.47  ? 120 TRP A N   1 
ATOM   770 C CA  . TRP A 1 144 ? -0.7241660  22.9259391  -6.2420915  1   42.33  ? 120 TRP A CA  1 
ATOM   771 C C   . TRP A 1 144 ? -0.6863619  21.6279000  -7.0700862  1   43.16  ? 120 TRP A C   1 
ATOM   772 O O   . TRP A 1 144 ? -1.6841358  20.8940714  -7.0245145  1   51.47  ? 120 TRP A O   1 
ATOM   773 C CB  . TRP A 1 144 ? -1.2562111  24.1267474  -7.0571434  1   45.65  ? 120 TRP A CB  1 
ATOM   774 C CG  . TRP A 1 144 ? -0.5279056  24.3512279  -8.3431281  1   48.91  ? 120 TRP A CG  1 
ATOM   775 C CD1 . TRP A 1 144 ? 0.5953701   25.0953722  -8.5375350  1   48.61  ? 120 TRP A CD1 1 
ATOM   776 C CD2 . TRP A 1 144 ? -0.8354958  23.7424227  -9.6092898  1   56.37  ? 120 TRP A CD2 1 
ATOM   777 N NE1 . TRP A 1 144 ? 1.0191511   24.9841948  -9.8322737  1   52.63  ? 120 TRP A NE1 1 
ATOM   778 C CE2 . TRP A 1 144 ? 0.1483263   24.1876564  -10.5223720 1   50.66  ? 120 TRP A CE2 1 
ATOM   779 C CE3 . TRP A 1 144 ? -1.8422990  22.8588251  -10.0498073 1   54.89  ? 120 TRP A CE3 1 
ATOM   780 C CZ2 . TRP A 1 144 ? 0.1567051   23.7609978  -11.8521905 1   58.23  ? 120 TRP A CZ2 1 
ATOM   781 C CZ3 . TRP A 1 144 ? -1.8369487  22.4529898  -11.3683466 1   58.16  ? 120 TRP A CZ3 1 
ATOM   782 C CH2 . TRP A 1 144 ? -0.8384533  22.8860403  -12.2469286 1   57.97  ? 120 TRP A CH2 1 
ATOM   783 N N   . LYS A 1 145 ? 0.4203539   21.3017034  -7.7394524  1   43.78  ? 121 LYS A N   1 
ATOM   784 C CA  . LYS A 1 145 ? 0.5336780   20.0933999  -8.5919066  1   43.97  ? 121 LYS A CA  1 
ATOM   785 C C   . LYS A 1 145 ? 1.3773098   19.0053670  -7.8912897  1   37.13  ? 121 LYS A C   1 
ATOM   786 O O   . LYS A 1 145 ? 1.9017506   18.1158315  -8.5665802  1   36.68  ? 121 LYS A O   1 
ATOM   787 C CB  . LYS A 1 145 ? 1.0994903   20.4714816  -9.9572049  1   54.35  ? 121 LYS A CB  1 
ATOM   788 C CG  . LYS A 1 145 ? 2.4693525   21.1434140  -9.9394972  1   64.54  ? 121 LYS A CG  1 
ATOM   789 C CD  . LYS A 1 145 ? 3.0149685   21.3908378  -11.3337370 1   75.66  ? 121 LYS A CD  1 
ATOM   790 C CE  . LYS A 1 145 ? 4.2936464   22.2088763  -11.3361158 1   79.74  ? 121 LYS A CE  1 
ATOM   791 N NZ  . LYS A 1 145 ? 4.8735871   22.2763806  -12.6987515 1   86.58  ? 121 LYS A NZ  1 
ATOM   792 N N   . SER A 1 146 ? 1.4200307   18.9922066  -6.5719120  1   35.29  ? 122 SER A N   1 
ATOM   793 C CA  . SER A 1 146 ? 2.2615869   18.0520919  -5.7915399  1   36.9   ? 122 SER A CA  1 
ATOM   794 C C   . SER A 1 146 ? 1.6278433   16.6694226  -5.6552290  1   34.48  ? 122 SER A C   1 
ATOM   795 O O   . SER A 1 146 ? 2.4082362   15.7307946  -5.2910405  1   34.77  ? 122 SER A O   1 
ATOM   796 C CB  . SER A 1 146 ? 2.5445260   18.6017503  -4.4481579  1   36.53  ? 122 SER A CB  1 
ATOM   797 O OG  . SER A 1 146 ? 1.3676153   18.5719779  -3.6346434  1   39.49  ? 122 SER A OG  1 
ATOM   798 N N   . THR A 1 147 ? 0.3051954   16.5219755  -5.8167003  1   33.11  ? 123 THR A N   1 
ATOM   799 C CA  . THR A 1 147 ? -0.3899765  15.2968719  -5.2983624  1   32.99  ? 123 THR A CA  1 
ATOM   800 C C   . THR A 1 147 ? -1.1673986  14.5873099  -6.3823097  1   27.33  ? 123 THR A C   1 
ATOM   801 O O   . THR A 1 147 ? -2.0683304  15.1653417  -6.9121354  1   28.82  ? 123 THR A O   1 
ATOM   802 C CB  . THR A 1 147 ? -1.2953263  15.5872379  -4.0919917  1   35.34  ? 123 THR A CB  1 
ATOM   803 O OG1 . THR A 1 147 ? -0.4560476  16.2405489  -3.1361873  1   38.19  ? 123 THR A OG1 1 
ATOM   804 C CG2 . THR A 1 147 ? -1.8844635  14.3322620  -3.4443740  1   37.19  ? 123 THR A CG2 1 
ATOM   805 N N   . LEU A 1 148 ? -0.8024219  13.3647102  -6.6828757  1   27.22  ? 124 LEU A N   1 
ATOM   806 C CA  . LEU A 1 148 ? -1.5638355  12.4969792  -7.6161834  1   26.29  ? 124 LEU A CA  1 
ATOM   807 C C   . LEU A 1 148 ? -2.5195737  11.6360977  -6.7945791  1   24.8   ? 124 LEU A C   1 
ATOM   808 O O   . LEU A 1 148 ? -2.2125584  11.3165422  -5.6436043  1   23.86  ? 124 LEU A O   1 
ATOM   809 C CB  . LEU A 1 148 ? -0.6042672  11.5764626  -8.3893631  1   27.97  ? 124 LEU A CB  1 
ATOM   810 C CG  . LEU A 1 148 ? 0.3367692   12.2598790  -9.3724264  1   30.08  ? 124 LEU A CG  1 
ATOM   811 C CD1 . LEU A 1 148 ? 1.3939248   11.2658973  -9.8422735  1   31.74  ? 124 LEU A CD1 1 
ATOM   812 C CD2 . LEU A 1 148 ? -0.4601905  12.8028661  -10.5471052 1   31.54  ? 124 LEU A CD2 1 
ATOM   813 N N   . VAL A 1 149 ? -3.6265904  11.2462753  -7.4043934  1   25     ? 125 VAL A N   1 
ATOM   814 C CA  . VAL A 1 149 ? -4.6269459  10.3540338  -6.7639295  1   25.8   ? 125 VAL A CA  1 
ATOM   815 C C   . VAL A 1 149 ? -4.9110083  9.2628677   -7.7535982  1   25.08  ? 125 VAL A C   1 
ATOM   816 O O   . VAL A 1 149 ? -4.8702704  9.5479597   -8.9844726  1   24.8   ? 125 VAL A O   1 
ATOM   817 C CB  . VAL A 1 149 ? -5.9411849  11.0631889  -6.3487442  1   26.3   ? 125 VAL A CB  1 
ATOM   818 C CG1 . VAL A 1 149 ? -6.6493038  11.6956748  -7.5556606  1   25.95  ? 125 VAL A CG1 1 
ATOM   819 C CG2 . VAL A 1 149 ? -6.9313642  10.1348021  -5.6330542  1   25.14  ? 125 VAL A CG2 1 
ATOM   820 N N   . GLY A 1 150 ? -5.1537295  8.0751181   -7.2277776  1   25.26  ? 126 GLY A N   1 
ATOM   821 C CA  . GLY A 1 150 ? -5.6500784  6.9849755   -8.0483919  1   25.42  ? 126 GLY A CA  1 
ATOM   822 C C   . GLY A 1 150 ? -6.2079750  5.8729632   -7.2130260  1   26.67  ? 126 GLY A C   1 
ATOM   823 O O   . GLY A 1 150 ? -6.5329895  6.1192354   -6.0741513  1   28.34  ? 126 GLY A O   1 
ATOM   824 N N   . HIS A 1 151 ? -6.2837742  4.6997204   -7.7807801  1   28.67  ? 127 HIS A N   1 
ATOM   825 C CA  . HIS A 1 151 ? -6.8764783  3.5143241   -7.1390742  1   30.86  ? 127 HIS A CA  1 
ATOM   826 C C   . HIS A 1 151 ? -6.0958916  2.2739364   -7.5577287  1   30.39  ? 127 HIS A C   1 
ATOM   827 O O   . HIS A 1 151 ? -5.5579863  2.2397585   -8.6159029  1   29.09  ? 127 HIS A O   1 
ATOM   828 C CB  . HIS A 1 151 ? -8.3553035  3.4307211   -7.4638935  1   32.77  ? 127 HIS A CB  1 
ATOM   829 C CG  . HIS A 1 151 ? -8.6216009  3.4211727   -8.9136202  1   36.02  ? 127 HIS A CG  1 
ATOM   830 N ND1 . HIS A 1 151 ? -8.6992482  4.5963618   -9.6282562  1   40.45  ? 127 HIS A ND1 1 
ATOM   831 C CD2 . HIS A 1 151 ? -8.9720360  2.4132219   -9.7536163  1   40.27  ? 127 HIS A CD2 1 
ATOM   832 C CE1 . HIS A 1 151 ? -9.0143804  4.2978338   -10.8712634 1   44.13  ? 127 HIS A CE1 1 
ATOM   833 N NE2 . HIS A 1 151 ? -9.2044110  2.9669907   -10.9733950 1   39.21  ? 127 HIS A NE2 1 
ATOM   834 N N   . ASP A 1 152 ? -6.0343457  1.3117649   -6.6636011  1   35.06  ? 128 ASP A N   1 
ATOM   835 C CA  . ASP A 1 152 ? -5.3549707  0.0136620   -6.8377947  1   36.09  ? 128 ASP A CA  1 
ATOM   836 C C   . ASP A 1 152 ? -6.2906921  -1.0488979  -6.2447339  1   35.88  ? 128 ASP A C   1 
ATOM   837 O O   . ASP A 1 152 ? -6.8540975  -0.8079289  -5.1753265  1   37.95  ? 128 ASP A O   1 
ATOM   838 C CB  . ASP A 1 152 ? -4.0215731  0.0418172   -6.1104453  1   40.53  ? 128 ASP A CB  1 
ATOM   839 C CG  . ASP A 1 152 ? -2.8320279  0.4579231   -6.9529048  1   51.35  ? 128 ASP A CG  1 
ATOM   840 O OD1 . ASP A 1 152 ? -2.8785447  0.1810013   -8.1777740  1   57.84  ? 128 ASP A OD1 1 
ATOM   841 O OD2 . ASP A 1 152 ? -1.8246628  1.0120724   -6.3685906  1   52.8   ? 128 ASP A OD2 1 
ATOM   842 N N   . THR A 1 153 ? -6.4767525  -2.1501618  -6.9541444  1   33.89  ? 129 THR A N   1 
ATOM   843 C CA  . THR A 1 153 ? -6.9955419  -3.4219428  -6.4376556  1   37.81  ? 129 THR A CA  1 
ATOM   844 C C   . THR A 1 153 ? -5.8359109  -4.4129502  -6.3336631  1   34.71  ? 129 THR A C   1 
ATOM   845 O O   . THR A 1 153 ? -5.1257153  -4.5555342  -7.2760351  1   38.7   ? 129 THR A O   1 
ATOM   846 C CB  . THR A 1 153 ? -8.0842557  -3.9878784  -7.3450387  1   42.34  ? 129 THR A CB  1 
ATOM   847 O OG1 . THR A 1 153 ? -9.0210590  -2.9556793  -7.6225306  1   45.47  ? 129 THR A OG1 1 
ATOM   848 C CG2 . THR A 1 153 ? -8.8292238  -5.1189990  -6.6785368  1   50.1   ? 129 THR A CG2 1 
ATOM   849 N N   . PHE A 1 154 ? -5.6948380  -5.0848327  -5.2154868  1   33.73  ? 130 PHE A N   1 
ATOM   850 C CA  . PHE A 1 154 ? -4.6465045  -6.0880017  -4.9510045  1   35.54  ? 130 PHE A CA  1 
ATOM   851 C C   . PHE A 1 154 ? -5.3522423  -7.4526268  -4.8048320  1   37.52  ? 130 PHE A C   1 
ATOM   852 O O   . PHE A 1 154 ? -6.4368742  -7.5060890  -4.2129872  1   37.27  ? 130 PHE A O   1 
ATOM   853 C CB  . PHE A 1 154 ? -3.8968438  -5.6873286  -3.6829106  1   34.09  ? 130 PHE A CB  1 
ATOM   854 C CG  . PHE A 1 154 ? -3.1286859  -4.3844996  -3.7586135  1   35.49  ? 130 PHE A CG  1 
ATOM   855 C CD1 . PHE A 1 154 ? -3.7026388  -3.1650063  -3.4292500  1   34.8   ? 130 PHE A CD1 1 
ATOM   856 C CD2 . PHE A 1 154 ? -1.8040396  -4.3915959  -4.1638390  1   37.02  ? 130 PHE A CD2 1 
ATOM   857 C CE1 . PHE A 1 154 ? -2.9668686  -1.9824186  -3.5093206  1   34.92  ? 130 PHE A CE1 1 
ATOM   858 C CE2 . PHE A 1 154 ? -1.0611945  -3.2159330  -4.1957122  1   37.65  ? 130 PHE A CE2 1 
ATOM   859 C CZ  . PHE A 1 154 ? -1.6518993  -2.0097323  -3.9000337  1   34.94  ? 130 PHE A CZ  1 
ATOM   860 N N   . THR A 1 155 ? -4.7315816  -8.5205624  -5.2812352  1   38.24  ? 131 THR A N   1 
ATOM   861 C CA  . THR A 1 155 ? -5.1348675  -9.9277792  -5.0754070  1   40.95  ? 131 THR A CA  1 
ATOM   862 C C   . THR A 1 155 ? -3.9241562  -10.7248953 -4.6515989  1   43.74  ? 131 THR A C   1 
ATOM   863 O O   . THR A 1 155 ? -2.7923964  -10.2539990 -4.9325713  1   41.88  ? 131 THR A O   1 
ATOM   864 C CB  . THR A 1 155 ? -5.7416084  -10.5519359 -6.3304240  1   42.68  ? 131 THR A CB  1 
ATOM   865 O OG1 . THR A 1 155 ? -4.8128555  -10.4438831 -7.4022559  1   47.3   ? 131 THR A OG1 1 
ATOM   866 C CG2 . THR A 1 155 ? -7.0122975  -9.8388130  -6.7155434  1   47.84  ? 131 THR A CG2 1 
ATOM   867 N N   . LYS A 1 156 ? -4.1509866  -11.9150793 -4.0779186  1   53.28  ? 132 LYS A N   1 
ATOM   868 C CA  . LYS A 1 156 ? -3.0316865  -12.8503858 -3.7590173  1   60.14  ? 132 LYS A CA  1 
ATOM   869 C C   . LYS A 1 156 ? -2.6122530  -13.6718594 -5.0002459  1   64.89  ? 132 LYS A C   1 
ATOM   870 O O   . LYS A 1 156 ? -1.6849855  -14.4766668 -4.8795856  1   76.75  ? 132 LYS A O   1 
ATOM   871 C CB  . LYS A 1 156 ? -3.3947684  -13.6243216 -2.4983413  1   57.1   ? 132 LYS A CB  1 
ATOM   872 C CG  . LYS A 1 156 ? -3.2556855  -12.8137097 -1.2065215  1   56.12  ? 132 LYS A CG  1 
ATOM   873 C CD  . LYS A 1 156 ? -3.5025340  -13.6633183 0.0183152   1   56.29  ? 132 LYS A CD  1 
ATOM   874 C CE  . LYS A 1 156 ? -3.1245654  -12.9811085 1.3143208   1   62.57  ? 132 LYS A CE  1 
ATOM   875 N NZ  . LYS A 1 156 ? -3.5954665  -13.7126208 2.5156904   1   64.35  ? 132 LYS A NZ  1 
ATOM   876 N N   . VAL A 1 157 ? -3.1933550  -13.4021027 -6.1688716  1   69.76  ? 133 VAL A N   1 
ATOM   877 C CA  . VAL A 1 157 ? -2.9755166  -14.1354967 -7.4507622  1   79.89  ? 133 VAL A CA  1 
ATOM   878 C C   . VAL A 1 157 ? -2.1929800  -13.2215817 -8.4109293  1   80.75  ? 133 VAL A C   1 
ATOM   879 O O   . VAL A 1 157 ? -2.7117381  -12.1332152 -8.7278354  1   80.82  ? 133 VAL A O   1 
ATOM   880 C CB  . VAL A 1 157 ? -4.3338376  -14.5583128 -8.0506493  1   81.9   ? 133 VAL A CB  1 
ATOM   881 C CG1 . VAL A 1 157 ? -4.1715721  -15.4943565 -9.2346126  1   86.33  ? 133 VAL A CG1 1 
ATOM   882 C CG2 . VAL A 1 157 ? -5.2777070  -15.1635980 -7.0116890  1   84.42  ? 133 VAL A CG2 1 
ATOM   883 N N   . LYS A 1 158 ? -0.9992371  -13.6396702 -8.8535001  1   89.91  ? 134 LYS A N   1 
ATOM   884 C CA  . LYS A 1 158 ? -0.2214480  -12.9515144 -9.9280668  1   106.45 ? 134 LYS A CA  1 
ATOM   885 C C   . LYS A 1 158 ? -1.0385873  -12.9068778 -11.2264088 1   108.89 ? 134 LYS A C   1 
ATOM   886 O O   . LYS A 1 158 ? -0.8876379  -11.9595711 -12.0003083 1   107.92 ? 134 LYS A O   1 
ATOM   887 C CB  . LYS A 1 158 ? 1.1204079   -13.6369112 -10.1976814 1   116.92 ? 134 LYS A CB  1 
ATOM   888 C CG  . LYS A 1 158 ? 2.3504842   -12.8110140 -9.8600365  1   129.83 ? 134 LYS A CG  1 
ATOM   889 C CD  . LYS A 1 158 ? 3.6362948   -13.5787601 -10.1056196 1   140.84 ? 134 LYS A CD  1 
ATOM   890 C CE  . LYS A 1 158 ? 4.8384008   -12.9741769 -9.4138000  1   146.96 ? 134 LYS A CE  1 
ATOM   891 N NZ  . LYS A 1 158 ? 5.9975270   -13.8976123 -9.4283097  1   149.47 ? 134 LYS A NZ  1 
HETATM 892 O O   . HOH B 2 .   ? 16.0789368  -2.5212611  -1.5063265  1   59.57  ? 201 HOH A O   1 
HETATM 893 O O   . HOH B 2 .   ? 2.2649638   1.0630842   -7.3249545  1   54.86  ? 202 HOH A O   1 
HETATM 894 O O   . HOH B 2 .   ? 1.2600191   4.6394432   7.1241282   0.5 30.78  ? 203 HOH A O   1 
HETATM 895 O O   . HOH B 2 .   ? -6.1921920  -1.5859469  15.0082890  1   37.43  ? 204 HOH A O   1 
HETATM 896 O O   . HOH B 2 .   ? 9.4067806   3.7068568   2.6634706   1   26.23  ? 205 HOH A O   1 
HETATM 897 O O   . HOH B 2 .   ? 4.4106584   -13.4022425 1.6433849   1   63.66  ? 206 HOH A O   1 
HETATM 898 O O   . HOH B 2 .   ? -4.1274544  -11.3967159 -10.7848919 1   64.37  ? 207 HOH A O   1 
HETATM 899 O O   . HOH B 2 .   ? 3.0638678   13.7923780  -6.9064335  1   39.07  ? 208 HOH A O   1 
HETATM 900 O O   . HOH B 2 .   ? -12.8224154 -1.7358527  9.7164889   1   38.09  ? 209 HOH A O   1 
HETATM 901 O O   . HOH B 2 .   ? 12.3430655  5.5166690   2.7024959   1   45.74  ? 210 HOH A O   1 
HETATM 902 O O   . HOH B 2 .   ? 12.2855402  5.7245231   -5.6212391  1   43.82  ? 211 HOH A O   1 
HETATM 903 O O   . HOH B 2 .   ? 3.6905703   -11.7086148 4.6877107   1   49.9   ? 212 HOH A O   1 
HETATM 904 O O   . HOH B 2 .   ? 8.7930625   22.3045001  -7.0478284  1   60.97  ? 213 HOH A O   1 
HETATM 905 O O   . HOH B 2 .   ? -0.9476688  16.1269643  -0.5129025  1   42.23  ? 214 HOH A O   1 
HETATM 906 O O   . HOH B 2 .   ? -1.9233880  18.2497628  -6.6738076  1   36.21  ? 215 HOH A O   1 
HETATM 907 O O   . HOH B 2 .   ? 12.7170165  1.9946268   1.7279553   1   41.44  ? 216 HOH A O   1 
HETATM 908 O O   . HOH B 2 .   ? -13.6412619 -7.4743892  7.3149206   1   70.55  ? 217 HOH A O   1 
HETATM 909 O O   . HOH B 2 .   ? 1.8757554   0.8719648   14.1317720  1   51.32  ? 218 HOH A O   1 
HETATM 910 O O   . HOH B 2 .   ? -1.4878549  2.2516266   -9.2750755  1   43.17  ? 219 HOH A O   1 
HETATM 911 O O   . HOH B 2 .   ? -12.8270054 -10.6693121 -2.4529690  1   60.55  ? 220 HOH A O   1 
HETATM 912 O O   . HOH B 2 .   ? 12.3989063  1.7975748   -8.3327669  1   60.36  ? 221 HOH A O   1 
HETATM 913 O O   . HOH B 2 .   ? -14.1995710 -9.4824056  13.4506561  1   67.51  ? 222 HOH A O   1 
HETATM 914 O O   . HOH B 2 .   ? -17.4268173 -8.7525042  8.2782185   1   79.2   ? 223 HOH A O   1 
HETATM 915 O O   . HOH B 2 .   ? -9.8943413  -10.7918230 -5.8671044  1   63.28  ? 224 HOH A O   1 
HETATM 916 O O   . HOH B 2 .   ? 7.7639479   -1.5298846  8.2342037   1   48.25  ? 225 HOH A O   1 
HETATM 917 O O   . HOH B 2 .   ? 11.0815280  9.6660173   -0.8923446  1   35.42  ? 226 HOH A O   1 
HETATM 918 O O   . HOH B 2 .   ? -14.6616292 -3.2351810  -0.8414280  1   54.17  ? 227 HOH A O   1 
HETATM 919 O O   . HOH B 2 .   ? 3.2579869   -0.1373260  11.9416904  1   46.35  ? 228 HOH A O   1 
HETATM 920 O O   . HOH B 2 .   ? -4.6328020  -1.9015945  -9.5678811  1   57.58  ? 229 HOH A O   1 
HETATM 921 O O   . HOH B 2 .   ? -3.5146944  -11.2753895 9.0826392   1   55.85  ? 230 HOH A O   1 
# 
